data_4MGS
# 
_entry.id   4MGS 
# 
_audit_conform.dict_name       mmcif_pdbx.dic 
_audit_conform.dict_version    5.387 
_audit_conform.dict_location   http://mmcif.pdb.org/dictionaries/ascii/mmcif_pdbx.dic 
# 
loop_
_database_2.database_id 
_database_2.database_code 
_database_2.pdbx_database_accession 
_database_2.pdbx_DOI 
PDB   4MGS         pdb_00004mgs 10.2210/pdb4mgs/pdb 
RCSB  RCSB081891   ?            ?                   
WWPDB D_1000081891 ?            ?                   
# 
loop_
_pdbx_audit_revision_history.ordinal 
_pdbx_audit_revision_history.data_content_type 
_pdbx_audit_revision_history.major_revision 
_pdbx_audit_revision_history.minor_revision 
_pdbx_audit_revision_history.revision_date 
1 'Structure model' 1 0 2014-08-20 
2 'Structure model' 1 1 2014-09-03 
3 'Structure model' 1 2 2014-09-24 
4 'Structure model' 1 3 2024-02-28 
# 
_pdbx_audit_revision_details.ordinal             1 
_pdbx_audit_revision_details.revision_ordinal    1 
_pdbx_audit_revision_details.data_content_type   'Structure model' 
_pdbx_audit_revision_details.provider            repository 
_pdbx_audit_revision_details.type                'Initial release' 
_pdbx_audit_revision_details.description         ? 
_pdbx_audit_revision_details.details             ? 
# 
loop_
_pdbx_audit_revision_group.ordinal 
_pdbx_audit_revision_group.revision_ordinal 
_pdbx_audit_revision_group.data_content_type 
_pdbx_audit_revision_group.group 
1 2 'Structure model' 'Database references' 
2 3 'Structure model' 'Database references' 
3 4 'Structure model' 'Data collection'     
4 4 'Structure model' 'Database references' 
# 
loop_
_pdbx_audit_revision_category.ordinal 
_pdbx_audit_revision_category.revision_ordinal 
_pdbx_audit_revision_category.data_content_type 
_pdbx_audit_revision_category.category 
1 4 'Structure model' chem_comp_atom 
2 4 'Structure model' chem_comp_bond 
3 4 'Structure model' database_2     
# 
loop_
_pdbx_audit_revision_item.ordinal 
_pdbx_audit_revision_item.revision_ordinal 
_pdbx_audit_revision_item.data_content_type 
_pdbx_audit_revision_item.item 
1 4 'Structure model' '_database_2.pdbx_DOI'                
2 4 'Structure model' '_database_2.pdbx_database_accession' 
# 
_pdbx_database_status.status_code                     REL 
_pdbx_database_status.entry_id                        4MGS 
_pdbx_database_status.recvd_initial_deposition_date   2013-08-28 
_pdbx_database_status.deposit_site                    RCSB 
_pdbx_database_status.process_site                    RCSB 
_pdbx_database_status.status_code_sf                  REL 
_pdbx_database_status.status_code_mr                  ? 
_pdbx_database_status.SG_entry                        ? 
_pdbx_database_status.status_code_cs                  ? 
_pdbx_database_status.methods_development_category    ? 
_pdbx_database_status.pdb_format_compatible           Y 
_pdbx_database_status.status_code_nmr_data            ? 
# 
_pdbx_database_related.db_name        PDB 
_pdbx_database_related.db_id          4MGQ 
_pdbx_database_related.details        . 
_pdbx_database_related.content_type   unspecified 
# 
loop_
_audit_author.name 
_audit_author.pdbx_ordinal 
'Chekan, J.R.' 1 
'Nair, S.K.'   2 
# 
_citation.id                        primary 
_citation.title                     
;Xylan utilization in human gut commensal bacteria is orchestrated by unique modular organization of polysaccharide-degrading enzymes.
;
_citation.journal_abbrev            Proc.Natl.Acad.Sci.USA 
_citation.journal_volume            111 
_citation.page_first                E3708 
_citation.page_last                 E3717 
_citation.year                      2014 
_citation.journal_id_ASTM           PNASA6 
_citation.country                   US 
_citation.journal_id_ISSN           0027-8424 
_citation.journal_id_CSD            0040 
_citation.book_publisher            ? 
_citation.pdbx_database_id_PubMed   25136124 
_citation.pdbx_database_id_DOI      10.1073/pnas.1406156111 
# 
loop_
_citation_author.citation_id 
_citation_author.name 
_citation_author.ordinal 
_citation_author.identifier_ORCID 
primary 'Zhang, M.'     1 ? 
primary 'Chekan, J.R.'  2 ? 
primary 'Dodd, D.'      3 ? 
primary 'Hong, P.Y.'    4 ? 
primary 'Radlinski, L.' 5 ? 
primary 'Revindran, V.' 6 ? 
primary 'Nair, S.K.'    7 ? 
primary 'Mackie, R.I.'  8 ? 
primary 'Cann, I.'      9 ? 
# 
loop_
_entity.id 
_entity.type 
_entity.src_method 
_entity.pdbx_description 
_entity.formula_weight 
_entity.pdbx_number_of_molecules 
_entity.pdbx_ec 
_entity.pdbx_mutation 
_entity.pdbx_fragment 
_entity.details 
1 polymer man 'Putative glycosyl hydrolase family 10' 16752.572 1   ? ? 'UNP residues 153-302' ? 
2 water   nat water                                   18.015    190 ? ? ?                      ? 
# 
_entity_poly.entity_id                      1 
_entity_poly.type                           'polypeptide(L)' 
_entity_poly.nstd_linkage                   no 
_entity_poly.nstd_monomer                   no 
_entity_poly.pdbx_seq_one_letter_code       
;VDPDAKVDKVDYEIDYSTAGYSFWNEVNEEVKETTTIGKNDTEGCLEIKTSVAASQNHFIQYHTADNLPIEIGKEYKLKM
MVRGSAEGKLNFGVGPWSGRAEGSFSFNTEWKEYEFSFKAVADGGHVMTQSGLFVGTIQIKYVKITHSEA
;
_entity_poly.pdbx_seq_one_letter_code_can   
;VDPDAKVDKVDYEIDYSTAGYSFWNEVNEEVKETTTIGKNDTEGCLEIKTSVAASQNHFIQYHTADNLPIEIGKEYKLKM
MVRGSAEGKLNFGVGPWSGRAEGSFSFNTEWKEYEFSFKAVADGGHVMTQSGLFVGTIQIKYVKITHSEA
;
_entity_poly.pdbx_strand_id                 A 
_entity_poly.pdbx_target_identifier         ? 
# 
_pdbx_entity_nonpoly.entity_id   2 
_pdbx_entity_nonpoly.name        water 
_pdbx_entity_nonpoly.comp_id     HOH 
# 
loop_
_entity_poly_seq.entity_id 
_entity_poly_seq.num 
_entity_poly_seq.mon_id 
_entity_poly_seq.hetero 
1 1   VAL n 
1 2   ASP n 
1 3   PRO n 
1 4   ASP n 
1 5   ALA n 
1 6   LYS n 
1 7   VAL n 
1 8   ASP n 
1 9   LYS n 
1 10  VAL n 
1 11  ASP n 
1 12  TYR n 
1 13  GLU n 
1 14  ILE n 
1 15  ASP n 
1 16  TYR n 
1 17  SER n 
1 18  THR n 
1 19  ALA n 
1 20  GLY n 
1 21  TYR n 
1 22  SER n 
1 23  PHE n 
1 24  TRP n 
1 25  ASN n 
1 26  GLU n 
1 27  VAL n 
1 28  ASN n 
1 29  GLU n 
1 30  GLU n 
1 31  VAL n 
1 32  LYS n 
1 33  GLU n 
1 34  THR n 
1 35  THR n 
1 36  THR n 
1 37  ILE n 
1 38  GLY n 
1 39  LYS n 
1 40  ASN n 
1 41  ASP n 
1 42  THR n 
1 43  GLU n 
1 44  GLY n 
1 45  CYS n 
1 46  LEU n 
1 47  GLU n 
1 48  ILE n 
1 49  LYS n 
1 50  THR n 
1 51  SER n 
1 52  VAL n 
1 53  ALA n 
1 54  ALA n 
1 55  SER n 
1 56  GLN n 
1 57  ASN n 
1 58  HIS n 
1 59  PHE n 
1 60  ILE n 
1 61  GLN n 
1 62  TYR n 
1 63  HIS n 
1 64  THR n 
1 65  ALA n 
1 66  ASP n 
1 67  ASN n 
1 68  LEU n 
1 69  PRO n 
1 70  ILE n 
1 71  GLU n 
1 72  ILE n 
1 73  GLY n 
1 74  LYS n 
1 75  GLU n 
1 76  TYR n 
1 77  LYS n 
1 78  LEU n 
1 79  LYS n 
1 80  MET n 
1 81  MET n 
1 82  VAL n 
1 83  ARG n 
1 84  GLY n 
1 85  SER n 
1 86  ALA n 
1 87  GLU n 
1 88  GLY n 
1 89  LYS n 
1 90  LEU n 
1 91  ASN n 
1 92  PHE n 
1 93  GLY n 
1 94  VAL n 
1 95  GLY n 
1 96  PRO n 
1 97  TRP n 
1 98  SER n 
1 99  GLY n 
1 100 ARG n 
1 101 ALA n 
1 102 GLU n 
1 103 GLY n 
1 104 SER n 
1 105 PHE n 
1 106 SER n 
1 107 PHE n 
1 108 ASN n 
1 109 THR n 
1 110 GLU n 
1 111 TRP n 
1 112 LYS n 
1 113 GLU n 
1 114 TYR n 
1 115 GLU n 
1 116 PHE n 
1 117 SER n 
1 118 PHE n 
1 119 LYS n 
1 120 ALA n 
1 121 VAL n 
1 122 ALA n 
1 123 ASP n 
1 124 GLY n 
1 125 GLY n 
1 126 HIS n 
1 127 VAL n 
1 128 MET n 
1 129 THR n 
1 130 GLN n 
1 131 SER n 
1 132 GLY n 
1 133 LEU n 
1 134 PHE n 
1 135 VAL n 
1 136 GLY n 
1 137 THR n 
1 138 ILE n 
1 139 GLN n 
1 140 ILE n 
1 141 LYS n 
1 142 TYR n 
1 143 VAL n 
1 144 LYS n 
1 145 ILE n 
1 146 THR n 
1 147 HIS n 
1 148 SER n 
1 149 GLU n 
1 150 ALA n 
# 
_entity_src_gen.entity_id                          1 
_entity_src_gen.pdbx_src_id                        1 
_entity_src_gen.pdbx_alt_source_flag               sample 
_entity_src_gen.pdbx_seq_type                      ? 
_entity_src_gen.pdbx_beg_seq_num                   ? 
_entity_src_gen.pdbx_end_seq_num                   ? 
_entity_src_gen.gene_src_common_name               ? 
_entity_src_gen.gene_src_genus                     ? 
_entity_src_gen.pdbx_gene_src_gene                 BACINT_04215 
_entity_src_gen.gene_src_species                   ? 
_entity_src_gen.gene_src_strain                    'DSM 17393' 
_entity_src_gen.gene_src_tissue                    ? 
_entity_src_gen.gene_src_tissue_fraction           ? 
_entity_src_gen.gene_src_details                   ? 
_entity_src_gen.pdbx_gene_src_fragment             ? 
_entity_src_gen.pdbx_gene_src_scientific_name      'Bacteroides intestinalis' 
_entity_src_gen.pdbx_gene_src_ncbi_taxonomy_id     471870 
_entity_src_gen.pdbx_gene_src_variant              ? 
_entity_src_gen.pdbx_gene_src_cell_line            ? 
_entity_src_gen.pdbx_gene_src_atcc                 ? 
_entity_src_gen.pdbx_gene_src_organ                ? 
_entity_src_gen.pdbx_gene_src_organelle            ? 
_entity_src_gen.pdbx_gene_src_cell                 ? 
_entity_src_gen.pdbx_gene_src_cellular_location    ? 
_entity_src_gen.host_org_common_name               ? 
_entity_src_gen.pdbx_host_org_scientific_name      'Escherichia coli' 
_entity_src_gen.pdbx_host_org_ncbi_taxonomy_id     562 
_entity_src_gen.host_org_genus                     ? 
_entity_src_gen.pdbx_host_org_gene                 ? 
_entity_src_gen.pdbx_host_org_organ                ? 
_entity_src_gen.host_org_species                   ? 
_entity_src_gen.pdbx_host_org_tissue               ? 
_entity_src_gen.pdbx_host_org_tissue_fraction      ? 
_entity_src_gen.pdbx_host_org_strain               ? 
_entity_src_gen.pdbx_host_org_variant              ? 
_entity_src_gen.pdbx_host_org_cell_line            ? 
_entity_src_gen.pdbx_host_org_atcc                 ? 
_entity_src_gen.pdbx_host_org_culture_collection   ? 
_entity_src_gen.pdbx_host_org_cell                 ? 
_entity_src_gen.pdbx_host_org_organelle            ? 
_entity_src_gen.pdbx_host_org_cellular_location    ? 
_entity_src_gen.pdbx_host_org_vector_type          ? 
_entity_src_gen.pdbx_host_org_vector               ? 
_entity_src_gen.host_org_details                   ? 
_entity_src_gen.expression_system_id               ? 
_entity_src_gen.plasmid_name                       ? 
_entity_src_gen.plasmid_details                    ? 
_entity_src_gen.pdbx_description                   ? 
# 
loop_
_chem_comp.id 
_chem_comp.type 
_chem_comp.mon_nstd_flag 
_chem_comp.name 
_chem_comp.pdbx_synonyms 
_chem_comp.formula 
_chem_comp.formula_weight 
ALA 'L-peptide linking' y ALANINE         ? 'C3 H7 N O2'     89.093  
ARG 'L-peptide linking' y ARGININE        ? 'C6 H15 N4 O2 1' 175.209 
ASN 'L-peptide linking' y ASPARAGINE      ? 'C4 H8 N2 O3'    132.118 
ASP 'L-peptide linking' y 'ASPARTIC ACID' ? 'C4 H7 N O4'     133.103 
CYS 'L-peptide linking' y CYSTEINE        ? 'C3 H7 N O2 S'   121.158 
GLN 'L-peptide linking' y GLUTAMINE       ? 'C5 H10 N2 O3'   146.144 
GLU 'L-peptide linking' y 'GLUTAMIC ACID' ? 'C5 H9 N O4'     147.129 
GLY 'peptide linking'   y GLYCINE         ? 'C2 H5 N O2'     75.067  
HIS 'L-peptide linking' y HISTIDINE       ? 'C6 H10 N3 O2 1' 156.162 
HOH non-polymer         . WATER           ? 'H2 O'           18.015  
ILE 'L-peptide linking' y ISOLEUCINE      ? 'C6 H13 N O2'    131.173 
LEU 'L-peptide linking' y LEUCINE         ? 'C6 H13 N O2'    131.173 
LYS 'L-peptide linking' y LYSINE          ? 'C6 H15 N2 O2 1' 147.195 
MET 'L-peptide linking' y METHIONINE      ? 'C5 H11 N O2 S'  149.211 
PHE 'L-peptide linking' y PHENYLALANINE   ? 'C9 H11 N O2'    165.189 
PRO 'L-peptide linking' y PROLINE         ? 'C5 H9 N O2'     115.130 
SER 'L-peptide linking' y SERINE          ? 'C3 H7 N O3'     105.093 
THR 'L-peptide linking' y THREONINE       ? 'C4 H9 N O3'     119.119 
TRP 'L-peptide linking' y TRYPTOPHAN      ? 'C11 H12 N2 O2'  204.225 
TYR 'L-peptide linking' y TYROSINE        ? 'C9 H11 N O3'    181.189 
VAL 'L-peptide linking' y VALINE          ? 'C5 H11 N O2'    117.146 
# 
loop_
_pdbx_poly_seq_scheme.asym_id 
_pdbx_poly_seq_scheme.entity_id 
_pdbx_poly_seq_scheme.seq_id 
_pdbx_poly_seq_scheme.mon_id 
_pdbx_poly_seq_scheme.ndb_seq_num 
_pdbx_poly_seq_scheme.pdb_seq_num 
_pdbx_poly_seq_scheme.auth_seq_num 
_pdbx_poly_seq_scheme.pdb_mon_id 
_pdbx_poly_seq_scheme.auth_mon_id 
_pdbx_poly_seq_scheme.pdb_strand_id 
_pdbx_poly_seq_scheme.pdb_ins_code 
_pdbx_poly_seq_scheme.hetero 
A 1 1   VAL 1   153 ?   ?   ?   A . n 
A 1 2   ASP 2   154 ?   ?   ?   A . n 
A 1 3   PRO 3   155 ?   ?   ?   A . n 
A 1 4   ASP 4   156 ?   ?   ?   A . n 
A 1 5   ALA 5   157 ?   ?   ?   A . n 
A 1 6   LYS 6   158 ?   ?   ?   A . n 
A 1 7   VAL 7   159 ?   ?   ?   A . n 
A 1 8   ASP 8   160 160 ASP ASP A . n 
A 1 9   LYS 9   161 161 LYS LYS A . n 
A 1 10  VAL 10  162 162 VAL VAL A . n 
A 1 11  ASP 11  163 163 ASP ASP A . n 
A 1 12  TYR 12  164 164 TYR TYR A . n 
A 1 13  GLU 13  165 165 GLU GLU A . n 
A 1 14  ILE 14  166 166 ILE ILE A . n 
A 1 15  ASP 15  167 167 ASP ASP A . n 
A 1 16  TYR 16  168 168 TYR TYR A . n 
A 1 17  SER 17  169 169 SER SER A . n 
A 1 18  THR 18  170 170 THR THR A . n 
A 1 19  ALA 19  171 171 ALA ALA A . n 
A 1 20  GLY 20  172 172 GLY GLY A . n 
A 1 21  TYR 21  173 173 TYR TYR A . n 
A 1 22  SER 22  174 174 SER SER A . n 
A 1 23  PHE 23  175 175 PHE PHE A . n 
A 1 24  TRP 24  176 176 TRP TRP A . n 
A 1 25  ASN 25  177 177 ASN ASN A . n 
A 1 26  GLU 26  178 178 GLU GLU A . n 
A 1 27  VAL 27  179 179 VAL VAL A . n 
A 1 28  ASN 28  180 180 ASN ASN A . n 
A 1 29  GLU 29  181 181 GLU GLU A . n 
A 1 30  GLU 30  182 182 GLU GLU A . n 
A 1 31  VAL 31  183 183 VAL VAL A . n 
A 1 32  LYS 32  184 184 LYS LYS A . n 
A 1 33  GLU 33  185 185 GLU GLU A . n 
A 1 34  THR 34  186 186 THR THR A . n 
A 1 35  THR 35  187 187 THR THR A . n 
A 1 36  THR 36  188 188 THR THR A . n 
A 1 37  ILE 37  189 189 ILE ILE A . n 
A 1 38  GLY 38  190 190 GLY GLY A . n 
A 1 39  LYS 39  191 191 LYS LYS A . n 
A 1 40  ASN 40  192 192 ASN ASN A . n 
A 1 41  ASP 41  193 193 ASP ASP A . n 
A 1 42  THR 42  194 194 THR THR A . n 
A 1 43  GLU 43  195 195 GLU GLU A . n 
A 1 44  GLY 44  196 196 GLY GLY A . n 
A 1 45  CYS 45  197 197 CYS CYS A . n 
A 1 46  LEU 46  198 198 LEU LEU A . n 
A 1 47  GLU 47  199 199 GLU GLU A . n 
A 1 48  ILE 48  200 200 ILE ILE A . n 
A 1 49  LYS 49  201 201 LYS LYS A . n 
A 1 50  THR 50  202 202 THR THR A . n 
A 1 51  SER 51  203 203 SER SER A . n 
A 1 52  VAL 52  204 204 VAL VAL A . n 
A 1 53  ALA 53  205 205 ALA ALA A . n 
A 1 54  ALA 54  206 206 ALA ALA A . n 
A 1 55  SER 55  207 207 SER SER A . n 
A 1 56  GLN 56  208 208 GLN GLN A . n 
A 1 57  ASN 57  209 209 ASN ASN A . n 
A 1 58  HIS 58  210 210 HIS HIS A . n 
A 1 59  PHE 59  211 211 PHE PHE A . n 
A 1 60  ILE 60  212 212 ILE ILE A . n 
A 1 61  GLN 61  213 213 GLN GLN A . n 
A 1 62  TYR 62  214 214 TYR TYR A . n 
A 1 63  HIS 63  215 215 HIS HIS A . n 
A 1 64  THR 64  216 216 THR THR A . n 
A 1 65  ALA 65  217 217 ALA ALA A . n 
A 1 66  ASP 66  218 218 ASP ASP A . n 
A 1 67  ASN 67  219 219 ASN ASN A . n 
A 1 68  LEU 68  220 220 LEU LEU A . n 
A 1 69  PRO 69  221 221 PRO PRO A . n 
A 1 70  ILE 70  222 222 ILE ILE A . n 
A 1 71  GLU 71  223 223 GLU GLU A . n 
A 1 72  ILE 72  224 224 ILE ILE A . n 
A 1 73  GLY 73  225 225 GLY GLY A . n 
A 1 74  LYS 74  226 226 LYS LYS A . n 
A 1 75  GLU 75  227 227 GLU GLU A . n 
A 1 76  TYR 76  228 228 TYR TYR A . n 
A 1 77  LYS 77  229 229 LYS LYS A . n 
A 1 78  LEU 78  230 230 LEU LEU A . n 
A 1 79  LYS 79  231 231 LYS LYS A . n 
A 1 80  MET 80  232 232 MET MET A . n 
A 1 81  MET 81  233 233 MET MET A . n 
A 1 82  VAL 82  234 234 VAL VAL A . n 
A 1 83  ARG 83  235 235 ARG ARG A . n 
A 1 84  GLY 84  236 236 GLY GLY A . n 
A 1 85  SER 85  237 237 SER SER A . n 
A 1 86  ALA 86  238 238 ALA ALA A . n 
A 1 87  GLU 87  239 239 GLU GLU A . n 
A 1 88  GLY 88  240 240 GLY GLY A . n 
A 1 89  LYS 89  241 241 LYS LYS A . n 
A 1 90  LEU 90  242 242 LEU LEU A . n 
A 1 91  ASN 91  243 243 ASN ASN A . n 
A 1 92  PHE 92  244 244 PHE PHE A . n 
A 1 93  GLY 93  245 245 GLY GLY A . n 
A 1 94  VAL 94  246 246 VAL VAL A . n 
A 1 95  GLY 95  247 247 GLY GLY A . n 
A 1 96  PRO 96  248 248 PRO PRO A . n 
A 1 97  TRP 97  249 249 TRP TRP A . n 
A 1 98  SER 98  250 250 SER SER A . n 
A 1 99  GLY 99  251 251 GLY GLY A . n 
A 1 100 ARG 100 252 252 ARG ARG A . n 
A 1 101 ALA 101 253 253 ALA ALA A . n 
A 1 102 GLU 102 254 254 GLU GLU A . n 
A 1 103 GLY 103 255 255 GLY GLY A . n 
A 1 104 SER 104 256 256 SER SER A . n 
A 1 105 PHE 105 257 257 PHE PHE A . n 
A 1 106 SER 106 258 258 SER SER A . n 
A 1 107 PHE 107 259 259 PHE PHE A . n 
A 1 108 ASN 108 260 260 ASN ASN A . n 
A 1 109 THR 109 261 261 THR THR A . n 
A 1 110 GLU 110 262 262 GLU GLU A . n 
A 1 111 TRP 111 263 263 TRP TRP A . n 
A 1 112 LYS 112 264 264 LYS LYS A . n 
A 1 113 GLU 113 265 265 GLU GLU A . n 
A 1 114 TYR 114 266 266 TYR TYR A . n 
A 1 115 GLU 115 267 267 GLU GLU A . n 
A 1 116 PHE 116 268 268 PHE PHE A . n 
A 1 117 SER 117 269 269 SER SER A . n 
A 1 118 PHE 118 270 270 PHE PHE A . n 
A 1 119 LYS 119 271 271 LYS LYS A . n 
A 1 120 ALA 120 272 272 ALA ALA A . n 
A 1 121 VAL 121 273 273 VAL VAL A . n 
A 1 122 ALA 122 274 274 ALA ALA A . n 
A 1 123 ASP 123 275 275 ASP ASP A . n 
A 1 124 GLY 124 276 276 GLY GLY A . n 
A 1 125 GLY 125 277 277 GLY GLY A . n 
A 1 126 HIS 126 278 278 HIS HIS A . n 
A 1 127 VAL 127 279 279 VAL VAL A . n 
A 1 128 MET 128 280 280 MET MET A . n 
A 1 129 THR 129 281 281 THR THR A . n 
A 1 130 GLN 130 282 282 GLN GLN A . n 
A 1 131 SER 131 283 283 SER SER A . n 
A 1 132 GLY 132 284 284 GLY GLY A . n 
A 1 133 LEU 133 285 285 LEU LEU A . n 
A 1 134 PHE 134 286 286 PHE PHE A . n 
A 1 135 VAL 135 287 287 VAL VAL A . n 
A 1 136 GLY 136 288 288 GLY GLY A . n 
A 1 137 THR 137 289 289 THR THR A . n 
A 1 138 ILE 138 290 290 ILE ILE A . n 
A 1 139 GLN 139 291 291 GLN GLN A . n 
A 1 140 ILE 140 292 292 ILE ILE A . n 
A 1 141 LYS 141 293 293 LYS LYS A . n 
A 1 142 TYR 142 294 294 TYR TYR A . n 
A 1 143 VAL 143 295 295 VAL VAL A . n 
A 1 144 LYS 144 296 296 LYS LYS A . n 
A 1 145 ILE 145 297 297 ILE ILE A . n 
A 1 146 THR 146 298 298 THR THR A . n 
A 1 147 HIS 147 299 299 HIS HIS A . n 
A 1 148 SER 148 300 300 SER SER A . n 
A 1 149 GLU 149 301 ?   ?   ?   A . n 
A 1 150 ALA 150 302 ?   ?   ?   A . n 
# 
loop_
_pdbx_nonpoly_scheme.asym_id 
_pdbx_nonpoly_scheme.entity_id 
_pdbx_nonpoly_scheme.mon_id 
_pdbx_nonpoly_scheme.ndb_seq_num 
_pdbx_nonpoly_scheme.pdb_seq_num 
_pdbx_nonpoly_scheme.auth_seq_num 
_pdbx_nonpoly_scheme.pdb_mon_id 
_pdbx_nonpoly_scheme.auth_mon_id 
_pdbx_nonpoly_scheme.pdb_strand_id 
_pdbx_nonpoly_scheme.pdb_ins_code 
B 2 HOH 1   801 1   HOH HOH A . 
B 2 HOH 2   802 2   HOH HOH A . 
B 2 HOH 3   803 3   HOH HOH A . 
B 2 HOH 4   804 4   HOH HOH A . 
B 2 HOH 5   805 5   HOH HOH A . 
B 2 HOH 6   806 6   HOH HOH A . 
B 2 HOH 7   807 7   HOH HOH A . 
B 2 HOH 8   808 8   HOH HOH A . 
B 2 HOH 9   809 9   HOH HOH A . 
B 2 HOH 10  810 10  HOH HOH A . 
B 2 HOH 11  811 11  HOH HOH A . 
B 2 HOH 12  812 12  HOH HOH A . 
B 2 HOH 13  813 13  HOH HOH A . 
B 2 HOH 14  814 14  HOH HOH A . 
B 2 HOH 15  815 15  HOH HOH A . 
B 2 HOH 16  816 16  HOH HOH A . 
B 2 HOH 17  817 17  HOH HOH A . 
B 2 HOH 18  818 18  HOH HOH A . 
B 2 HOH 19  819 19  HOH HOH A . 
B 2 HOH 20  820 20  HOH HOH A . 
B 2 HOH 21  821 21  HOH HOH A . 
B 2 HOH 22  822 22  HOH HOH A . 
B 2 HOH 23  823 23  HOH HOH A . 
B 2 HOH 24  824 24  HOH HOH A . 
B 2 HOH 25  825 25  HOH HOH A . 
B 2 HOH 26  826 26  HOH HOH A . 
B 2 HOH 27  827 27  HOH HOH A . 
B 2 HOH 28  828 28  HOH HOH A . 
B 2 HOH 29  829 29  HOH HOH A . 
B 2 HOH 30  830 30  HOH HOH A . 
B 2 HOH 31  831 31  HOH HOH A . 
B 2 HOH 32  832 32  HOH HOH A . 
B 2 HOH 33  833 33  HOH HOH A . 
B 2 HOH 34  834 34  HOH HOH A . 
B 2 HOH 35  835 35  HOH HOH A . 
B 2 HOH 36  836 36  HOH HOH A . 
B 2 HOH 37  837 37  HOH HOH A . 
B 2 HOH 38  838 38  HOH HOH A . 
B 2 HOH 39  839 39  HOH HOH A . 
B 2 HOH 40  840 40  HOH HOH A . 
B 2 HOH 41  841 41  HOH HOH A . 
B 2 HOH 42  842 42  HOH HOH A . 
B 2 HOH 43  843 43  HOH HOH A . 
B 2 HOH 44  844 44  HOH HOH A . 
B 2 HOH 45  845 45  HOH HOH A . 
B 2 HOH 46  846 46  HOH HOH A . 
B 2 HOH 47  847 47  HOH HOH A . 
B 2 HOH 48  848 48  HOH HOH A . 
B 2 HOH 49  849 49  HOH HOH A . 
B 2 HOH 50  850 50  HOH HOH A . 
B 2 HOH 51  851 51  HOH HOH A . 
B 2 HOH 52  852 52  HOH HOH A . 
B 2 HOH 53  853 53  HOH HOH A . 
B 2 HOH 54  854 54  HOH HOH A . 
B 2 HOH 55  855 55  HOH HOH A . 
B 2 HOH 56  856 56  HOH HOH A . 
B 2 HOH 57  857 57  HOH HOH A . 
B 2 HOH 58  858 58  HOH HOH A . 
B 2 HOH 59  859 59  HOH HOH A . 
B 2 HOH 60  860 60  HOH HOH A . 
B 2 HOH 61  861 61  HOH HOH A . 
B 2 HOH 62  862 62  HOH HOH A . 
B 2 HOH 63  863 63  HOH HOH A . 
B 2 HOH 64  864 64  HOH HOH A . 
B 2 HOH 65  865 65  HOH HOH A . 
B 2 HOH 66  866 66  HOH HOH A . 
B 2 HOH 67  867 67  HOH HOH A . 
B 2 HOH 68  868 68  HOH HOH A . 
B 2 HOH 69  869 69  HOH HOH A . 
B 2 HOH 70  870 70  HOH HOH A . 
B 2 HOH 71  871 71  HOH HOH A . 
B 2 HOH 72  872 72  HOH HOH A . 
B 2 HOH 73  873 73  HOH HOH A . 
B 2 HOH 74  874 74  HOH HOH A . 
B 2 HOH 75  875 75  HOH HOH A . 
B 2 HOH 76  876 76  HOH HOH A . 
B 2 HOH 77  877 77  HOH HOH A . 
B 2 HOH 78  878 78  HOH HOH A . 
B 2 HOH 79  879 79  HOH HOH A . 
B 2 HOH 80  880 80  HOH HOH A . 
B 2 HOH 81  881 81  HOH HOH A . 
B 2 HOH 82  882 82  HOH HOH A . 
B 2 HOH 83  883 83  HOH HOH A . 
B 2 HOH 84  884 84  HOH HOH A . 
B 2 HOH 85  885 85  HOH HOH A . 
B 2 HOH 86  886 86  HOH HOH A . 
B 2 HOH 87  887 87  HOH HOH A . 
B 2 HOH 88  888 88  HOH HOH A . 
B 2 HOH 89  889 89  HOH HOH A . 
B 2 HOH 90  890 90  HOH HOH A . 
B 2 HOH 91  891 91  HOH HOH A . 
B 2 HOH 92  892 92  HOH HOH A . 
B 2 HOH 93  893 93  HOH HOH A . 
B 2 HOH 94  894 94  HOH HOH A . 
B 2 HOH 95  895 95  HOH HOH A . 
B 2 HOH 96  896 96  HOH HOH A . 
B 2 HOH 97  897 97  HOH HOH A . 
B 2 HOH 98  898 98  HOH HOH A . 
B 2 HOH 99  899 99  HOH HOH A . 
B 2 HOH 100 900 100 HOH HOH A . 
B 2 HOH 101 901 101 HOH HOH A . 
B 2 HOH 102 902 102 HOH HOH A . 
B 2 HOH 103 903 103 HOH HOH A . 
B 2 HOH 104 904 104 HOH HOH A . 
B 2 HOH 105 905 105 HOH HOH A . 
B 2 HOH 106 906 106 HOH HOH A . 
B 2 HOH 107 907 107 HOH HOH A . 
B 2 HOH 108 908 108 HOH HOH A . 
B 2 HOH 109 909 109 HOH HOH A . 
B 2 HOH 110 910 110 HOH HOH A . 
B 2 HOH 111 911 111 HOH HOH A . 
B 2 HOH 112 912 112 HOH HOH A . 
B 2 HOH 113 913 113 HOH HOH A . 
B 2 HOH 114 914 114 HOH HOH A . 
B 2 HOH 115 915 115 HOH HOH A . 
B 2 HOH 116 916 116 HOH HOH A . 
B 2 HOH 117 917 117 HOH HOH A . 
B 2 HOH 118 918 118 HOH HOH A . 
B 2 HOH 119 919 119 HOH HOH A . 
B 2 HOH 120 920 120 HOH HOH A . 
B 2 HOH 121 921 121 HOH HOH A . 
B 2 HOH 122 922 122 HOH HOH A . 
B 2 HOH 123 923 123 HOH HOH A . 
B 2 HOH 124 924 124 HOH HOH A . 
B 2 HOH 125 925 125 HOH HOH A . 
B 2 HOH 126 926 126 HOH HOH A . 
B 2 HOH 127 927 127 HOH HOH A . 
B 2 HOH 128 928 128 HOH HOH A . 
B 2 HOH 129 929 129 HOH HOH A . 
B 2 HOH 130 930 130 HOH HOH A . 
B 2 HOH 131 931 131 HOH HOH A . 
B 2 HOH 132 932 132 HOH HOH A . 
B 2 HOH 133 933 133 HOH HOH A . 
B 2 HOH 134 934 134 HOH HOH A . 
B 2 HOH 135 935 135 HOH HOH A . 
B 2 HOH 136 936 136 HOH HOH A . 
B 2 HOH 137 937 137 HOH HOH A . 
B 2 HOH 138 938 138 HOH HOH A . 
B 2 HOH 139 939 139 HOH HOH A . 
B 2 HOH 140 940 140 HOH HOH A . 
B 2 HOH 141 941 141 HOH HOH A . 
B 2 HOH 142 942 142 HOH HOH A . 
B 2 HOH 143 943 143 HOH HOH A . 
B 2 HOH 144 944 144 HOH HOH A . 
B 2 HOH 145 945 145 HOH HOH A . 
B 2 HOH 146 946 146 HOH HOH A . 
B 2 HOH 147 947 147 HOH HOH A . 
B 2 HOH 148 948 148 HOH HOH A . 
B 2 HOH 149 949 149 HOH HOH A . 
B 2 HOH 150 950 150 HOH HOH A . 
B 2 HOH 151 951 151 HOH HOH A . 
B 2 HOH 152 952 152 HOH HOH A . 
B 2 HOH 153 953 153 HOH HOH A . 
B 2 HOH 154 954 154 HOH HOH A . 
B 2 HOH 155 955 155 HOH HOH A . 
B 2 HOH 156 956 156 HOH HOH A . 
B 2 HOH 157 957 157 HOH HOH A . 
B 2 HOH 158 958 158 HOH HOH A . 
B 2 HOH 159 959 159 HOH HOH A . 
B 2 HOH 160 960 160 HOH HOH A . 
B 2 HOH 161 961 161 HOH HOH A . 
B 2 HOH 162 962 162 HOH HOH A . 
B 2 HOH 163 963 163 HOH HOH A . 
B 2 HOH 164 964 164 HOH HOH A . 
B 2 HOH 165 965 165 HOH HOH A . 
B 2 HOH 166 966 166 HOH HOH A . 
B 2 HOH 167 967 167 HOH HOH A . 
B 2 HOH 168 968 168 HOH HOH A . 
B 2 HOH 169 969 169 HOH HOH A . 
B 2 HOH 170 970 170 HOH HOH A . 
B 2 HOH 171 971 171 HOH HOH A . 
B 2 HOH 172 972 172 HOH HOH A . 
B 2 HOH 173 973 173 HOH HOH A . 
B 2 HOH 174 974 174 HOH HOH A . 
B 2 HOH 175 975 175 HOH HOH A . 
B 2 HOH 176 976 176 HOH HOH A . 
B 2 HOH 177 977 177 HOH HOH A . 
B 2 HOH 178 978 178 HOH HOH A . 
B 2 HOH 179 979 179 HOH HOH A . 
B 2 HOH 180 980 180 HOH HOH A . 
B 2 HOH 181 981 181 HOH HOH A . 
B 2 HOH 182 982 182 HOH HOH A . 
B 2 HOH 183 983 183 HOH HOH A . 
B 2 HOH 184 984 184 HOH HOH A . 
B 2 HOH 185 985 185 HOH HOH A . 
B 2 HOH 186 986 186 HOH HOH A . 
B 2 HOH 187 987 187 HOH HOH A . 
B 2 HOH 188 988 188 HOH HOH A . 
B 2 HOH 189 989 189 HOH HOH A . 
B 2 HOH 190 990 190 HOH HOH A . 
# 
loop_
_software.name 
_software.classification 
_software.version 
_software.citation_id 
_software.pdbx_ordinal 
MD2      'data collection' . ? 1 
PHENIX   'model building'  . ? 2 
PHENIX   refinement        . ? 3 
HKL-3000 'data reduction'  . ? 4 
HKL-3000 'data scaling'    . ? 5 
PHENIX   phasing           . ? 6 
# 
_cell.entry_id           4MGS 
_cell.length_a           52.737 
_cell.length_b           90.659 
_cell.length_c           30.998 
_cell.angle_alpha        90.00 
_cell.angle_beta         90.00 
_cell.angle_gamma        90.00 
_cell.Z_PDB              4 
_cell.pdbx_unique_axis   ? 
_cell.length_a_esd       ? 
_cell.length_b_esd       ? 
_cell.length_c_esd       ? 
_cell.angle_alpha_esd    ? 
_cell.angle_beta_esd     ? 
_cell.angle_gamma_esd    ? 
# 
_symmetry.entry_id                         4MGS 
_symmetry.space_group_name_H-M             'P 21 21 2' 
_symmetry.pdbx_full_space_group_name_H-M   ? 
_symmetry.cell_setting                     ? 
_symmetry.Int_Tables_number                18 
_symmetry.space_group_name_Hall            ? 
# 
_exptl.entry_id          4MGS 
_exptl.method            'X-RAY DIFFRACTION' 
_exptl.crystals_number   1 
# 
_exptl_crystal.id                    1 
_exptl_crystal.density_meas          ? 
_exptl_crystal.density_Matthews      2.21 
_exptl_crystal.density_percent_sol   44.39 
_exptl_crystal.description           ? 
_exptl_crystal.F_000                 ? 
_exptl_crystal.preparation           ? 
# 
_exptl_crystal_grow.crystal_id      1 
_exptl_crystal_grow.method          'VAPOR DIFFUSION, HANGING DROP' 
_exptl_crystal_grow.temp            296 
_exptl_crystal_grow.temp_details    ? 
_exptl_crystal_grow.pH              9.0 
_exptl_crystal_grow.pdbx_details    
'2.5 M Ammonium Sulfate, 0.1 M Bicine, pH 9.0, 42 mg/mL, VAPOR DIFFUSION, HANGING DROP, temperature 296K' 
_exptl_crystal_grow.pdbx_pH_range   ? 
# 
_diffrn.id                     1 
_diffrn.ambient_temp           ? 
_diffrn.ambient_temp_details   ? 
_diffrn.crystal_id             1 
# 
_diffrn_detector.diffrn_id              1 
_diffrn_detector.detector               CCD 
_diffrn_detector.type                   'MARMOSAIC 225 mm CCD' 
_diffrn_detector.pdbx_collection_date   2013-07-28 
_diffrn_detector.details                ? 
# 
_diffrn_radiation.diffrn_id                        1 
_diffrn_radiation.wavelength_id                    1 
_diffrn_radiation.pdbx_monochromatic_or_laue_m_l   M 
_diffrn_radiation.monochromator                    'C(111)' 
_diffrn_radiation.pdbx_diffrn_protocol             'SINGLE WAVELENGTH' 
_diffrn_radiation.pdbx_scattering_type             x-ray 
# 
_diffrn_radiation_wavelength.id           1 
_diffrn_radiation_wavelength.wavelength   0.97857 
_diffrn_radiation_wavelength.wt           1.0 
# 
_diffrn_source.diffrn_id                   1 
_diffrn_source.source                      SYNCHROTRON 
_diffrn_source.type                        'APS BEAMLINE 21-ID-G' 
_diffrn_source.pdbx_synchrotron_site       APS 
_diffrn_source.pdbx_synchrotron_beamline   21-ID-G 
_diffrn_source.pdbx_wavelength             ? 
_diffrn_source.pdbx_wavelength_list        0.97857 
# 
_reflns.entry_id                     4MGS 
_reflns.observed_criterion_sigma_I   21.5 
_reflns.observed_criterion_sigma_F   0 
_reflns.d_resolution_low             22.793 
_reflns.d_resolution_high            1.80 
_reflns.number_obs                   14363 
_reflns.number_all                   14417 
_reflns.percent_possible_obs         99.97 
_reflns.pdbx_Rmerge_I_obs            ? 
_reflns.pdbx_Rsym_value              ? 
_reflns.pdbx_netI_over_sigmaI        ? 
_reflns.B_iso_Wilson_estimate        ? 
_reflns.pdbx_redundancy              ? 
_reflns.R_free_details               ? 
_reflns.limit_h_max                  ? 
_reflns.limit_h_min                  ? 
_reflns.limit_k_max                  ? 
_reflns.limit_k_min                  ? 
_reflns.limit_l_max                  ? 
_reflns.limit_l_min                  ? 
_reflns.observed_criterion_F_max     ? 
_reflns.observed_criterion_F_min     ? 
_reflns.pdbx_chi_squared             ? 
_reflns.pdbx_scaling_rejects         ? 
_reflns.pdbx_ordinal                 1 
_reflns.pdbx_diffrn_id               1 
# 
_reflns_shell.d_res_high             1.80 
_reflns_shell.d_res_low              1.83 
_reflns_shell.percent_possible_all   100.0 
_reflns_shell.Rmerge_I_obs           0.501 
_reflns_shell.pdbx_Rsym_value        ? 
_reflns_shell.meanI_over_sigI_obs    2.38 
_reflns_shell.pdbx_redundancy        6.5 
_reflns_shell.percent_possible_obs   ? 
_reflns_shell.number_unique_all      695 
_reflns_shell.number_measured_all    ? 
_reflns_shell.number_measured_obs    ? 
_reflns_shell.number_unique_obs      ? 
_reflns_shell.pdbx_chi_squared       ? 
_reflns_shell.pdbx_ordinal           1 
_reflns_shell.pdbx_diffrn_id         1 
# 
_refine.entry_id                                 4MGS 
_refine.ls_number_reflns_obs                     14363 
_refine.ls_number_reflns_all                     14417 
_refine.pdbx_ls_sigma_I                          ? 
_refine.pdbx_ls_sigma_F                          1.37 
_refine.pdbx_data_cutoff_high_absF               ? 
_refine.pdbx_data_cutoff_low_absF                ? 
_refine.pdbx_data_cutoff_high_rms_absF           ? 
_refine.ls_d_res_low                             22.79 
_refine.ls_d_res_high                            1.80 
_refine.ls_percent_reflns_obs                    99.97 
_refine.ls_R_factor_obs                          0.1616 
_refine.ls_R_factor_all                          ? 
_refine.ls_R_factor_R_work                       0.1588 
_refine.ls_R_factor_R_free                       0.1856 
_refine.ls_R_factor_R_free_error                 ? 
_refine.ls_R_factor_R_free_error_details         ? 
_refine.ls_percent_reflns_R_free                 10.00 
_refine.ls_number_reflns_R_free                  1437 
_refine.ls_number_parameters                     ? 
_refine.ls_number_restraints                     ? 
_refine.occupancy_min                            ? 
_refine.occupancy_max                            ? 
_refine.correlation_coeff_Fo_to_Fc               ? 
_refine.correlation_coeff_Fo_to_Fc_free          ? 
_refine.B_iso_mean                               ? 
_refine.aniso_B[1][1]                            ? 
_refine.aniso_B[2][2]                            ? 
_refine.aniso_B[3][3]                            ? 
_refine.aniso_B[1][2]                            ? 
_refine.aniso_B[1][3]                            ? 
_refine.aniso_B[2][3]                            ? 
_refine.solvent_model_details                    'FLAT BULK SOLVENT MODEL' 
_refine.solvent_model_param_ksol                 ? 
_refine.solvent_model_param_bsol                 ? 
_refine.pdbx_solvent_vdw_probe_radii             1.11 
_refine.pdbx_solvent_ion_probe_radii             ? 
_refine.pdbx_solvent_shrinkage_radii             0.90 
_refine.pdbx_ls_cross_valid_method               ? 
_refine.details                                  ? 
_refine.pdbx_starting_model                      ? 
_refine.pdbx_method_to_determine_struct          SAD 
_refine.pdbx_isotropic_thermal_model             ? 
_refine.pdbx_stereochemistry_target_values       ML 
_refine.pdbx_stereochem_target_val_spec_case     ? 
_refine.pdbx_R_Free_selection_details            ? 
_refine.pdbx_overall_ESU_R                       ? 
_refine.pdbx_overall_ESU_R_Free                  ? 
_refine.overall_SU_ML                            0.19 
_refine.pdbx_overall_phase_error                 18.00 
_refine.overall_SU_B                             ? 
_refine.overall_SU_R_Cruickshank_DPI             ? 
_refine.ls_redundancy_reflns_obs                 ? 
_refine.B_iso_min                                ? 
_refine.B_iso_max                                ? 
_refine.overall_SU_R_free                        ? 
_refine.ls_wR_factor_R_free                      ? 
_refine.ls_wR_factor_R_work                      ? 
_refine.overall_FOM_free_R_set                   ? 
_refine.overall_FOM_work_R_set                   ? 
_refine.pdbx_diffrn_id                           1 
_refine.pdbx_refine_id                           'X-RAY DIFFRACTION' 
_refine.pdbx_TLS_residual_ADP_flag               ? 
_refine.pdbx_overall_SU_R_free_Cruickshank_DPI   ? 
_refine.pdbx_overall_SU_R_Blow_DPI               ? 
_refine.pdbx_overall_SU_R_free_Blow_DPI          ? 
# 
_refine_hist.pdbx_refine_id                   'X-RAY DIFFRACTION' 
_refine_hist.cycle_id                         LAST 
_refine_hist.pdbx_number_atoms_protein        1115 
_refine_hist.pdbx_number_atoms_nucleic_acid   0 
_refine_hist.pdbx_number_atoms_ligand         0 
_refine_hist.number_atoms_solvent             190 
_refine_hist.number_atoms_total               1305 
_refine_hist.d_res_high                       1.80 
_refine_hist.d_res_low                        22.79 
# 
loop_
_refine_ls_restr.type 
_refine_ls_restr.dev_ideal 
_refine_ls_restr.dev_ideal_target 
_refine_ls_restr.weight 
_refine_ls_restr.number 
_refine_ls_restr.pdbx_restraint_function 
_refine_ls_restr.pdbx_refine_id 
f_bond_d           0.006  ? ? 1153 ? 'X-RAY DIFFRACTION' 
f_angle_d          1.024  ? ? 1557 ? 'X-RAY DIFFRACTION' 
f_dihedral_angle_d 15.636 ? ? 414  ? 'X-RAY DIFFRACTION' 
f_chiral_restr     0.073  ? ? 164  ? 'X-RAY DIFFRACTION' 
f_plane_restr      0.004  ? ? 199  ? 'X-RAY DIFFRACTION' 
# 
loop_
_refine_ls_shell.pdbx_total_number_of_bins_used 
_refine_ls_shell.d_res_high 
_refine_ls_shell.d_res_low 
_refine_ls_shell.number_reflns_R_work 
_refine_ls_shell.R_factor_R_work 
_refine_ls_shell.percent_reflns_obs 
_refine_ls_shell.R_factor_R_free 
_refine_ls_shell.R_factor_R_free_error 
_refine_ls_shell.percent_reflns_R_free 
_refine_ls_shell.number_reflns_R_free 
_refine_ls_shell.number_reflns_all 
_refine_ls_shell.R_factor_all 
_refine_ls_shell.number_reflns_obs 
_refine_ls_shell.redundancy_reflns_obs 
_refine_ls_shell.pdbx_refine_id 
. 1.800  1.8652  1235 0.2098 100.00 0.2952 . . 138 . . . . 'X-RAY DIFFRACTION' 
. 1.8652 1.9398  1280 0.1816 100.00 0.2290 . . 142 . . . . 'X-RAY DIFFRACTION' 
. 1.9398 2.0281  1275 0.1683 100.00 0.2015 . . 141 . . . . 'X-RAY DIFFRACTION' 
. 2.0281 2.1349  1259 0.1562 100.00 0.2247 . . 140 . . . . 'X-RAY DIFFRACTION' 
. 2.1349 2.2685  1286 0.1533 100.00 0.1961 . . 143 . . . . 'X-RAY DIFFRACTION' 
. 2.2685 2.4435  1280 0.1678 100.00 0.2041 . . 143 . . . . 'X-RAY DIFFRACTION' 
. 2.4435 2.6891  1286 0.1697 100.00 0.1992 . . 142 . . . . 'X-RAY DIFFRACTION' 
. 2.6891 3.0774  1304 0.1646 100.00 0.1829 . . 145 . . . . 'X-RAY DIFFRACTION' 
. 3.0774 3.8741  1325 0.1380 100.00 0.1623 . . 147 . . . . 'X-RAY DIFFRACTION' 
. 3.8741 22.7945 1396 0.1517 100.00 0.1467 . . 156 . . . . 'X-RAY DIFFRACTION' 
# 
_struct.entry_id                  4MGS 
_struct.title                     'BiXyn10A CBM1 APO' 
_struct.pdbx_model_details        ? 
_struct.pdbx_CASP_flag            ? 
_struct.pdbx_model_type_details   ? 
# 
_struct_keywords.entry_id        4MGS 
_struct_keywords.pdbx_keywords   HYDROLASE 
_struct_keywords.text            'Endo-xylanase, HYDROLASE' 
# 
loop_
_struct_asym.id 
_struct_asym.pdbx_blank_PDB_chainid_flag 
_struct_asym.pdbx_modified 
_struct_asym.entity_id 
_struct_asym.details 
A N N 1 ? 
B N N 2 ? 
# 
_struct_ref.id                         1 
_struct_ref.db_name                    UNP 
_struct_ref.db_code                    B3CET4_9BACE 
_struct_ref.pdbx_db_accession          B3CET4 
_struct_ref.entity_id                  1 
_struct_ref.pdbx_seq_one_letter_code   
;VDPDAKVDKVDYEIDYSTAGYSFWNEVNEEVKETTTIGKNDTEGCLEIKTSVAASQNHFIQYHTADNLPIEIGKEYKLKM
MVRGSAEGKLNFGVGPWSGRAEGSFSFNTEWKEYEFSFKAVADGGHVMTQSGLFVGTIQIKYVKITHSEA
;
_struct_ref.pdbx_align_begin           153 
_struct_ref.pdbx_db_isoform            ? 
# 
_struct_ref_seq.align_id                      1 
_struct_ref_seq.ref_id                        1 
_struct_ref_seq.pdbx_PDB_id_code              4MGS 
_struct_ref_seq.pdbx_strand_id                A 
_struct_ref_seq.seq_align_beg                 1 
_struct_ref_seq.pdbx_seq_align_beg_ins_code   ? 
_struct_ref_seq.seq_align_end                 150 
_struct_ref_seq.pdbx_seq_align_end_ins_code   ? 
_struct_ref_seq.pdbx_db_accession             B3CET4 
_struct_ref_seq.db_align_beg                  153 
_struct_ref_seq.pdbx_db_align_beg_ins_code    ? 
_struct_ref_seq.db_align_end                  302 
_struct_ref_seq.pdbx_db_align_end_ins_code    ? 
_struct_ref_seq.pdbx_auth_seq_align_beg       153 
_struct_ref_seq.pdbx_auth_seq_align_end       302 
# 
_pdbx_struct_assembly.id                   1 
_pdbx_struct_assembly.details              author_and_software_defined_assembly 
_pdbx_struct_assembly.method_details       PISA 
_pdbx_struct_assembly.oligomeric_details   monomeric 
_pdbx_struct_assembly.oligomeric_count     1 
# 
_pdbx_struct_assembly_gen.assembly_id       1 
_pdbx_struct_assembly_gen.oper_expression   1 
_pdbx_struct_assembly_gen.asym_id_list      A,B 
# 
_pdbx_struct_oper_list.id                   1 
_pdbx_struct_oper_list.type                 'identity operation' 
_pdbx_struct_oper_list.name                 1_555 
_pdbx_struct_oper_list.symmetry_operation   x,y,z 
_pdbx_struct_oper_list.matrix[1][1]         1.0000000000 
_pdbx_struct_oper_list.matrix[1][2]         0.0000000000 
_pdbx_struct_oper_list.matrix[1][3]         0.0000000000 
_pdbx_struct_oper_list.vector[1]            0.0000000000 
_pdbx_struct_oper_list.matrix[2][1]         0.0000000000 
_pdbx_struct_oper_list.matrix[2][2]         1.0000000000 
_pdbx_struct_oper_list.matrix[2][3]         0.0000000000 
_pdbx_struct_oper_list.vector[2]            0.0000000000 
_pdbx_struct_oper_list.matrix[3][1]         0.0000000000 
_pdbx_struct_oper_list.matrix[3][2]         0.0000000000 
_pdbx_struct_oper_list.matrix[3][3]         1.0000000000 
_pdbx_struct_oper_list.vector[3]            0.0000000000 
# 
_struct_biol.id        1 
_struct_biol.details   ? 
# 
loop_
_struct_conf.conf_type_id 
_struct_conf.id 
_struct_conf.pdbx_PDB_helix_id 
_struct_conf.beg_label_comp_id 
_struct_conf.beg_label_asym_id 
_struct_conf.beg_label_seq_id 
_struct_conf.pdbx_beg_PDB_ins_code 
_struct_conf.end_label_comp_id 
_struct_conf.end_label_asym_id 
_struct_conf.end_label_seq_id 
_struct_conf.pdbx_end_PDB_ins_code 
_struct_conf.beg_auth_comp_id 
_struct_conf.beg_auth_asym_id 
_struct_conf.beg_auth_seq_id 
_struct_conf.end_auth_comp_id 
_struct_conf.end_auth_asym_id 
_struct_conf.end_auth_seq_id 
_struct_conf.pdbx_PDB_helix_class 
_struct_conf.details 
_struct_conf.pdbx_PDB_helix_length 
HELX_P HELX_P1 1 GLU A 29 ? GLU A 33 ? GLU A 181 GLU A 185 5 ? 5 
HELX_P HELX_P2 2 GLN A 56 ? HIS A 58 ? GLN A 208 HIS A 210 5 ? 3 
# 
_struct_conf_type.id          HELX_P 
_struct_conf_type.criteria    ? 
_struct_conf_type.reference   ? 
# 
loop_
_struct_sheet.id 
_struct_sheet.type 
_struct_sheet.number_strands 
_struct_sheet.details 
A ? 4 ? 
B ? 4 ? 
C ? 5 ? 
# 
loop_
_struct_sheet_order.sheet_id 
_struct_sheet_order.range_id_1 
_struct_sheet_order.range_id_2 
_struct_sheet_order.offset 
_struct_sheet_order.sense 
A 1 2 ? anti-parallel 
A 2 3 ? anti-parallel 
A 3 4 ? anti-parallel 
B 1 2 ? anti-parallel 
B 2 3 ? anti-parallel 
B 3 4 ? anti-parallel 
C 1 2 ? anti-parallel 
C 2 3 ? anti-parallel 
C 3 4 ? anti-parallel 
C 4 5 ? anti-parallel 
# 
loop_
_struct_sheet_range.sheet_id 
_struct_sheet_range.id 
_struct_sheet_range.beg_label_comp_id 
_struct_sheet_range.beg_label_asym_id 
_struct_sheet_range.beg_label_seq_id 
_struct_sheet_range.pdbx_beg_PDB_ins_code 
_struct_sheet_range.end_label_comp_id 
_struct_sheet_range.end_label_asym_id 
_struct_sheet_range.end_label_seq_id 
_struct_sheet_range.pdbx_end_PDB_ins_code 
_struct_sheet_range.beg_auth_comp_id 
_struct_sheet_range.beg_auth_asym_id 
_struct_sheet_range.beg_auth_seq_id 
_struct_sheet_range.end_auth_comp_id 
_struct_sheet_range.end_auth_asym_id 
_struct_sheet_range.end_auth_seq_id 
A 1 LYS A 9   ? ASP A 15  ? LYS A 161 ASP A 167 
A 2 GLY A 136 ? HIS A 147 ? GLY A 288 HIS A 299 
A 3 CYS A 45  ? THR A 50  ? CYS A 197 THR A 202 
A 4 THR A 35  ? ASN A 40  ? THR A 187 ASN A 192 
B 1 LYS A 9   ? ASP A 15  ? LYS A 161 ASP A 167 
B 2 GLY A 136 ? HIS A 147 ? GLY A 288 HIS A 299 
B 3 GLU A 75  ? GLY A 84  ? GLU A 227 GLY A 236 
B 4 LYS A 112 ? LYS A 119 ? LYS A 264 LYS A 271 
C 1 ASN A 25  ? VAL A 27  ? ASN A 177 VAL A 179 
C 2 ILE A 60  ? HIS A 63  ? ILE A 212 HIS A 215 
C 3 HIS A 126 ? GLN A 130 ? HIS A 278 GLN A 282 
C 4 GLY A 88  ? GLY A 95  ? GLY A 240 GLY A 247 
C 5 ALA A 101 ? PHE A 107 ? ALA A 253 PHE A 259 
# 
loop_
_pdbx_struct_sheet_hbond.sheet_id 
_pdbx_struct_sheet_hbond.range_id_1 
_pdbx_struct_sheet_hbond.range_id_2 
_pdbx_struct_sheet_hbond.range_1_label_atom_id 
_pdbx_struct_sheet_hbond.range_1_label_comp_id 
_pdbx_struct_sheet_hbond.range_1_label_asym_id 
_pdbx_struct_sheet_hbond.range_1_label_seq_id 
_pdbx_struct_sheet_hbond.range_1_PDB_ins_code 
_pdbx_struct_sheet_hbond.range_1_auth_atom_id 
_pdbx_struct_sheet_hbond.range_1_auth_comp_id 
_pdbx_struct_sheet_hbond.range_1_auth_asym_id 
_pdbx_struct_sheet_hbond.range_1_auth_seq_id 
_pdbx_struct_sheet_hbond.range_2_label_atom_id 
_pdbx_struct_sheet_hbond.range_2_label_comp_id 
_pdbx_struct_sheet_hbond.range_2_label_asym_id 
_pdbx_struct_sheet_hbond.range_2_label_seq_id 
_pdbx_struct_sheet_hbond.range_2_PDB_ins_code 
_pdbx_struct_sheet_hbond.range_2_auth_atom_id 
_pdbx_struct_sheet_hbond.range_2_auth_comp_id 
_pdbx_struct_sheet_hbond.range_2_auth_asym_id 
_pdbx_struct_sheet_hbond.range_2_auth_seq_id 
A 1 2 N LYS A 9   ? N LYS A 161 O HIS A 147 ? O HIS A 299 
A 2 3 O ILE A 138 ? O ILE A 290 N ILE A 48  ? N ILE A 200 
A 3 4 O CYS A 45  ? O CYS A 197 N ASN A 40  ? N ASN A 192 
B 1 2 N LYS A 9   ? N LYS A 161 O HIS A 147 ? O HIS A 299 
B 2 3 O LYS A 144 ? O LYS A 296 N LYS A 79  ? N LYS A 231 
B 3 4 N MET A 80  ? N MET A 232 O TYR A 114 ? O TYR A 266 
C 1 2 N GLU A 26  ? N GLU A 178 O GLN A 61  ? O GLN A 213 
C 2 3 N TYR A 62  ? N TYR A 214 O THR A 129 ? O THR A 281 
C 3 4 O GLN A 130 ? O GLN A 282 N ASN A 91  ? N ASN A 243 
C 4 5 N VAL A 94  ? N VAL A 246 O ALA A 101 ? O ALA A 253 
# 
loop_
_pdbx_validate_close_contact.id 
_pdbx_validate_close_contact.PDB_model_num 
_pdbx_validate_close_contact.auth_atom_id_1 
_pdbx_validate_close_contact.auth_asym_id_1 
_pdbx_validate_close_contact.auth_comp_id_1 
_pdbx_validate_close_contact.auth_seq_id_1 
_pdbx_validate_close_contact.PDB_ins_code_1 
_pdbx_validate_close_contact.label_alt_id_1 
_pdbx_validate_close_contact.auth_atom_id_2 
_pdbx_validate_close_contact.auth_asym_id_2 
_pdbx_validate_close_contact.auth_comp_id_2 
_pdbx_validate_close_contact.auth_seq_id_2 
_pdbx_validate_close_contact.PDB_ins_code_2 
_pdbx_validate_close_contact.label_alt_id_2 
_pdbx_validate_close_contact.dist 
1 1 O A HOH 967 ? ? O A HOH 981 ? ? 1.86 
2 1 O A HOH 946 ? ? O A HOH 956 ? ? 2.01 
3 1 O A HOH 890 ? ? O A HOH 916 ? ? 2.08 
4 1 O A HOH 937 ? ? O A HOH 958 ? ? 2.13 
5 1 O A HOH 891 ? ? O A HOH 894 ? ? 2.14 
6 1 O A HOH 924 ? ? O A HOH 950 ? ? 2.16 
7 1 O A HOH 952 ? ? O A HOH 966 ? ? 2.18 
# 
_pdbx_validate_symm_contact.id                1 
_pdbx_validate_symm_contact.PDB_model_num     1 
_pdbx_validate_symm_contact.auth_atom_id_1    O 
_pdbx_validate_symm_contact.auth_asym_id_1    A 
_pdbx_validate_symm_contact.auth_comp_id_1    HOH 
_pdbx_validate_symm_contact.auth_seq_id_1     982 
_pdbx_validate_symm_contact.PDB_ins_code_1    ? 
_pdbx_validate_symm_contact.label_alt_id_1    ? 
_pdbx_validate_symm_contact.site_symmetry_1   1_555 
_pdbx_validate_symm_contact.auth_atom_id_2    O 
_pdbx_validate_symm_contact.auth_asym_id_2    A 
_pdbx_validate_symm_contact.auth_comp_id_2    HOH 
_pdbx_validate_symm_contact.auth_seq_id_2     984 
_pdbx_validate_symm_contact.PDB_ins_code_2    ? 
_pdbx_validate_symm_contact.label_alt_id_2    ? 
_pdbx_validate_symm_contact.site_symmetry_2   1_556 
_pdbx_validate_symm_contact.dist              1.92 
# 
loop_
_pdbx_validate_torsion.id 
_pdbx_validate_torsion.PDB_model_num 
_pdbx_validate_torsion.auth_comp_id 
_pdbx_validate_torsion.auth_asym_id 
_pdbx_validate_torsion.auth_seq_id 
_pdbx_validate_torsion.PDB_ins_code 
_pdbx_validate_torsion.label_alt_id 
_pdbx_validate_torsion.phi 
_pdbx_validate_torsion.psi 
1 1 SER A 174 ? ? -141.62 21.03   
2 1 ASN A 260 ? ? -140.85 -159.93 
3 1 SER A 283 ? ? -150.89 29.12   
# 
_pdbx_struct_special_symmetry.id              1 
_pdbx_struct_special_symmetry.PDB_model_num   1 
_pdbx_struct_special_symmetry.auth_asym_id    A 
_pdbx_struct_special_symmetry.auth_comp_id    HOH 
_pdbx_struct_special_symmetry.auth_seq_id     948 
_pdbx_struct_special_symmetry.PDB_ins_code    ? 
_pdbx_struct_special_symmetry.label_asym_id   B 
_pdbx_struct_special_symmetry.label_comp_id   HOH 
_pdbx_struct_special_symmetry.label_seq_id    . 
# 
loop_
_pdbx_unobs_or_zero_occ_residues.id 
_pdbx_unobs_or_zero_occ_residues.PDB_model_num 
_pdbx_unobs_or_zero_occ_residues.polymer_flag 
_pdbx_unobs_or_zero_occ_residues.occupancy_flag 
_pdbx_unobs_or_zero_occ_residues.auth_asym_id 
_pdbx_unobs_or_zero_occ_residues.auth_comp_id 
_pdbx_unobs_or_zero_occ_residues.auth_seq_id 
_pdbx_unobs_or_zero_occ_residues.PDB_ins_code 
_pdbx_unobs_or_zero_occ_residues.label_asym_id 
_pdbx_unobs_or_zero_occ_residues.label_comp_id 
_pdbx_unobs_or_zero_occ_residues.label_seq_id 
1 1 Y 1 A VAL 153 ? A VAL 1   
2 1 Y 1 A ASP 154 ? A ASP 2   
3 1 Y 1 A PRO 155 ? A PRO 3   
4 1 Y 1 A ASP 156 ? A ASP 4   
5 1 Y 1 A ALA 157 ? A ALA 5   
6 1 Y 1 A LYS 158 ? A LYS 6   
7 1 Y 1 A VAL 159 ? A VAL 7   
8 1 Y 1 A GLU 301 ? A GLU 149 
9 1 Y 1 A ALA 302 ? A ALA 150 
# 
loop_
_chem_comp_atom.comp_id 
_chem_comp_atom.atom_id 
_chem_comp_atom.type_symbol 
_chem_comp_atom.pdbx_aromatic_flag 
_chem_comp_atom.pdbx_stereo_config 
_chem_comp_atom.pdbx_ordinal 
ALA N    N N N 1   
ALA CA   C N S 2   
ALA C    C N N 3   
ALA O    O N N 4   
ALA CB   C N N 5   
ALA OXT  O N N 6   
ALA H    H N N 7   
ALA H2   H N N 8   
ALA HA   H N N 9   
ALA HB1  H N N 10  
ALA HB2  H N N 11  
ALA HB3  H N N 12  
ALA HXT  H N N 13  
ARG N    N N N 14  
ARG CA   C N S 15  
ARG C    C N N 16  
ARG O    O N N 17  
ARG CB   C N N 18  
ARG CG   C N N 19  
ARG CD   C N N 20  
ARG NE   N N N 21  
ARG CZ   C N N 22  
ARG NH1  N N N 23  
ARG NH2  N N N 24  
ARG OXT  O N N 25  
ARG H    H N N 26  
ARG H2   H N N 27  
ARG HA   H N N 28  
ARG HB2  H N N 29  
ARG HB3  H N N 30  
ARG HG2  H N N 31  
ARG HG3  H N N 32  
ARG HD2  H N N 33  
ARG HD3  H N N 34  
ARG HE   H N N 35  
ARG HH11 H N N 36  
ARG HH12 H N N 37  
ARG HH21 H N N 38  
ARG HH22 H N N 39  
ARG HXT  H N N 40  
ASN N    N N N 41  
ASN CA   C N S 42  
ASN C    C N N 43  
ASN O    O N N 44  
ASN CB   C N N 45  
ASN CG   C N N 46  
ASN OD1  O N N 47  
ASN ND2  N N N 48  
ASN OXT  O N N 49  
ASN H    H N N 50  
ASN H2   H N N 51  
ASN HA   H N N 52  
ASN HB2  H N N 53  
ASN HB3  H N N 54  
ASN HD21 H N N 55  
ASN HD22 H N N 56  
ASN HXT  H N N 57  
ASP N    N N N 58  
ASP CA   C N S 59  
ASP C    C N N 60  
ASP O    O N N 61  
ASP CB   C N N 62  
ASP CG   C N N 63  
ASP OD1  O N N 64  
ASP OD2  O N N 65  
ASP OXT  O N N 66  
ASP H    H N N 67  
ASP H2   H N N 68  
ASP HA   H N N 69  
ASP HB2  H N N 70  
ASP HB3  H N N 71  
ASP HD2  H N N 72  
ASP HXT  H N N 73  
CYS N    N N N 74  
CYS CA   C N R 75  
CYS C    C N N 76  
CYS O    O N N 77  
CYS CB   C N N 78  
CYS SG   S N N 79  
CYS OXT  O N N 80  
CYS H    H N N 81  
CYS H2   H N N 82  
CYS HA   H N N 83  
CYS HB2  H N N 84  
CYS HB3  H N N 85  
CYS HG   H N N 86  
CYS HXT  H N N 87  
GLN N    N N N 88  
GLN CA   C N S 89  
GLN C    C N N 90  
GLN O    O N N 91  
GLN CB   C N N 92  
GLN CG   C N N 93  
GLN CD   C N N 94  
GLN OE1  O N N 95  
GLN NE2  N N N 96  
GLN OXT  O N N 97  
GLN H    H N N 98  
GLN H2   H N N 99  
GLN HA   H N N 100 
GLN HB2  H N N 101 
GLN HB3  H N N 102 
GLN HG2  H N N 103 
GLN HG3  H N N 104 
GLN HE21 H N N 105 
GLN HE22 H N N 106 
GLN HXT  H N N 107 
GLU N    N N N 108 
GLU CA   C N S 109 
GLU C    C N N 110 
GLU O    O N N 111 
GLU CB   C N N 112 
GLU CG   C N N 113 
GLU CD   C N N 114 
GLU OE1  O N N 115 
GLU OE2  O N N 116 
GLU OXT  O N N 117 
GLU H    H N N 118 
GLU H2   H N N 119 
GLU HA   H N N 120 
GLU HB2  H N N 121 
GLU HB3  H N N 122 
GLU HG2  H N N 123 
GLU HG3  H N N 124 
GLU HE2  H N N 125 
GLU HXT  H N N 126 
GLY N    N N N 127 
GLY CA   C N N 128 
GLY C    C N N 129 
GLY O    O N N 130 
GLY OXT  O N N 131 
GLY H    H N N 132 
GLY H2   H N N 133 
GLY HA2  H N N 134 
GLY HA3  H N N 135 
GLY HXT  H N N 136 
HIS N    N N N 137 
HIS CA   C N S 138 
HIS C    C N N 139 
HIS O    O N N 140 
HIS CB   C N N 141 
HIS CG   C Y N 142 
HIS ND1  N Y N 143 
HIS CD2  C Y N 144 
HIS CE1  C Y N 145 
HIS NE2  N Y N 146 
HIS OXT  O N N 147 
HIS H    H N N 148 
HIS H2   H N N 149 
HIS HA   H N N 150 
HIS HB2  H N N 151 
HIS HB3  H N N 152 
HIS HD1  H N N 153 
HIS HD2  H N N 154 
HIS HE1  H N N 155 
HIS HE2  H N N 156 
HIS HXT  H N N 157 
HOH O    O N N 158 
HOH H1   H N N 159 
HOH H2   H N N 160 
ILE N    N N N 161 
ILE CA   C N S 162 
ILE C    C N N 163 
ILE O    O N N 164 
ILE CB   C N S 165 
ILE CG1  C N N 166 
ILE CG2  C N N 167 
ILE CD1  C N N 168 
ILE OXT  O N N 169 
ILE H    H N N 170 
ILE H2   H N N 171 
ILE HA   H N N 172 
ILE HB   H N N 173 
ILE HG12 H N N 174 
ILE HG13 H N N 175 
ILE HG21 H N N 176 
ILE HG22 H N N 177 
ILE HG23 H N N 178 
ILE HD11 H N N 179 
ILE HD12 H N N 180 
ILE HD13 H N N 181 
ILE HXT  H N N 182 
LEU N    N N N 183 
LEU CA   C N S 184 
LEU C    C N N 185 
LEU O    O N N 186 
LEU CB   C N N 187 
LEU CG   C N N 188 
LEU CD1  C N N 189 
LEU CD2  C N N 190 
LEU OXT  O N N 191 
LEU H    H N N 192 
LEU H2   H N N 193 
LEU HA   H N N 194 
LEU HB2  H N N 195 
LEU HB3  H N N 196 
LEU HG   H N N 197 
LEU HD11 H N N 198 
LEU HD12 H N N 199 
LEU HD13 H N N 200 
LEU HD21 H N N 201 
LEU HD22 H N N 202 
LEU HD23 H N N 203 
LEU HXT  H N N 204 
LYS N    N N N 205 
LYS CA   C N S 206 
LYS C    C N N 207 
LYS O    O N N 208 
LYS CB   C N N 209 
LYS CG   C N N 210 
LYS CD   C N N 211 
LYS CE   C N N 212 
LYS NZ   N N N 213 
LYS OXT  O N N 214 
LYS H    H N N 215 
LYS H2   H N N 216 
LYS HA   H N N 217 
LYS HB2  H N N 218 
LYS HB3  H N N 219 
LYS HG2  H N N 220 
LYS HG3  H N N 221 
LYS HD2  H N N 222 
LYS HD3  H N N 223 
LYS HE2  H N N 224 
LYS HE3  H N N 225 
LYS HZ1  H N N 226 
LYS HZ2  H N N 227 
LYS HZ3  H N N 228 
LYS HXT  H N N 229 
MET N    N N N 230 
MET CA   C N S 231 
MET C    C N N 232 
MET O    O N N 233 
MET CB   C N N 234 
MET CG   C N N 235 
MET SD   S N N 236 
MET CE   C N N 237 
MET OXT  O N N 238 
MET H    H N N 239 
MET H2   H N N 240 
MET HA   H N N 241 
MET HB2  H N N 242 
MET HB3  H N N 243 
MET HG2  H N N 244 
MET HG3  H N N 245 
MET HE1  H N N 246 
MET HE2  H N N 247 
MET HE3  H N N 248 
MET HXT  H N N 249 
PHE N    N N N 250 
PHE CA   C N S 251 
PHE C    C N N 252 
PHE O    O N N 253 
PHE CB   C N N 254 
PHE CG   C Y N 255 
PHE CD1  C Y N 256 
PHE CD2  C Y N 257 
PHE CE1  C Y N 258 
PHE CE2  C Y N 259 
PHE CZ   C Y N 260 
PHE OXT  O N N 261 
PHE H    H N N 262 
PHE H2   H N N 263 
PHE HA   H N N 264 
PHE HB2  H N N 265 
PHE HB3  H N N 266 
PHE HD1  H N N 267 
PHE HD2  H N N 268 
PHE HE1  H N N 269 
PHE HE2  H N N 270 
PHE HZ   H N N 271 
PHE HXT  H N N 272 
PRO N    N N N 273 
PRO CA   C N S 274 
PRO C    C N N 275 
PRO O    O N N 276 
PRO CB   C N N 277 
PRO CG   C N N 278 
PRO CD   C N N 279 
PRO OXT  O N N 280 
PRO H    H N N 281 
PRO HA   H N N 282 
PRO HB2  H N N 283 
PRO HB3  H N N 284 
PRO HG2  H N N 285 
PRO HG3  H N N 286 
PRO HD2  H N N 287 
PRO HD3  H N N 288 
PRO HXT  H N N 289 
SER N    N N N 290 
SER CA   C N S 291 
SER C    C N N 292 
SER O    O N N 293 
SER CB   C N N 294 
SER OG   O N N 295 
SER OXT  O N N 296 
SER H    H N N 297 
SER H2   H N N 298 
SER HA   H N N 299 
SER HB2  H N N 300 
SER HB3  H N N 301 
SER HG   H N N 302 
SER HXT  H N N 303 
THR N    N N N 304 
THR CA   C N S 305 
THR C    C N N 306 
THR O    O N N 307 
THR CB   C N R 308 
THR OG1  O N N 309 
THR CG2  C N N 310 
THR OXT  O N N 311 
THR H    H N N 312 
THR H2   H N N 313 
THR HA   H N N 314 
THR HB   H N N 315 
THR HG1  H N N 316 
THR HG21 H N N 317 
THR HG22 H N N 318 
THR HG23 H N N 319 
THR HXT  H N N 320 
TRP N    N N N 321 
TRP CA   C N S 322 
TRP C    C N N 323 
TRP O    O N N 324 
TRP CB   C N N 325 
TRP CG   C Y N 326 
TRP CD1  C Y N 327 
TRP CD2  C Y N 328 
TRP NE1  N Y N 329 
TRP CE2  C Y N 330 
TRP CE3  C Y N 331 
TRP CZ2  C Y N 332 
TRP CZ3  C Y N 333 
TRP CH2  C Y N 334 
TRP OXT  O N N 335 
TRP H    H N N 336 
TRP H2   H N N 337 
TRP HA   H N N 338 
TRP HB2  H N N 339 
TRP HB3  H N N 340 
TRP HD1  H N N 341 
TRP HE1  H N N 342 
TRP HE3  H N N 343 
TRP HZ2  H N N 344 
TRP HZ3  H N N 345 
TRP HH2  H N N 346 
TRP HXT  H N N 347 
TYR N    N N N 348 
TYR CA   C N S 349 
TYR C    C N N 350 
TYR O    O N N 351 
TYR CB   C N N 352 
TYR CG   C Y N 353 
TYR CD1  C Y N 354 
TYR CD2  C Y N 355 
TYR CE1  C Y N 356 
TYR CE2  C Y N 357 
TYR CZ   C Y N 358 
TYR OH   O N N 359 
TYR OXT  O N N 360 
TYR H    H N N 361 
TYR H2   H N N 362 
TYR HA   H N N 363 
TYR HB2  H N N 364 
TYR HB3  H N N 365 
TYR HD1  H N N 366 
TYR HD2  H N N 367 
TYR HE1  H N N 368 
TYR HE2  H N N 369 
TYR HH   H N N 370 
TYR HXT  H N N 371 
VAL N    N N N 372 
VAL CA   C N S 373 
VAL C    C N N 374 
VAL O    O N N 375 
VAL CB   C N N 376 
VAL CG1  C N N 377 
VAL CG2  C N N 378 
VAL OXT  O N N 379 
VAL H    H N N 380 
VAL H2   H N N 381 
VAL HA   H N N 382 
VAL HB   H N N 383 
VAL HG11 H N N 384 
VAL HG12 H N N 385 
VAL HG13 H N N 386 
VAL HG21 H N N 387 
VAL HG22 H N N 388 
VAL HG23 H N N 389 
VAL HXT  H N N 390 
# 
loop_
_chem_comp_bond.comp_id 
_chem_comp_bond.atom_id_1 
_chem_comp_bond.atom_id_2 
_chem_comp_bond.value_order 
_chem_comp_bond.pdbx_aromatic_flag 
_chem_comp_bond.pdbx_stereo_config 
_chem_comp_bond.pdbx_ordinal 
ALA N   CA   sing N N 1   
ALA N   H    sing N N 2   
ALA N   H2   sing N N 3   
ALA CA  C    sing N N 4   
ALA CA  CB   sing N N 5   
ALA CA  HA   sing N N 6   
ALA C   O    doub N N 7   
ALA C   OXT  sing N N 8   
ALA CB  HB1  sing N N 9   
ALA CB  HB2  sing N N 10  
ALA CB  HB3  sing N N 11  
ALA OXT HXT  sing N N 12  
ARG N   CA   sing N N 13  
ARG N   H    sing N N 14  
ARG N   H2   sing N N 15  
ARG CA  C    sing N N 16  
ARG CA  CB   sing N N 17  
ARG CA  HA   sing N N 18  
ARG C   O    doub N N 19  
ARG C   OXT  sing N N 20  
ARG CB  CG   sing N N 21  
ARG CB  HB2  sing N N 22  
ARG CB  HB3  sing N N 23  
ARG CG  CD   sing N N 24  
ARG CG  HG2  sing N N 25  
ARG CG  HG3  sing N N 26  
ARG CD  NE   sing N N 27  
ARG CD  HD2  sing N N 28  
ARG CD  HD3  sing N N 29  
ARG NE  CZ   sing N N 30  
ARG NE  HE   sing N N 31  
ARG CZ  NH1  sing N N 32  
ARG CZ  NH2  doub N N 33  
ARG NH1 HH11 sing N N 34  
ARG NH1 HH12 sing N N 35  
ARG NH2 HH21 sing N N 36  
ARG NH2 HH22 sing N N 37  
ARG OXT HXT  sing N N 38  
ASN N   CA   sing N N 39  
ASN N   H    sing N N 40  
ASN N   H2   sing N N 41  
ASN CA  C    sing N N 42  
ASN CA  CB   sing N N 43  
ASN CA  HA   sing N N 44  
ASN C   O    doub N N 45  
ASN C   OXT  sing N N 46  
ASN CB  CG   sing N N 47  
ASN CB  HB2  sing N N 48  
ASN CB  HB3  sing N N 49  
ASN CG  OD1  doub N N 50  
ASN CG  ND2  sing N N 51  
ASN ND2 HD21 sing N N 52  
ASN ND2 HD22 sing N N 53  
ASN OXT HXT  sing N N 54  
ASP N   CA   sing N N 55  
ASP N   H    sing N N 56  
ASP N   H2   sing N N 57  
ASP CA  C    sing N N 58  
ASP CA  CB   sing N N 59  
ASP CA  HA   sing N N 60  
ASP C   O    doub N N 61  
ASP C   OXT  sing N N 62  
ASP CB  CG   sing N N 63  
ASP CB  HB2  sing N N 64  
ASP CB  HB3  sing N N 65  
ASP CG  OD1  doub N N 66  
ASP CG  OD2  sing N N 67  
ASP OD2 HD2  sing N N 68  
ASP OXT HXT  sing N N 69  
CYS N   CA   sing N N 70  
CYS N   H    sing N N 71  
CYS N   H2   sing N N 72  
CYS CA  C    sing N N 73  
CYS CA  CB   sing N N 74  
CYS CA  HA   sing N N 75  
CYS C   O    doub N N 76  
CYS C   OXT  sing N N 77  
CYS CB  SG   sing N N 78  
CYS CB  HB2  sing N N 79  
CYS CB  HB3  sing N N 80  
CYS SG  HG   sing N N 81  
CYS OXT HXT  sing N N 82  
GLN N   CA   sing N N 83  
GLN N   H    sing N N 84  
GLN N   H2   sing N N 85  
GLN CA  C    sing N N 86  
GLN CA  CB   sing N N 87  
GLN CA  HA   sing N N 88  
GLN C   O    doub N N 89  
GLN C   OXT  sing N N 90  
GLN CB  CG   sing N N 91  
GLN CB  HB2  sing N N 92  
GLN CB  HB3  sing N N 93  
GLN CG  CD   sing N N 94  
GLN CG  HG2  sing N N 95  
GLN CG  HG3  sing N N 96  
GLN CD  OE1  doub N N 97  
GLN CD  NE2  sing N N 98  
GLN NE2 HE21 sing N N 99  
GLN NE2 HE22 sing N N 100 
GLN OXT HXT  sing N N 101 
GLU N   CA   sing N N 102 
GLU N   H    sing N N 103 
GLU N   H2   sing N N 104 
GLU CA  C    sing N N 105 
GLU CA  CB   sing N N 106 
GLU CA  HA   sing N N 107 
GLU C   O    doub N N 108 
GLU C   OXT  sing N N 109 
GLU CB  CG   sing N N 110 
GLU CB  HB2  sing N N 111 
GLU CB  HB3  sing N N 112 
GLU CG  CD   sing N N 113 
GLU CG  HG2  sing N N 114 
GLU CG  HG3  sing N N 115 
GLU CD  OE1  doub N N 116 
GLU CD  OE2  sing N N 117 
GLU OE2 HE2  sing N N 118 
GLU OXT HXT  sing N N 119 
GLY N   CA   sing N N 120 
GLY N   H    sing N N 121 
GLY N   H2   sing N N 122 
GLY CA  C    sing N N 123 
GLY CA  HA2  sing N N 124 
GLY CA  HA3  sing N N 125 
GLY C   O    doub N N 126 
GLY C   OXT  sing N N 127 
GLY OXT HXT  sing N N 128 
HIS N   CA   sing N N 129 
HIS N   H    sing N N 130 
HIS N   H2   sing N N 131 
HIS CA  C    sing N N 132 
HIS CA  CB   sing N N 133 
HIS CA  HA   sing N N 134 
HIS C   O    doub N N 135 
HIS C   OXT  sing N N 136 
HIS CB  CG   sing N N 137 
HIS CB  HB2  sing N N 138 
HIS CB  HB3  sing N N 139 
HIS CG  ND1  sing Y N 140 
HIS CG  CD2  doub Y N 141 
HIS ND1 CE1  doub Y N 142 
HIS ND1 HD1  sing N N 143 
HIS CD2 NE2  sing Y N 144 
HIS CD2 HD2  sing N N 145 
HIS CE1 NE2  sing Y N 146 
HIS CE1 HE1  sing N N 147 
HIS NE2 HE2  sing N N 148 
HIS OXT HXT  sing N N 149 
HOH O   H1   sing N N 150 
HOH O   H2   sing N N 151 
ILE N   CA   sing N N 152 
ILE N   H    sing N N 153 
ILE N   H2   sing N N 154 
ILE CA  C    sing N N 155 
ILE CA  CB   sing N N 156 
ILE CA  HA   sing N N 157 
ILE C   O    doub N N 158 
ILE C   OXT  sing N N 159 
ILE CB  CG1  sing N N 160 
ILE CB  CG2  sing N N 161 
ILE CB  HB   sing N N 162 
ILE CG1 CD1  sing N N 163 
ILE CG1 HG12 sing N N 164 
ILE CG1 HG13 sing N N 165 
ILE CG2 HG21 sing N N 166 
ILE CG2 HG22 sing N N 167 
ILE CG2 HG23 sing N N 168 
ILE CD1 HD11 sing N N 169 
ILE CD1 HD12 sing N N 170 
ILE CD1 HD13 sing N N 171 
ILE OXT HXT  sing N N 172 
LEU N   CA   sing N N 173 
LEU N   H    sing N N 174 
LEU N   H2   sing N N 175 
LEU CA  C    sing N N 176 
LEU CA  CB   sing N N 177 
LEU CA  HA   sing N N 178 
LEU C   O    doub N N 179 
LEU C   OXT  sing N N 180 
LEU CB  CG   sing N N 181 
LEU CB  HB2  sing N N 182 
LEU CB  HB3  sing N N 183 
LEU CG  CD1  sing N N 184 
LEU CG  CD2  sing N N 185 
LEU CG  HG   sing N N 186 
LEU CD1 HD11 sing N N 187 
LEU CD1 HD12 sing N N 188 
LEU CD1 HD13 sing N N 189 
LEU CD2 HD21 sing N N 190 
LEU CD2 HD22 sing N N 191 
LEU CD2 HD23 sing N N 192 
LEU OXT HXT  sing N N 193 
LYS N   CA   sing N N 194 
LYS N   H    sing N N 195 
LYS N   H2   sing N N 196 
LYS CA  C    sing N N 197 
LYS CA  CB   sing N N 198 
LYS CA  HA   sing N N 199 
LYS C   O    doub N N 200 
LYS C   OXT  sing N N 201 
LYS CB  CG   sing N N 202 
LYS CB  HB2  sing N N 203 
LYS CB  HB3  sing N N 204 
LYS CG  CD   sing N N 205 
LYS CG  HG2  sing N N 206 
LYS CG  HG3  sing N N 207 
LYS CD  CE   sing N N 208 
LYS CD  HD2  sing N N 209 
LYS CD  HD3  sing N N 210 
LYS CE  NZ   sing N N 211 
LYS CE  HE2  sing N N 212 
LYS CE  HE3  sing N N 213 
LYS NZ  HZ1  sing N N 214 
LYS NZ  HZ2  sing N N 215 
LYS NZ  HZ3  sing N N 216 
LYS OXT HXT  sing N N 217 
MET N   CA   sing N N 218 
MET N   H    sing N N 219 
MET N   H2   sing N N 220 
MET CA  C    sing N N 221 
MET CA  CB   sing N N 222 
MET CA  HA   sing N N 223 
MET C   O    doub N N 224 
MET C   OXT  sing N N 225 
MET CB  CG   sing N N 226 
MET CB  HB2  sing N N 227 
MET CB  HB3  sing N N 228 
MET CG  SD   sing N N 229 
MET CG  HG2  sing N N 230 
MET CG  HG3  sing N N 231 
MET SD  CE   sing N N 232 
MET CE  HE1  sing N N 233 
MET CE  HE2  sing N N 234 
MET CE  HE3  sing N N 235 
MET OXT HXT  sing N N 236 
PHE N   CA   sing N N 237 
PHE N   H    sing N N 238 
PHE N   H2   sing N N 239 
PHE CA  C    sing N N 240 
PHE CA  CB   sing N N 241 
PHE CA  HA   sing N N 242 
PHE C   O    doub N N 243 
PHE C   OXT  sing N N 244 
PHE CB  CG   sing N N 245 
PHE CB  HB2  sing N N 246 
PHE CB  HB3  sing N N 247 
PHE CG  CD1  doub Y N 248 
PHE CG  CD2  sing Y N 249 
PHE CD1 CE1  sing Y N 250 
PHE CD1 HD1  sing N N 251 
PHE CD2 CE2  doub Y N 252 
PHE CD2 HD2  sing N N 253 
PHE CE1 CZ   doub Y N 254 
PHE CE1 HE1  sing N N 255 
PHE CE2 CZ   sing Y N 256 
PHE CE2 HE2  sing N N 257 
PHE CZ  HZ   sing N N 258 
PHE OXT HXT  sing N N 259 
PRO N   CA   sing N N 260 
PRO N   CD   sing N N 261 
PRO N   H    sing N N 262 
PRO CA  C    sing N N 263 
PRO CA  CB   sing N N 264 
PRO CA  HA   sing N N 265 
PRO C   O    doub N N 266 
PRO C   OXT  sing N N 267 
PRO CB  CG   sing N N 268 
PRO CB  HB2  sing N N 269 
PRO CB  HB3  sing N N 270 
PRO CG  CD   sing N N 271 
PRO CG  HG2  sing N N 272 
PRO CG  HG3  sing N N 273 
PRO CD  HD2  sing N N 274 
PRO CD  HD3  sing N N 275 
PRO OXT HXT  sing N N 276 
SER N   CA   sing N N 277 
SER N   H    sing N N 278 
SER N   H2   sing N N 279 
SER CA  C    sing N N 280 
SER CA  CB   sing N N 281 
SER CA  HA   sing N N 282 
SER C   O    doub N N 283 
SER C   OXT  sing N N 284 
SER CB  OG   sing N N 285 
SER CB  HB2  sing N N 286 
SER CB  HB3  sing N N 287 
SER OG  HG   sing N N 288 
SER OXT HXT  sing N N 289 
THR N   CA   sing N N 290 
THR N   H    sing N N 291 
THR N   H2   sing N N 292 
THR CA  C    sing N N 293 
THR CA  CB   sing N N 294 
THR CA  HA   sing N N 295 
THR C   O    doub N N 296 
THR C   OXT  sing N N 297 
THR CB  OG1  sing N N 298 
THR CB  CG2  sing N N 299 
THR CB  HB   sing N N 300 
THR OG1 HG1  sing N N 301 
THR CG2 HG21 sing N N 302 
THR CG2 HG22 sing N N 303 
THR CG2 HG23 sing N N 304 
THR OXT HXT  sing N N 305 
TRP N   CA   sing N N 306 
TRP N   H    sing N N 307 
TRP N   H2   sing N N 308 
TRP CA  C    sing N N 309 
TRP CA  CB   sing N N 310 
TRP CA  HA   sing N N 311 
TRP C   O    doub N N 312 
TRP C   OXT  sing N N 313 
TRP CB  CG   sing N N 314 
TRP CB  HB2  sing N N 315 
TRP CB  HB3  sing N N 316 
TRP CG  CD1  doub Y N 317 
TRP CG  CD2  sing Y N 318 
TRP CD1 NE1  sing Y N 319 
TRP CD1 HD1  sing N N 320 
TRP CD2 CE2  doub Y N 321 
TRP CD2 CE3  sing Y N 322 
TRP NE1 CE2  sing Y N 323 
TRP NE1 HE1  sing N N 324 
TRP CE2 CZ2  sing Y N 325 
TRP CE3 CZ3  doub Y N 326 
TRP CE3 HE3  sing N N 327 
TRP CZ2 CH2  doub Y N 328 
TRP CZ2 HZ2  sing N N 329 
TRP CZ3 CH2  sing Y N 330 
TRP CZ3 HZ3  sing N N 331 
TRP CH2 HH2  sing N N 332 
TRP OXT HXT  sing N N 333 
TYR N   CA   sing N N 334 
TYR N   H    sing N N 335 
TYR N   H2   sing N N 336 
TYR CA  C    sing N N 337 
TYR CA  CB   sing N N 338 
TYR CA  HA   sing N N 339 
TYR C   O    doub N N 340 
TYR C   OXT  sing N N 341 
TYR CB  CG   sing N N 342 
TYR CB  HB2  sing N N 343 
TYR CB  HB3  sing N N 344 
TYR CG  CD1  doub Y N 345 
TYR CG  CD2  sing Y N 346 
TYR CD1 CE1  sing Y N 347 
TYR CD1 HD1  sing N N 348 
TYR CD2 CE2  doub Y N 349 
TYR CD2 HD2  sing N N 350 
TYR CE1 CZ   doub Y N 351 
TYR CE1 HE1  sing N N 352 
TYR CE2 CZ   sing Y N 353 
TYR CE2 HE2  sing N N 354 
TYR CZ  OH   sing N N 355 
TYR OH  HH   sing N N 356 
TYR OXT HXT  sing N N 357 
VAL N   CA   sing N N 358 
VAL N   H    sing N N 359 
VAL N   H2   sing N N 360 
VAL CA  C    sing N N 361 
VAL CA  CB   sing N N 362 
VAL CA  HA   sing N N 363 
VAL C   O    doub N N 364 
VAL C   OXT  sing N N 365 
VAL CB  CG1  sing N N 366 
VAL CB  CG2  sing N N 367 
VAL CB  HB   sing N N 368 
VAL CG1 HG11 sing N N 369 
VAL CG1 HG12 sing N N 370 
VAL CG1 HG13 sing N N 371 
VAL CG2 HG21 sing N N 372 
VAL CG2 HG22 sing N N 373 
VAL CG2 HG23 sing N N 374 
VAL OXT HXT  sing N N 375 
# 
_atom_sites.entry_id                    4MGS 
_atom_sites.fract_transf_matrix[1][1]   -0.01845013 
_atom_sites.fract_transf_matrix[1][2]   0.00267763 
_atom_sites.fract_transf_matrix[1][3]   -0.00346126 
_atom_sites.fract_transf_matrix[2][1]   0.00137932 
_atom_sites.fract_transf_matrix[2][2]   -0.00377408 
_atom_sites.fract_transf_matrix[2][3]   -0.01027203 
_atom_sites.fract_transf_matrix[3][1]   -0.00625728 
_atom_sites.fract_transf_matrix[3][2]   -0.02996853 
_atom_sites.fract_transf_matrix[3][3]   0.01017061 
_atom_sites.fract_transf_vector[1]      0.062195 
_atom_sites.fract_transf_vector[2]      1.154695 
_atom_sites.fract_transf_vector[3]      0.363638 
# 
loop_
_atom_type.symbol 
C 
N 
O 
S 
# 
loop_
_atom_site.group_PDB 
_atom_site.id 
_atom_site.type_symbol 
_atom_site.label_atom_id 
_atom_site.label_alt_id 
_atom_site.label_comp_id 
_atom_site.label_asym_id 
_atom_site.label_entity_id 
_atom_site.label_seq_id 
_atom_site.pdbx_PDB_ins_code 
_atom_site.Cartn_x 
_atom_site.Cartn_y 
_atom_site.Cartn_z 
_atom_site.occupancy 
_atom_site.B_iso_or_equiv 
_atom_site.pdbx_formal_charge 
_atom_site.auth_seq_id 
_atom_site.auth_comp_id 
_atom_site.auth_asym_id 
_atom_site.auth_atom_id 
_atom_site.pdbx_PDB_model_num 
ATOM   1    N N   . ASP A 1 8   ? 14.002  -10.042 11.880  1.00 25.98 ? 160 ASP A N   1 
ATOM   2    C CA  . ASP A 1 8   ? 13.690  -8.669  11.483  1.00 25.73 ? 160 ASP A CA  1 
ATOM   3    C C   . ASP A 1 8   ? 13.056  -7.896  12.634  1.00 25.30 ? 160 ASP A C   1 
ATOM   4    O O   . ASP A 1 8   ? 12.059  -8.332  13.207  1.00 23.59 ? 160 ASP A O   1 
ATOM   5    C CB  . ASP A 1 8   ? 12.735  -8.645  10.282  1.00 19.79 ? 160 ASP A CB  1 
ATOM   6    C CG  . ASP A 1 8   ? 13.406  -9.047  8.988   1.00 20.94 ? 160 ASP A CG  1 
ATOM   7    O OD1 . ASP A 1 8   ? 14.629  -8.834  8.856   1.00 22.14 ? 160 ASP A OD1 1 
ATOM   8    O OD2 . ASP A 1 8   ? 12.704  -9.566  8.093   1.00 23.78 ? 160 ASP A OD2 1 
ATOM   9    N N   . LYS A 1 9   ? 13.628  -6.746  12.966  1.00 18.31 ? 161 LYS A N   1 
ATOM   10   C CA  . LYS A 1 9   ? 13.056  -5.895  14.007  1.00 17.89 ? 161 LYS A CA  1 
ATOM   11   C C   . LYS A 1 9   ? 12.061  -4.920  13.408  1.00 20.36 ? 161 LYS A C   1 
ATOM   12   O O   . LYS A 1 9   ? 12.346  -4.305  12.382  1.00 16.68 ? 161 LYS A O   1 
ATOM   13   C CB  . LYS A 1 9   ? 14.155  -5.119  14.728  1.00 19.17 ? 161 LYS A CB  1 
ATOM   14   C CG  . LYS A 1 9   ? 15.071  -6.012  15.563  1.00 34.57 ? 161 LYS A CG  1 
ATOM   15   C CD  . LYS A 1 9   ? 15.890  -5.181  16.531  1.00 45.09 ? 161 LYS A CD  1 
ATOM   16   C CE  . LYS A 1 9   ? 15.014  -4.572  17.607  1.00 41.74 ? 161 LYS A CE  1 
ATOM   17   N NZ  . LYS A 1 9   ? 15.835  -3.748  18.522  1.00 51.74 ? 161 LYS A NZ  1 
ATOM   18   N N   . VAL A 1 10  ? 10.909  -4.761  14.055  1.00 18.80 ? 162 VAL A N   1 
ATOM   19   C CA  . VAL A 1 10  ? 9.847   -3.898  13.528  1.00 14.52 ? 162 VAL A CA  1 
ATOM   20   C C   . VAL A 1 10  ? 9.997   -2.434  13.922  1.00 18.79 ? 162 VAL A C   1 
ATOM   21   O O   . VAL A 1 10  ? 9.937   -2.081  15.096  1.00 18.12 ? 162 VAL A O   1 
ATOM   22   C CB  . VAL A 1 10  ? 8.448   -4.406  13.954  1.00 18.15 ? 162 VAL A CB  1 
ATOM   23   C CG1 . VAL A 1 10  ? 7.363   -3.493  13.411  1.00 20.78 ? 162 VAL A CG1 1 
ATOM   24   C CG2 . VAL A 1 10  ? 8.242   -5.820  13.461  1.00 16.85 ? 162 VAL A CG2 1 
ATOM   25   N N   . ASP A 1 11  ? 10.175  -1.573  12.929  1.00 14.17 ? 163 ASP A N   1 
ATOM   26   C CA  . ASP A 1 11  ? 10.246  -0.143  13.185  1.00 17.67 ? 163 ASP A CA  1 
ATOM   27   C C   . ASP A 1 11  ? 8.864   0.496   13.214  1.00 20.30 ? 163 ASP A C   1 
ATOM   28   O O   . ASP A 1 11  ? 8.636   1.487   13.917  1.00 15.53 ? 163 ASP A O   1 
ATOM   29   C CB  . ASP A 1 11  ? 11.073  0.530   12.097  1.00 14.42 ? 163 ASP A CB  1 
ATOM   30   C CG  . ASP A 1 11  ? 12.516  0.100   12.120  1.00 22.47 ? 163 ASP A CG  1 
ATOM   31   O OD1 . ASP A 1 11  ? 13.246  0.546   13.022  1.00 22.29 ? 163 ASP A OD1 1 
ATOM   32   O OD2 . ASP A 1 11  ? 12.924  -0.672  11.231  1.00 17.40 ? 163 ASP A OD2 1 
ATOM   33   N N   . TYR A 1 12  ? 7.948   -0.072  12.435  1.00 13.59 ? 164 TYR A N   1 
ATOM   34   C CA  . TYR A 1 12  ? 6.625   0.513   12.236  1.00 14.06 ? 164 TYR A CA  1 
ATOM   35   C C   . TYR A 1 12  ? 5.652   -0.566  11.803  1.00 15.24 ? 164 TYR A C   1 
ATOM   36   O O   . TYR A 1 12  ? 5.975   -1.408  10.962  1.00 13.75 ? 164 TYR A O   1 
ATOM   37   C CB  . TYR A 1 12  ? 6.694   1.601   11.158  1.00 15.54 ? 164 TYR A CB  1 
ATOM   38   C CG  . TYR A 1 12  ? 5.362   2.219   10.771  1.00 15.84 ? 164 TYR A CG  1 
ATOM   39   C CD1 . TYR A 1 12  ? 4.514   1.590   9.866   1.00 17.32 ? 164 TYR A CD1 1 
ATOM   40   C CD2 . TYR A 1 12  ? 4.965   3.439   11.295  1.00 17.27 ? 164 TYR A CD2 1 
ATOM   41   C CE1 . TYR A 1 12  ? 3.310   2.147   9.507   1.00 17.55 ? 164 TYR A CE1 1 
ATOM   42   C CE2 . TYR A 1 12  ? 3.751   4.013   10.936  1.00 21.71 ? 164 TYR A CE2 1 
ATOM   43   C CZ  . TYR A 1 12  ? 2.934   3.354   10.037  1.00 21.88 ? 164 TYR A CZ  1 
ATOM   44   O OH  . TYR A 1 12  ? 1.726   3.883   9.646   1.00 23.52 ? 164 TYR A OH  1 
ATOM   45   N N   . GLU A 1 13  ? 4.454   -0.532  12.368  1.00 11.89 ? 165 GLU A N   1 
ATOM   46   C CA  . GLU A 1 13  ? 3.399   -1.442  11.949  1.00 13.44 ? 165 GLU A CA  1 
ATOM   47   C C   . GLU A 1 13  ? 2.056   -0.717  11.971  1.00 18.50 ? 165 GLU A C   1 
ATOM   48   O O   . GLU A 1 13  ? 1.753   0.011   12.927  1.00 14.34 ? 165 GLU A O   1 
ATOM   49   C CB  . GLU A 1 13  ? 3.351   -2.659  12.876  1.00 13.77 ? 165 GLU A CB  1 
ATOM   50   C CG  . GLU A 1 13  ? 2.197   -3.627  12.580  1.00 20.42 ? 165 GLU A CG  1 
ATOM   51   C CD  . GLU A 1 13  ? 2.204   -4.853  13.492  1.00 31.02 ? 165 GLU A CD  1 
ATOM   52   O OE1 . GLU A 1 13  ? 3.059   -4.912  14.402  1.00 35.59 ? 165 GLU A OE1 1 
ATOM   53   O OE2 . GLU A 1 13  ? 1.357   -5.754  13.295  1.00 28.96 ? 165 GLU A OE2 1 
ATOM   54   N N   . ILE A 1 14  ? 1.274   -0.876  10.904  1.00 14.12 ? 166 ILE A N   1 
ATOM   55   C CA  . ILE A 1 14  ? -0.160  -0.607  10.980  1.00 14.13 ? 166 ILE A CA  1 
ATOM   56   C C   . ILE A 1 14  ? -0.910  -1.902  10.678  1.00 13.33 ? 166 ILE A C   1 
ATOM   57   O O   . ILE A 1 14  ? -0.698  -2.535  9.630   1.00 10.70 ? 166 ILE A O   1 
ATOM   58   C CB  . ILE A 1 14  ? -0.617  0.585   10.092  1.00 19.09 ? 166 ILE A CB  1 
ATOM   59   C CG1 . ILE A 1 14  ? -2.139  0.747   10.167  1.00 22.88 ? 166 ILE A CG1 1 
ATOM   60   C CG2 . ILE A 1 14  ? -0.158  0.434   8.638   1.00 13.45 ? 166 ILE A CG2 1 
ATOM   61   C CD1 . ILE A 1 14  ? -2.593  2.179   10.210  1.00 24.83 ? 166 ILE A CD1 1 
ATOM   62   N N   . ASP A 1 15  ? -1.750  -2.313  11.623  1.00 13.73 ? 167 ASP A N   1 
ATOM   63   C CA  . ASP A 1 15  ? -2.481  -3.569  11.532  1.00 15.74 ? 167 ASP A CA  1 
ATOM   64   C C   . ASP A 1 15  ? -3.972  -3.281  11.350  1.00 15.82 ? 167 ASP A C   1 
ATOM   65   O O   . ASP A 1 15  ? -4.670  -2.953  12.309  1.00 16.95 ? 167 ASP A O   1 
ATOM   66   C CB  . ASP A 1 15  ? -2.218  -4.393  12.801  1.00 16.87 ? 167 ASP A CB  1 
ATOM   67   C CG  . ASP A 1 15  ? -3.000  -5.694  12.846  1.00 29.92 ? 167 ASP A CG  1 
ATOM   68   O OD1 . ASP A 1 15  ? -3.642  -6.072  11.844  1.00 21.33 ? 167 ASP A OD1 1 
ATOM   69   O OD2 . ASP A 1 15  ? -2.956  -6.351  13.906  1.00 32.46 ? 167 ASP A OD2 1 
ATOM   70   N N   . TYR A 1 16  ? -4.461  -3.400  10.116  1.00 14.78 ? 168 TYR A N   1 
ATOM   71   C CA  . TYR A 1 16  ? -5.830  -3.010  9.814   1.00 13.09 ? 168 TYR A CA  1 
ATOM   72   C C   . TYR A 1 16  ? -6.863  -4.003  10.343  1.00 14.37 ? 168 TYR A C   1 
ATOM   73   O O   . TYR A 1 16  ? -8.061  -3.743  10.280  1.00 14.58 ? 168 TYR A O   1 
ATOM   74   C CB  . TYR A 1 16  ? -6.013  -2.790  8.310   1.00 13.72 ? 168 TYR A CB  1 
ATOM   75   C CG  . TYR A 1 16  ? -5.221  -1.623  7.752   1.00 12.03 ? 168 TYR A CG  1 
ATOM   76   C CD1 . TYR A 1 16  ? -5.557  -0.314  8.069   1.00 13.87 ? 168 TYR A CD1 1 
ATOM   77   C CD2 . TYR A 1 16  ? -4.151  -1.832  6.892   1.00 11.55 ? 168 TYR A CD2 1 
ATOM   78   C CE1 . TYR A 1 16  ? -4.848  0.755   7.553   1.00 14.78 ? 168 TYR A CE1 1 
ATOM   79   C CE2 . TYR A 1 16  ? -3.435  -0.767  6.366   1.00 13.27 ? 168 TYR A CE2 1 
ATOM   80   C CZ  . TYR A 1 16  ? -3.792  0.528   6.709   1.00 11.13 ? 168 TYR A CZ  1 
ATOM   81   O OH  . TYR A 1 16  ? -3.092  1.599   6.202   1.00 15.20 ? 168 TYR A OH  1 
ATOM   82   N N   . SER A 1 17  ? -6.413  -5.138  10.872  1.00 14.85 ? 169 SER A N   1 
ATOM   83   C CA  . SER A 1 17  ? -7.352  -6.056  11.501  1.00 17.51 ? 169 SER A CA  1 
ATOM   84   C C   . SER A 1 17  ? -7.906  -5.451  12.794  1.00 19.94 ? 169 SER A C   1 
ATOM   85   O O   . SER A 1 17  ? -8.959  -5.870  13.277  1.00 22.92 ? 169 SER A O   1 
ATOM   86   C CB  . SER A 1 17  ? -6.723  -7.434  11.754  1.00 21.38 ? 169 SER A CB  1 
ATOM   87   O OG  . SER A 1 17  ? -5.804  -7.400  12.829  1.00 24.19 ? 169 SER A OG  1 
ATOM   88   N N   . THR A 1 18  ? -7.211  -4.457  13.345  1.00 18.45 ? 170 THR A N   1 
ATOM   89   C CA  . THR A 1 18  ? -7.706  -3.771  14.540  1.00 24.95 ? 170 THR A CA  1 
ATOM   90   C C   . THR A 1 18  ? -7.832  -2.251  14.394  1.00 26.50 ? 170 THR A C   1 
ATOM   91   O O   . THR A 1 18  ? -8.813  -1.659  14.852  1.00 33.03 ? 170 THR A O   1 
ATOM   92   C CB  . THR A 1 18  ? -6.852  -4.100  15.774  1.00 28.73 ? 170 THR A CB  1 
ATOM   93   O OG1 . THR A 1 18  ? -5.475  -3.828  15.501  1.00 29.50 ? 170 THR A OG1 1 
ATOM   94   C CG2 . THR A 1 18  ? -6.990  -5.566  16.133  1.00 32.64 ? 170 THR A CG2 1 
ATOM   95   N N   . ALA A 1 19  ? -6.853  -1.623  13.749  1.00 18.24 ? 171 ALA A N   1 
ATOM   96   C CA  . ALA A 1 19  ? -6.821  -0.161  13.635  1.00 21.15 ? 171 ALA A CA  1 
ATOM   97   C C   . ALA A 1 19  ? -7.561  0.367   12.405  1.00 20.97 ? 171 ALA A C   1 
ATOM   98   O O   . ALA A 1 19  ? -7.734  -0.350  11.421  1.00 17.45 ? 171 ALA A O   1 
ATOM   99   C CB  . ALA A 1 19  ? -5.389  0.339   13.639  1.00 21.40 ? 171 ALA A CB  1 
ATOM   100  N N   . GLY A 1 20  ? -7.991  1.624   12.454  1.00 15.56 ? 172 GLY A N   1 
ATOM   101  C CA  . GLY A 1 20  ? -8.734  2.199   11.342  1.00 15.15 ? 172 GLY A CA  1 
ATOM   102  C C   . GLY A 1 20  ? -7.827  2.712   10.238  1.00 21.40 ? 172 GLY A C   1 
ATOM   103  O O   . GLY A 1 20  ? -6.603  2.731   10.401  1.00 18.99 ? 172 GLY A O   1 
ATOM   104  N N   . TYR A 1 21  ? -8.423  3.132   9.123   1.00 19.29 ? 173 TYR A N   1 
ATOM   105  C CA  . TYR A 1 21  ? -7.678  3.734   8.027   1.00 16.97 ? 173 TYR A CA  1 
ATOM   106  C C   . TYR A 1 21  ? -8.003  5.208   7.936   1.00 15.50 ? 173 TYR A C   1 
ATOM   107  O O   . TYR A 1 21  ? -9.165  5.576   7.761   1.00 19.03 ? 173 TYR A O   1 
ATOM   108  C CB  . TYR A 1 21  ? -8.049  3.082   6.693   1.00 16.06 ? 173 TYR A CB  1 
ATOM   109  C CG  . TYR A 1 21  ? -7.333  3.712   5.509   1.00 15.54 ? 173 TYR A CG  1 
ATOM   110  C CD1 . TYR A 1 21  ? -5.988  3.454   5.275   1.00 13.78 ? 173 TYR A CD1 1 
ATOM   111  C CD2 . TYR A 1 21  ? -7.997  4.565   4.630   1.00 15.27 ? 173 TYR A CD2 1 
ATOM   112  C CE1 . TYR A 1 21  ? -5.324  4.026   4.206   1.00 14.03 ? 173 TYR A CE1 1 
ATOM   113  C CE2 . TYR A 1 21  ? -7.337  5.137   3.552   1.00 16.34 ? 173 TYR A CE2 1 
ATOM   114  C CZ  . TYR A 1 21  ? -6.001  4.859   3.348   1.00 12.05 ? 173 TYR A CZ  1 
ATOM   115  O OH  . TYR A 1 21  ? -5.333  5.426   2.287   1.00 14.86 ? 173 TYR A OH  1 
ATOM   116  N N   . SER A 1 22  ? -6.985  6.054   8.024   1.00 15.03 ? 174 SER A N   1 
ATOM   117  C CA  . SER A 1 22  ? -7.222  7.491   7.957   1.00 16.12 ? 174 SER A CA  1 
ATOM   118  C C   . SER A 1 22  ? -6.142  8.225   7.178   1.00 21.07 ? 174 SER A C   1 
ATOM   119  O O   . SER A 1 22  ? -5.980  9.433   7.333   1.00 19.89 ? 174 SER A O   1 
ATOM   120  C CB  . SER A 1 22  ? -7.321  8.069   9.375   1.00 19.15 ? 174 SER A CB  1 
ATOM   121  O OG  . SER A 1 22  ? -6.134  7.783   10.094  1.00 26.87 ? 174 SER A OG  1 
ATOM   122  N N   . PHE A 1 23  ? -5.410  7.511   6.327   1.00 16.02 ? 175 PHE A N   1 
ATOM   123  C CA  . PHE A 1 23  ? -4.333  8.143   5.572   1.00 14.97 ? 175 PHE A CA  1 
ATOM   124  C C   . PHE A 1 23  ? -4.824  8.798   4.293   1.00 15.39 ? 175 PHE A C   1 
ATOM   125  O O   . PHE A 1 23  ? -5.969  8.608   3.882   1.00 17.93 ? 175 PHE A O   1 
ATOM   126  C CB  . PHE A 1 23  ? -3.257  7.117   5.218   1.00 15.72 ? 175 PHE A CB  1 
ATOM   127  C CG  . PHE A 1 23  ? -2.615  6.468   6.415   1.00 19.02 ? 175 PHE A CG  1 
ATOM   128  C CD1 . PHE A 1 23  ? -2.222  7.228   7.511   1.00 18.82 ? 175 PHE A CD1 1 
ATOM   129  C CD2 . PHE A 1 23  ? -2.407  5.097   6.442   1.00 14.77 ? 175 PHE A CD2 1 
ATOM   130  C CE1 . PHE A 1 23  ? -1.630  6.627   8.619   1.00 22.64 ? 175 PHE A CE1 1 
ATOM   131  C CE2 . PHE A 1 23  ? -1.817  4.484   7.545   1.00 16.37 ? 175 PHE A CE2 1 
ATOM   132  C CZ  . PHE A 1 23  ? -1.421  5.260   8.635   1.00 17.53 ? 175 PHE A CZ  1 
ATOM   133  N N   . TRP A 1 24  ? -3.924  9.556   3.671   1.00 16.11 ? 176 TRP A N   1 
ATOM   134  C CA  . TRP A 1 24  ? -4.172  10.253  2.413   1.00 14.56 ? 176 TRP A CA  1 
ATOM   135  C C   . TRP A 1 24  ? -4.541  9.289   1.291   1.00 15.60 ? 176 TRP A C   1 
ATOM   136  O O   . TRP A 1 24  ? -3.908  8.246   1.128   1.00 14.41 ? 176 TRP A O   1 
ATOM   137  C CB  . TRP A 1 24  ? -2.914  11.020  2.010   1.00 15.92 ? 176 TRP A CB  1 
ATOM   138  C CG  . TRP A 1 24  ? -3.051  11.821  0.739   1.00 17.29 ? 176 TRP A CG  1 
ATOM   139  C CD1 . TRP A 1 24  ? -3.423  13.129  0.631   1.00 24.58 ? 176 TRP A CD1 1 
ATOM   140  C CD2 . TRP A 1 24  ? -2.809  11.363  -0.597  1.00 14.98 ? 176 TRP A CD2 1 
ATOM   141  N NE1 . TRP A 1 24  ? -3.425  13.515  -0.689  1.00 19.80 ? 176 TRP A NE1 1 
ATOM   142  C CE2 . TRP A 1 24  ? -3.051  12.446  -1.462  1.00 20.93 ? 176 TRP A CE2 1 
ATOM   143  C CE3 . TRP A 1 24  ? -2.395  10.145  -1.142  1.00 18.98 ? 176 TRP A CE3 1 
ATOM   144  C CZ2 . TRP A 1 24  ? -2.907  12.343  -2.848  1.00 18.95 ? 176 TRP A CZ2 1 
ATOM   145  C CZ3 . TRP A 1 24  ? -2.260  10.047  -2.524  1.00 17.09 ? 176 TRP A CZ3 1 
ATOM   146  C CH2 . TRP A 1 24  ? -2.516  11.135  -3.354  1.00 16.85 ? 176 TRP A CH2 1 
ATOM   147  N N   . ASN A 1 25  ? -5.557  9.648   0.515   1.00 13.69 ? 177 ASN A N   1 
ATOM   148  C CA  . ASN A 1 25  ? -5.916  8.867   -0.663  1.00 12.38 ? 177 ASN A CA  1 
ATOM   149  C C   . ASN A 1 25  ? -6.620  9.749   -1.680  1.00 17.53 ? 177 ASN A C   1 
ATOM   150  O O   . ASN A 1 25  ? -7.294  10.712  -1.313  1.00 18.81 ? 177 ASN A O   1 
ATOM   151  C CB  . ASN A 1 25  ? -6.773  7.644   -0.282  1.00 12.39 ? 177 ASN A CB  1 
ATOM   152  C CG  . ASN A 1 25  ? -8.097  8.030   0.361   1.00 18.81 ? 177 ASN A CG  1 
ATOM   153  O OD1 . ASN A 1 25  ? -9.135  8.056   -0.302  1.00 16.41 ? 177 ASN A OD1 1 
ATOM   154  N ND2 . ASN A 1 25  ? -8.066  8.331   1.657   1.00 18.15 ? 177 ASN A ND2 1 
ATOM   155  N N   . GLU A 1 26  ? -6.466  9.427   -2.956  1.00 15.63 ? 178 GLU A N   1 
ATOM   156  C CA  . GLU A 1 26  ? -7.083  10.234  -4.002  1.00 13.84 ? 178 GLU A CA  1 
ATOM   157  C C   . GLU A 1 26  ? -7.427  9.382   -5.206  1.00 13.52 ? 178 GLU A C   1 
ATOM   158  O O   . GLU A 1 26  ? -6.584  8.640   -5.718  1.00 14.02 ? 178 GLU A O   1 
ATOM   159  C CB  . GLU A 1 26  ? -6.141  11.359  -4.432  1.00 14.60 ? 178 GLU A CB  1 
ATOM   160  C CG  . GLU A 1 26  ? -6.753  12.350  -5.425  1.00 14.82 ? 178 GLU A CG  1 
ATOM   161  C CD  . GLU A 1 26  ? -5.722  13.323  -5.962  1.00 23.88 ? 178 GLU A CD  1 
ATOM   162  O OE1 . GLU A 1 26  ? -4.782  12.868  -6.638  1.00 24.02 ? 178 GLU A OE1 1 
ATOM   163  O OE2 . GLU A 1 26  ? -5.847  14.535  -5.706  1.00 24.08 ? 178 GLU A OE2 1 
ATOM   164  N N   . VAL A 1 27  ? -8.674  9.492   -5.653  1.00 14.09 ? 179 VAL A N   1 
ATOM   165  C CA  . VAL A 1 27  ? -9.122  8.829   -6.871  1.00 13.94 ? 179 VAL A CA  1 
ATOM   166  C C   . VAL A 1 27  ? -9.412  9.914   -7.909  1.00 14.83 ? 179 VAL A C   1 
ATOM   167  O O   . VAL A 1 27  ? -10.135 10.877  -7.634  1.00 15.47 ? 179 VAL A O   1 
ATOM   168  C CB  . VAL A 1 27  ? -10.393 8.014   -6.613  1.00 14.37 ? 179 VAL A CB  1 
ATOM   169  C CG1 . VAL A 1 27  ? -10.862 7.323   -7.886  1.00 14.68 ? 179 VAL A CG1 1 
ATOM   170  C CG2 . VAL A 1 27  ? -10.152 6.990   -5.500  1.00 16.53 ? 179 VAL A CG2 1 
ATOM   171  N N   . ASN A 1 28  ? -8.817  9.781   -9.088  1.00 15.83 ? 180 ASN A N   1 
ATOM   172  C CA  . ASN A 1 28  ? -9.054  10.711  -10.179 1.00 15.39 ? 180 ASN A CA  1 
ATOM   173  C C   . ASN A 1 28  ? -10.537 10.751  -10.547 1.00 21.44 ? 180 ASN A C   1 
ATOM   174  O O   . ASN A 1 28  ? -11.210 9.728   -10.493 1.00 15.59 ? 180 ASN A O   1 
ATOM   175  C CB  . ASN A 1 28  ? -8.220  10.272  -11.376 1.00 17.01 ? 180 ASN A CB  1 
ATOM   176  C CG  . ASN A 1 28  ? -8.251  11.266  -12.507 1.00 22.84 ? 180 ASN A CG  1 
ATOM   177  O OD1 . ASN A 1 28  ? -9.220  11.327  -13.259 1.00 24.79 ? 180 ASN A OD1 1 
ATOM   178  N ND2 . ASN A 1 28  ? -7.178  12.036  -12.653 1.00 21.32 ? 180 ASN A ND2 1 
ATOM   179  N N   . GLU A 1 29  ? -11.048 11.927  -10.915 1.00 16.67 ? 181 GLU A N   1 
ATOM   180  C CA  . GLU A 1 29  ? -12.456 12.077  -11.294 1.00 19.68 ? 181 GLU A CA  1 
ATOM   181  C C   . GLU A 1 29  ? -12.922 11.043  -12.331 1.00 16.23 ? 181 GLU A C   1 
ATOM   182  O O   . GLU A 1 29  ? -14.096 10.682  -12.372 1.00 22.38 ? 181 GLU A O   1 
ATOM   183  C CB  . GLU A 1 29  ? -12.701 13.484  -11.848 1.00 23.79 ? 181 GLU A CB  1 
ATOM   184  C CG  . GLU A 1 29  ? -14.178 13.814  -12.053 1.00 37.80 ? 181 GLU A CG  1 
ATOM   185  C CD  . GLU A 1 29  ? -14.945 13.890  -10.745 1.00 43.93 ? 181 GLU A CD  1 
ATOM   186  O OE1 . GLU A 1 29  ? -14.518 14.651  -9.851  1.00 40.73 ? 181 GLU A OE1 1 
ATOM   187  O OE2 . GLU A 1 29  ? -15.974 13.192  -10.610 1.00 51.46 ? 181 GLU A OE2 1 
ATOM   188  N N   . GLU A 1 30  ? -11.988 10.582  -13.155 1.00 17.60 ? 182 GLU A N   1 
ATOM   189  C CA  . GLU A 1 30  ? -12.232 9.580   -14.194 1.00 21.24 ? 182 GLU A CA  1 
ATOM   190  C C   . GLU A 1 30  ? -12.972 8.341   -13.677 1.00 22.72 ? 182 GLU A C   1 
ATOM   191  O O   . GLU A 1 30  ? -13.871 7.818   -14.346 1.00 18.30 ? 182 GLU A O   1 
ATOM   192  C CB  . GLU A 1 30  ? -10.879 9.174   -14.790 1.00 23.29 ? 182 GLU A CB  1 
ATOM   193  C CG  . GLU A 1 30  ? -10.911 8.274   -16.024 1.00 27.27 ? 182 GLU A CG  1 
ATOM   194  C CD  . GLU A 1 30  ? -9.526  7.776   -16.412 1.00 30.83 ? 182 GLU A CD  1 
ATOM   195  O OE1 . GLU A 1 30  ? -9.027  6.842   -15.759 1.00 28.04 ? 182 GLU A OE1 1 
ATOM   196  O OE2 . GLU A 1 30  ? -8.927  8.316   -17.365 1.00 27.27 ? 182 GLU A OE2 1 
ATOM   197  N N   . VAL A 1 31  ? -12.591 7.884   -12.486 1.00 20.72 ? 183 VAL A N   1 
ATOM   198  C CA  . VAL A 1 31  ? -13.155 6.660   -11.903 1.00 14.98 ? 183 VAL A CA  1 
ATOM   199  C C   . VAL A 1 31  ? -13.689 6.849   -10.478 1.00 18.89 ? 183 VAL A C   1 
ATOM   200  O O   . VAL A 1 31  ? -13.865 5.876   -9.750  1.00 14.49 ? 183 VAL A O   1 
ATOM   201  C CB  . VAL A 1 31  ? -12.115 5.510   -11.917 1.00 18.71 ? 183 VAL A CB  1 
ATOM   202  C CG1 . VAL A 1 31  ? -11.879 5.017   -13.348 1.00 14.05 ? 183 VAL A CG1 1 
ATOM   203  C CG2 . VAL A 1 31  ? -10.803 5.964   -11.298 1.00 16.71 ? 183 VAL A CG2 1 
ATOM   204  N N   . LYS A 1 32  ? -13.952 8.094   -10.079 1.00 17.88 ? 184 LYS A N   1 
ATOM   205  C CA  . LYS A 1 32  ? -14.439 8.372   -8.723  1.00 19.17 ? 184 LYS A CA  1 
ATOM   206  C C   . LYS A 1 32  ? -15.698 7.602   -8.345  1.00 19.59 ? 184 LYS A C   1 
ATOM   207  O O   . LYS A 1 32  ? -15.807 7.094   -7.226  1.00 16.40 ? 184 LYS A O   1 
ATOM   208  C CB  . LYS A 1 32  ? -14.695 9.874   -8.533  1.00 24.26 ? 184 LYS A CB  1 
ATOM   209  C CG  . LYS A 1 32  ? -13.693 10.549  -7.616  1.00 33.17 ? 184 LYS A CG  1 
ATOM   210  C CD  . LYS A 1 32  ? -13.971 12.043  -7.482  1.00 38.99 ? 184 LYS A CD  1 
ATOM   211  C CE  . LYS A 1 32  ? -14.926 12.339  -6.329  1.00 56.19 ? 184 LYS A CE  1 
ATOM   212  N NZ  . LYS A 1 32  ? -14.294 12.101  -4.992  1.00 48.11 ? 184 LYS A NZ  1 
ATOM   213  N N   . GLU A 1 33  ? -16.644 7.511   -9.279  1.00 17.59 ? 185 GLU A N   1 
ATOM   214  C CA  . GLU A 1 33  ? -17.964 6.969   -8.973  1.00 18.74 ? 185 GLU A CA  1 
ATOM   215  C C   . GLU A 1 33  ? -17.943 5.458   -8.790  1.00 15.90 ? 185 GLU A C   1 
ATOM   216  O O   . GLU A 1 33  ? -18.851 4.882   -8.190  1.00 16.44 ? 185 GLU A O   1 
ATOM   217  C CB  . GLU A 1 33  ? -18.949 7.314   -10.090 1.00 26.18 ? 185 GLU A CB  1 
ATOM   218  C CG  . GLU A 1 33  ? -19.507 8.718   -10.035 1.00 28.63 ? 185 GLU A CG  1 
ATOM   219  C CD  . GLU A 1 33  ? -20.879 8.799   -10.682 1.00 54.58 ? 185 GLU A CD  1 
ATOM   220  O OE1 . GLU A 1 33  ? -20.990 8.462   -11.887 1.00 46.98 ? 185 GLU A OE1 1 
ATOM   221  O OE2 . GLU A 1 33  ? -21.846 9.184   -9.978  1.00 48.19 ? 185 GLU A OE2 1 
ATOM   222  N N   . THR A 1 34  ? -16.907 4.819   -9.315  1.00 12.24 ? 186 THR A N   1 
ATOM   223  C CA  . THR A 1 34  ? -16.847 3.365   -9.320  1.00 14.72 ? 186 THR A CA  1 
ATOM   224  C C   . THR A 1 34  ? -15.715 2.821   -8.457  1.00 14.65 ? 186 THR A C   1 
ATOM   225  O O   . THR A 1 34  ? -15.380 1.638   -8.546  1.00 12.31 ? 186 THR A O   1 
ATOM   226  C CB  . THR A 1 34  ? -16.682 2.847   -10.753 1.00 13.01 ? 186 THR A CB  1 
ATOM   227  O OG1 . THR A 1 34  ? -15.582 3.527   -11.367 1.00 15.52 ? 186 THR A OG1 1 
ATOM   228  C CG2 . THR A 1 34  ? -17.937 3.118   -11.552 1.00 11.08 ? 186 THR A CG2 1 
ATOM   229  N N   . THR A 1 35  ? -15.136 3.679   -7.617  1.00 14.05 ? 187 THR A N   1 
ATOM   230  C CA  . THR A 1 35  ? -14.000 3.277   -6.789  1.00 12.87 ? 187 THR A CA  1 
ATOM   231  C C   . THR A 1 35  ? -14.243 3.641   -5.325  1.00 13.19 ? 187 THR A C   1 
ATOM   232  O O   . THR A 1 35  ? -14.734 4.729   -5.038  1.00 12.45 ? 187 THR A O   1 
ATOM   233  C CB  . THR A 1 35  ? -12.721 3.983   -7.269  1.00 13.59 ? 187 THR A CB  1 
ATOM   234  O OG1 . THR A 1 35  ? -12.531 3.726   -8.670  1.00 13.06 ? 187 THR A OG1 1 
ATOM   235  C CG2 . THR A 1 35  ? -11.498 3.491   -6.495  1.00 12.03 ? 187 THR A CG2 1 
ATOM   236  N N   . THR A 1 36  ? -13.925 2.728   -4.407  1.00 11.61 ? 188 THR A N   1 
ATOM   237  C CA  . THR A 1 36  ? -13.940 3.052   -2.971  1.00 13.52 ? 188 THR A CA  1 
ATOM   238  C C   . THR A 1 36  ? -12.633 2.631   -2.310  1.00 13.88 ? 188 THR A C   1 
ATOM   239  O O   . THR A 1 36  ? -12.037 1.618   -2.677  1.00 12.80 ? 188 THR A O   1 
ATOM   240  C CB  . THR A 1 36  ? -15.109 2.378   -2.216  1.00 15.92 ? 188 THR A CB  1 
ATOM   241  O OG1 . THR A 1 36  ? -15.016 0.958   -2.359  1.00 20.10 ? 188 THR A OG1 1 
ATOM   242  C CG2 . THR A 1 36  ? -16.449 2.849   -2.764  1.00 18.59 ? 188 THR A CG2 1 
ATOM   243  N N   . ILE A 1 37  ? -12.196 3.426   -1.336  1.00 15.09 ? 189 ILE A N   1 
ATOM   244  C CA  . ILE A 1 37  ? -10.983 3.151   -0.579  1.00 12.14 ? 189 ILE A CA  1 
ATOM   245  C C   . ILE A 1 37  ? -11.323 3.376   0.880   1.00 17.34 ? 189 ILE A C   1 
ATOM   246  O O   . ILE A 1 37  ? -11.761 4.468   1.269   1.00 14.83 ? 189 ILE A O   1 
ATOM   247  C CB  . ILE A 1 37  ? -9.832  4.115   -0.951  1.00 12.80 ? 189 ILE A CB  1 
ATOM   248  C CG1 . ILE A 1 37  ? -9.448  3.979   -2.429  1.00 13.40 ? 189 ILE A CG1 1 
ATOM   249  C CG2 . ILE A 1 37  ? -8.623  3.868   -0.053  1.00 16.84 ? 189 ILE A CG2 1 
ATOM   250  C CD1 . ILE A 1 37  ? -8.392  4.968   -2.898  1.00 10.63 ? 189 ILE A CD1 1 
ATOM   251  N N   . GLY A 1 38  ? -11.148 2.349   1.700   1.00 14.35 ? 190 GLY A N   1 
ATOM   252  C CA  . GLY A 1 38  ? -11.408 2.524   3.110   1.00 16.18 ? 190 GLY A CA  1 
ATOM   253  C C   . GLY A 1 38  ? -11.366 1.218   3.863   1.00 16.23 ? 190 GLY A C   1 
ATOM   254  O O   . GLY A 1 38  ? -11.194 0.147   3.282   1.00 17.16 ? 190 GLY A O   1 
ATOM   255  N N   . LYS A 1 39  ? -11.549 1.301   5.172   1.00 19.16 ? 191 LYS A N   1 
ATOM   256  C CA  . LYS A 1 39  ? -11.506 0.105   5.988   1.00 18.93 ? 191 LYS A CA  1 
ATOM   257  C C   . LYS A 1 39  ? -12.770 -0.734  5.850   1.00 19.73 ? 191 LYS A C   1 
ATOM   258  O O   . LYS A 1 39  ? -13.880 -0.204  5.859   1.00 20.65 ? 191 LYS A O   1 
ATOM   259  C CB  . LYS A 1 39  ? -11.272 0.481   7.451   1.00 18.24 ? 191 LYS A CB  1 
ATOM   260  C CG  . LYS A 1 39  ? -11.417 -0.704  8.369   1.00 26.90 ? 191 LYS A CG  1 
ATOM   261  C CD  . LYS A 1 39  ? -10.327 -0.763  9.432   1.00 30.17 ? 191 LYS A CD  1 
ATOM   262  C CE  . LYS A 1 39  ? -10.586 -1.940  10.357  1.00 22.83 ? 191 LYS A CE  1 
ATOM   263  N NZ  . LYS A 1 39  ? -9.819  -1.902  11.632  1.00 25.24 ? 191 LYS A NZ  1 
ATOM   264  N N   . ASN A 1 40  ? -12.585 -2.039  5.679   1.00 13.35 ? 192 ASN A N   1 
ATOM   265  C CA  . ASN A 1 40  ? -13.666 -3.004  5.753   1.00 17.41 ? 192 ASN A CA  1 
ATOM   266  C C   . ASN A 1 40  ? -13.650 -3.552  7.169   1.00 20.36 ? 192 ASN A C   1 
ATOM   267  O O   . ASN A 1 40  ? -12.783 -4.352  7.507   1.00 19.47 ? 192 ASN A O   1 
ATOM   268  C CB  . ASN A 1 40  ? -13.420 -4.112  4.723   1.00 16.57 ? 192 ASN A CB  1 
ATOM   269  C CG  . ASN A 1 40  ? -14.414 -5.259  4.817   1.00 25.18 ? 192 ASN A CG  1 
ATOM   270  O OD1 . ASN A 1 40  ? -15.033 -5.499  5.855   1.00 24.47 ? 192 ASN A OD1 1 
ATOM   271  N ND2 . ASN A 1 40  ? -14.550 -5.996  3.719   1.00 22.88 ? 192 ASN A ND2 1 
ATOM   272  N N   . ASP A 1 41  ? -14.607 -3.123  7.990   1.00 19.05 ? 193 ASP A N   1 
ATOM   273  C CA  . ASP A 1 41  ? -14.629 -3.493  9.406   1.00 26.94 ? 193 ASP A CA  1 
ATOM   274  C C   . ASP A 1 41  ? -14.951 -4.966  9.635   1.00 26.71 ? 193 ASP A C   1 
ATOM   275  O O   . ASP A 1 41  ? -14.571 -5.539  10.654  1.00 30.76 ? 193 ASP A O   1 
ATOM   276  C CB  . ASP A 1 41  ? -15.642 -2.639  10.176  1.00 26.63 ? 193 ASP A CB  1 
ATOM   277  C CG  . ASP A 1 41  ? -15.156 -1.234  10.428  1.00 38.53 ? 193 ASP A CG  1 
ATOM   278  O OD1 . ASP A 1 41  ? -13.951 -0.968  10.250  1.00 36.17 ? 193 ASP A OD1 1 
ATOM   279  O OD2 . ASP A 1 41  ? -15.987 -0.387  10.824  1.00 49.90 ? 193 ASP A OD2 1 
ATOM   280  N N   . THR A 1 42  ? -15.664 -5.574  8.696   1.00 25.08 ? 194 THR A N   1 
ATOM   281  C CA  . THR A 1 42  ? -16.029 -6.978  8.821   1.00 24.76 ? 194 THR A CA  1 
ATOM   282  C C   . THR A 1 42  ? -14.833 -7.907  8.575   1.00 29.56 ? 194 THR A C   1 
ATOM   283  O O   . THR A 1 42  ? -14.582 -8.818  9.363   1.00 24.53 ? 194 THR A O   1 
ATOM   284  C CB  . THR A 1 42  ? -17.206 -7.322  7.891   1.00 29.45 ? 194 THR A CB  1 
ATOM   285  O OG1 . THR A 1 42  ? -18.329 -6.489  8.222   1.00 27.11 ? 194 THR A OG1 1 
ATOM   286  C CG2 . THR A 1 42  ? -17.591 -8.772  8.038   1.00 28.17 ? 194 THR A CG2 1 
ATOM   287  N N   . GLU A 1 43  ? -14.087 -7.670  7.497   1.00 23.90 ? 195 GLU A N   1 
ATOM   288  C CA  . GLU A 1 43  ? -12.881 -8.459  7.229   1.00 23.75 ? 195 GLU A CA  1 
ATOM   289  C C   . GLU A 1 43  ? -11.730 -8.010  8.115   1.00 22.20 ? 195 GLU A C   1 
ATOM   290  O O   . GLU A 1 43  ? -10.878 -8.812  8.509   1.00 28.32 ? 195 GLU A O   1 
ATOM   291  C CB  . GLU A 1 43  ? -12.477 -8.356  5.758   1.00 22.48 ? 195 GLU A CB  1 
ATOM   292  C CG  . GLU A 1 43  ? -11.075 -8.913  5.426   1.00 26.50 ? 195 GLU A CG  1 
ATOM   293  C CD  . GLU A 1 43  ? -10.895 -10.383 5.767   1.00 30.35 ? 195 GLU A CD  1 
ATOM   294  O OE1 . GLU A 1 43  ? -11.760 -11.198 5.384   1.00 32.54 ? 195 GLU A OE1 1 
ATOM   295  O OE2 . GLU A 1 43  ? -9.877  -10.723 6.414   1.00 28.34 ? 195 GLU A OE2 1 
ATOM   296  N N   . GLY A 1 44  ? -11.729 -6.729  8.458   1.00 17.83 ? 196 GLY A N   1 
ATOM   297  C CA  . GLY A 1 44  ? -10.610 -6.152  9.182   1.00 17.35 ? 196 GLY A CA  1 
ATOM   298  C C   . GLY A 1 44  ? -9.436  -5.959  8.247   1.00 16.60 ? 196 GLY A C   1 
ATOM   299  O O   . GLY A 1 44  ? -8.394  -6.604  8.393   1.00 15.45 ? 196 GLY A O   1 
ATOM   300  N N   . CYS A 1 45  ? -9.622  -5.090  7.260   1.00 15.06 ? 197 CYS A N   1 
ATOM   301  C CA  . CYS A 1 45  ? -8.572  -4.785  6.293   1.00 13.69 ? 197 CYS A CA  1 
ATOM   302  C C   . CYS A 1 45  ? -8.863  -3.461  5.614   1.00 14.56 ? 197 CYS A C   1 
ATOM   303  O O   . CYS A 1 45  ? -10.001 -2.980  5.619   1.00 15.27 ? 197 CYS A O   1 
ATOM   304  C CB  . CYS A 1 45  ? -8.469  -5.892  5.240   1.00 14.97 ? 197 CYS A CB  1 
ATOM   305  S SG  . CYS A 1 45  ? -9.926  -6.031  4.168   1.00 16.61 ? 197 CYS A SG  1 
ATOM   306  N N   . LEU A 1 46  ? -7.816  -2.849  5.070   1.00 12.49 ? 198 LEU A N   1 
ATOM   307  C CA  . LEU A 1 46  ? -7.968  -1.736  4.158   1.00 9.55  ? 198 LEU A CA  1 
ATOM   308  C C   . LEU A 1 46  ? -8.434  -2.363  2.856   1.00 13.61 ? 198 LEU A C   1 
ATOM   309  O O   . LEU A 1 46  ? -7.897  -3.388  2.439   1.00 12.85 ? 198 LEU A O   1 
ATOM   310  C CB  . LEU A 1 46  ? -6.619  -1.045  3.956   1.00 12.78 ? 198 LEU A CB  1 
ATOM   311  C CG  . LEU A 1 46  ? -6.523  -0.034  2.809   1.00 12.93 ? 198 LEU A CG  1 
ATOM   312  C CD1 . LEU A 1 46  ? -7.560  1.062   2.984   1.00 13.32 ? 198 LEU A CD1 1 
ATOM   313  C CD2 . LEU A 1 46  ? -5.126  0.559   2.726   1.00 13.34 ? 198 LEU A CD2 1 
ATOM   314  N N   . GLU A 1 47  ? -9.434  -1.767  2.216   1.00 10.93 ? 199 GLU A N   1 
ATOM   315  C CA  . GLU A 1 47  ? -10.020 -2.383  1.036   1.00 12.70 ? 199 GLU A CA  1 
ATOM   316  C C   . GLU A 1 47  ? -10.110 -1.350  -0.079  1.00 13.90 ? 199 GLU A C   1 
ATOM   317  O O   . GLU A 1 47  ? -10.534 -0.218  0.155   1.00 13.15 ? 199 GLU A O   1 
ATOM   318  C CB  . GLU A 1 47  ? -11.397 -2.957  1.385   1.00 15.51 ? 199 GLU A CB  1 
ATOM   319  C CG  . GLU A 1 47  ? -12.091 -3.729  0.270   1.00 18.17 ? 199 GLU A CG  1 
ATOM   320  C CD  . GLU A 1 47  ? -13.268 -4.541  0.791   1.00 26.29 ? 199 GLU A CD  1 
ATOM   321  O OE1 . GLU A 1 47  ? -14.385 -3.991  0.892   1.00 26.23 ? 199 GLU A OE1 1 
ATOM   322  O OE2 . GLU A 1 47  ? -13.075 -5.730  1.105   1.00 23.07 ? 199 GLU A OE2 1 
ATOM   323  N N   . ILE A 1 48  ? -9.671  -1.733  -1.277  1.00 11.67 ? 200 ILE A N   1 
ATOM   324  C CA  . ILE A 1 48  ? -9.762  -0.866  -2.449  1.00 11.66 ? 200 ILE A CA  1 
ATOM   325  C C   . ILE A 1 48  ? -10.552 -1.624  -3.506  1.00 12.62 ? 200 ILE A C   1 
ATOM   326  O O   . ILE A 1 48  ? -10.142 -2.713  -3.929  1.00 12.31 ? 200 ILE A O   1 
ATOM   327  C CB  . ILE A 1 48  ? -8.377  -0.503  -3.012  1.00 8.30  ? 200 ILE A CB  1 
ATOM   328  C CG1 . ILE A 1 48  ? -7.513  0.193   -1.949  1.00 9.66  ? 200 ILE A CG1 1 
ATOM   329  C CG2 . ILE A 1 48  ? -8.523  0.415   -4.238  1.00 11.81 ? 200 ILE A CG2 1 
ATOM   330  C CD1 . ILE A 1 48  ? -6.609  -0.743  -1.182  1.00 12.25 ? 200 ILE A CD1 1 
ATOM   331  N N   . LYS A 1 49  ? -11.694 -1.065  -3.912  1.00 13.31 ? 201 LYS A N   1 
ATOM   332  C CA  . LYS A 1 49  ? -12.585 -1.759  -4.841  1.00 15.25 ? 201 LYS A CA  1 
ATOM   333  C C   . LYS A 1 49  ? -12.835 -0.913  -6.066  1.00 12.41 ? 201 LYS A C   1 
ATOM   334  O O   . LYS A 1 49  ? -13.110 0.290   -5.962  1.00 13.56 ? 201 LYS A O   1 
ATOM   335  C CB  . LYS A 1 49  ? -13.920 -2.088  -4.173  1.00 17.14 ? 201 LYS A CB  1 
ATOM   336  C CG  . LYS A 1 49  ? -13.776 -2.966  -2.958  1.00 21.05 ? 201 LYS A CG  1 
ATOM   337  C CD  . LYS A 1 49  ? -15.085 -3.091  -2.213  1.00 26.88 ? 201 LYS A CD  1 
ATOM   338  C CE  . LYS A 1 49  ? -16.119 -3.831  -3.027  1.00 30.88 ? 201 LYS A CE  1 
ATOM   339  N NZ  . LYS A 1 49  ? -17.185 -4.399  -2.149  1.00 46.98 ? 201 LYS A NZ  1 
ATOM   340  N N   . THR A 1 50  ? -12.741 -1.545  -7.231  1.00 10.82 ? 202 THR A N   1 
ATOM   341  C CA  . THR A 1 50  ? -12.930 -0.860  -8.499  1.00 11.49 ? 202 THR A CA  1 
ATOM   342  C C   . THR A 1 50  ? -13.764 -1.732  -9.413  1.00 13.32 ? 202 THR A C   1 
ATOM   343  O O   . THR A 1 50  ? -13.643 -2.966  -9.376  1.00 12.48 ? 202 THR A O   1 
ATOM   344  C CB  . THR A 1 50  ? -11.589 -0.631  -9.204  1.00 15.61 ? 202 THR A CB  1 
ATOM   345  O OG1 . THR A 1 50  ? -10.818 -1.842  -9.166  1.00 13.82 ? 202 THR A OG1 1 
ATOM   346  C CG2 . THR A 1 50  ? -10.811 0.463   -8.515  1.00 13.22 ? 202 THR A CG2 1 
ATOM   347  N N   . SER A 1 51  ? -14.604 -1.093  -10.226 1.00 11.54 ? 203 SER A N   1 
ATOM   348  C CA  . SER A 1 51  ? -15.353 -1.803  -11.259 1.00 14.97 ? 203 SER A CA  1 
ATOM   349  C C   . SER A 1 51  ? -14.995 -1.257  -12.638 1.00 13.17 ? 203 SER A C   1 
ATOM   350  O O   . SER A 1 51  ? -15.508 -1.735  -13.650 1.00 13.83 ? 203 SER A O   1 
ATOM   351  C CB  . SER A 1 51  ? -16.868 -1.706  -11.021 1.00 12.34 ? 203 SER A CB  1 
ATOM   352  O OG  . SER A 1 51  ? -17.327 -0.368  -11.123 1.00 13.73 ? 203 SER A OG  1 
ATOM   353  N N   . VAL A 1 52  ? -14.129 -0.245  -12.672 1.00 10.09 ? 204 VAL A N   1 
ATOM   354  C CA  . VAL A 1 52  ? -13.667 0.351   -13.936 1.00 11.75 ? 204 VAL A CA  1 
ATOM   355  C C   . VAL A 1 52  ? -12.184 0.674   -13.810 1.00 16.46 ? 204 VAL A C   1 
ATOM   356  O O   . VAL A 1 52  ? -11.778 1.367   -12.874 1.00 16.12 ? 204 VAL A O   1 
ATOM   357  C CB  . VAL A 1 52  ? -14.429 1.652   -14.281 1.00 12.33 ? 204 VAL A CB  1 
ATOM   358  C CG1 . VAL A 1 52  ? -13.892 2.258   -15.581 1.00 15.35 ? 204 VAL A CG1 1 
ATOM   359  C CG2 . VAL A 1 52  ? -15.915 1.409   -14.403 1.00 10.84 ? 204 VAL A CG2 1 
ATOM   360  N N   . ALA A 1 53  ? -11.369 0.170   -14.730 1.00 13.11 ? 205 ALA A N   1 
ATOM   361  C CA  . ALA A 1 53  ? -9.933  0.467   -14.704 1.00 16.23 ? 205 ALA A CA  1 
ATOM   362  C C   . ALA A 1 53  ? -9.677  1.929   -15.030 1.00 20.63 ? 205 ALA A C   1 
ATOM   363  O O   . ALA A 1 53  ? -10.325 2.489   -15.912 1.00 16.20 ? 205 ALA A O   1 
ATOM   364  C CB  . ALA A 1 53  ? -9.185  -0.421  -15.681 1.00 15.62 ? 205 ALA A CB  1 
ATOM   365  N N   . ALA A 1 54  ? -8.747  2.551   -14.310 1.00 16.32 ? 206 ALA A N   1 
ATOM   366  C CA  . ALA A 1 54  ? -8.336  3.915   -14.628 1.00 15.79 ? 206 ALA A CA  1 
ATOM   367  C C   . ALA A 1 54  ? -7.395  3.878   -15.818 1.00 14.39 ? 206 ALA A C   1 
ATOM   368  O O   . ALA A 1 54  ? -6.811  2.838   -16.099 1.00 14.69 ? 206 ALA A O   1 
ATOM   369  C CB  . ALA A 1 54  ? -7.652  4.554   -13.436 1.00 12.51 ? 206 ALA A CB  1 
ATOM   370  N N   . SER A 1 55  ? -7.224  5.007   -16.507 1.00 18.03 ? 207 SER A N   1 
ATOM   371  C CA  . SER A 1 55  ? -6.347  5.028   -17.673 1.00 20.23 ? 207 SER A CA  1 
ATOM   372  C C   . SER A 1 55  ? -4.883  4.942   -17.286 1.00 19.52 ? 207 SER A C   1 
ATOM   373  O O   . SER A 1 55  ? -4.061  4.449   -18.060 1.00 20.13 ? 207 SER A O   1 
ATOM   374  C CB  . SER A 1 55  ? -6.584  6.266   -18.534 1.00 17.25 ? 207 SER A CB  1 
ATOM   375  O OG  . SER A 1 55  ? -6.607  7.449   -17.770 1.00 20.68 ? 207 SER A OG  1 
ATOM   376  N N   . GLN A 1 56  ? -4.563  5.417   -16.085 1.00 16.39 ? 208 GLN A N   1 
ATOM   377  C CA  . GLN A 1 56  ? -3.203  5.327   -15.579 1.00 15.99 ? 208 GLN A CA  1 
ATOM   378  C C   . GLN A 1 56  ? -3.194  4.773   -14.155 1.00 14.47 ? 208 GLN A C   1 
ATOM   379  O O   . GLN A 1 56  ? -4.133  4.998   -13.379 1.00 14.12 ? 208 GLN A O   1 
ATOM   380  C CB  . GLN A 1 56  ? -2.502  6.686   -15.664 1.00 16.37 ? 208 GLN A CB  1 
ATOM   381  C CG  . GLN A 1 56  ? -2.284  7.151   -17.108 1.00 19.24 ? 208 GLN A CG  1 
ATOM   382  C CD  . GLN A 1 56  ? -1.488  8.429   -17.214 1.00 22.36 ? 208 GLN A CD  1 
ATOM   383  O OE1 . GLN A 1 56  ? -2.044  9.506   -17.426 1.00 32.64 ? 208 GLN A OE1 1 
ATOM   384  N NE2 . GLN A 1 56  ? -0.176  8.318   -17.094 1.00 23.64 ? 208 GLN A NE2 1 
ATOM   385  N N   . ASN A 1 57  ? -2.143  4.031   -13.826 1.00 15.00 ? 209 ASN A N   1 
ATOM   386  C CA  . ASN A 1 57  ? -2.074  3.357   -12.535 1.00 11.58 ? 209 ASN A CA  1 
ATOM   387  C C   . ASN A 1 57  ? -2.117  4.337   -11.359 1.00 15.73 ? 209 ASN A C   1 
ATOM   388  O O   . ASN A 1 57  ? -2.748  4.051   -10.342 1.00 12.51 ? 209 ASN A O   1 
ATOM   389  C CB  . ASN A 1 57  ? -0.826  2.476   -12.461 1.00 13.49 ? 209 ASN A CB  1 
ATOM   390  C CG  . ASN A 1 57  ? -0.933  1.401   -11.389 1.00 16.55 ? 209 ASN A CG  1 
ATOM   391  O OD1 . ASN A 1 57  ? -1.923  0.666   -11.324 1.00 13.69 ? 209 ASN A OD1 1 
ATOM   392  N ND2 . ASN A 1 57  ? 0.078   1.315   -10.536 1.00 13.57 ? 209 ASN A ND2 1 
ATOM   393  N N   . HIS A 1 58  ? -1.476  5.497   -11.499 1.00 14.65 ? 210 HIS A N   1 
ATOM   394  C CA  . HIS A 1 58  ? -1.460  6.464   -10.397 1.00 15.12 ? 210 HIS A CA  1 
ATOM   395  C C   . HIS A 1 58  ? -2.785  7.205   -10.187 1.00 13.82 ? 210 HIS A C   1 
ATOM   396  O O   . HIS A 1 58  ? -2.926  7.962   -9.220  1.00 15.25 ? 210 HIS A O   1 
ATOM   397  C CB  . HIS A 1 58  ? -0.286  7.452   -10.535 1.00 19.06 ? 210 HIS A CB  1 
ATOM   398  C CG  . HIS A 1 58  ? -0.396  8.373   -11.712 1.00 16.30 ? 210 HIS A CG  1 
ATOM   399  N ND1 . HIS A 1 58  ? 0.023   8.017   -12.975 1.00 21.16 ? 210 HIS A ND1 1 
ATOM   400  C CD2 . HIS A 1 58  ? -0.865  9.640   -11.815 1.00 14.34 ? 210 HIS A CD2 1 
ATOM   401  C CE1 . HIS A 1 58  ? -0.183  9.026   -13.807 1.00 18.84 ? 210 HIS A CE1 1 
ATOM   402  N NE2 . HIS A 1 58  ? -0.725  10.021  -13.129 1.00 15.36 ? 210 HIS A NE2 1 
ATOM   403  N N   . PHE A 1 59  ? -3.760  6.974   -11.066 1.00 14.45 ? 211 PHE A N   1 
ATOM   404  C CA  . PHE A 1 59  ? -5.086  7.578   -10.908 1.00 12.00 ? 211 PHE A CA  1 
ATOM   405  C C   . PHE A 1 59  ? -5.881  7.028   -9.713  1.00 12.68 ? 211 PHE A C   1 
ATOM   406  O O   . PHE A 1 59  ? -6.877  7.623   -9.296  1.00 14.49 ? 211 PHE A O   1 
ATOM   407  C CB  . PHE A 1 59  ? -5.913  7.449   -12.193 1.00 13.96 ? 211 PHE A CB  1 
ATOM   408  C CG  . PHE A 1 59  ? -5.569  8.468   -13.257 1.00 16.19 ? 211 PHE A CG  1 
ATOM   409  C CD1 . PHE A 1 59  ? -4.461  9.299   -13.122 1.00 21.07 ? 211 PHE A CD1 1 
ATOM   410  C CD2 . PHE A 1 59  ? -6.363  8.593   -14.392 1.00 18.11 ? 211 PHE A CD2 1 
ATOM   411  C CE1 . PHE A 1 59  ? -4.145  10.236  -14.110 1.00 21.80 ? 211 PHE A CE1 1 
ATOM   412  C CE2 . PHE A 1 59  ? -6.057  9.524   -15.384 1.00 20.21 ? 211 PHE A CE2 1 
ATOM   413  C CZ  . PHE A 1 59  ? -4.944  10.350  -15.239 1.00 17.84 ? 211 PHE A CZ  1 
ATOM   414  N N   . ILE A 1 60  ? -5.466  5.885   -9.175  1.00 12.22 ? 212 ILE A N   1 
ATOM   415  C CA  . ILE A 1 60  ? -6.001  5.431   -7.895  1.00 13.01 ? 212 ILE A CA  1 
ATOM   416  C C   . ILE A 1 60  ? -4.805  5.247   -6.964  1.00 10.59 ? 212 ILE A C   1 
ATOM   417  O O   . ILE A 1 60  ? -4.050  4.272   -7.082  1.00 13.55 ? 212 ILE A O   1 
ATOM   418  C CB  . ILE A 1 60  ? -6.818  4.124   -8.042  1.00 12.62 ? 212 ILE A CB  1 
ATOM   419  C CG1 . ILE A 1 60  ? -7.977  4.347   -9.012  1.00 13.24 ? 212 ILE A CG1 1 
ATOM   420  C CG2 . ILE A 1 60  ? -7.376  3.690   -6.703  1.00 10.54 ? 212 ILE A CG2 1 
ATOM   421  C CD1 . ILE A 1 60  ? -8.740  3.078   -9.358  1.00 14.31 ? 212 ILE A CD1 1 
ATOM   422  N N   . GLN A 1 61  ? -4.613  6.210   -6.066  1.00 10.43 ? 213 GLN A N   1 
ATOM   423  C CA  . GLN A 1 61  ? -3.403  6.250   -5.254  1.00 13.95 ? 213 GLN A CA  1 
ATOM   424  C C   . GLN A 1 61  ? -3.758  6.548   -3.807  1.00 13.36 ? 213 GLN A C   1 
ATOM   425  O O   . GLN A 1 61  ? -4.714  7.284   -3.517  1.00 14.95 ? 213 GLN A O   1 
ATOM   426  C CB  . GLN A 1 61  ? -2.385  7.263   -5.813  1.00 17.06 ? 213 GLN A CB  1 
ATOM   427  C CG  . GLN A 1 61  ? -2.901  8.700   -5.955  1.00 19.24 ? 213 GLN A CG  1 
ATOM   428  C CD  . GLN A 1 61  ? -1.864  9.631   -6.566  1.00 23.70 ? 213 GLN A CD  1 
ATOM   429  O OE1 . GLN A 1 61  ? -0.664  9.330   -6.578  1.00 18.69 ? 213 GLN A OE1 1 
ATOM   430  N NE2 . GLN A 1 61  ? -2.322  10.767  -7.084  1.00 24.40 ? 213 GLN A NE2 1 
ATOM   431  N N   . TYR A 1 62  ? -2.998  5.952   -2.895  1.00 15.03 ? 214 TYR A N   1 
ATOM   432  C CA  . TYR A 1 62  ? -3.352  5.999   -1.481  1.00 12.56 ? 214 TYR A CA  1 
ATOM   433  C C   . TYR A 1 62  ? -2.144  5.630   -0.636  1.00 13.93 ? 214 TYR A C   1 
ATOM   434  O O   . TYR A 1 62  ? -1.331  4.792   -1.037  1.00 13.30 ? 214 TYR A O   1 
ATOM   435  C CB  . TYR A 1 62  ? -4.512  5.037   -1.192  1.00 12.65 ? 214 TYR A CB  1 
ATOM   436  C CG  . TYR A 1 62  ? -4.395  3.681   -1.875  1.00 11.22 ? 214 TYR A CG  1 
ATOM   437  C CD1 . TYR A 1 62  ? -4.843  3.503   -3.181  1.00 12.02 ? 214 TYR A CD1 1 
ATOM   438  C CD2 . TYR A 1 62  ? -3.850  2.588   -1.216  1.00 13.01 ? 214 TYR A CD2 1 
ATOM   439  C CE1 . TYR A 1 62  ? -4.746  2.278   -3.814  1.00 12.15 ? 214 TYR A CE1 1 
ATOM   440  C CE2 . TYR A 1 62  ? -3.754  1.342   -1.840  1.00 11.20 ? 214 TYR A CE2 1 
ATOM   441  C CZ  . TYR A 1 62  ? -4.204  1.201   -3.139  1.00 12.17 ? 214 TYR A CZ  1 
ATOM   442  O OH  . TYR A 1 62  ? -4.115  -0.012  -3.782  1.00 10.16 ? 214 TYR A OH  1 
ATOM   443  N N   . HIS A 1 63  ? -2.007  6.264   0.525   1.00 12.13 ? 215 HIS A N   1 
ATOM   444  C CA  . HIS A 1 63  ? -0.943  5.875   1.438   1.00 13.58 ? 215 HIS A CA  1 
ATOM   445  C C   . HIS A 1 63  ? -1.413  4.675   2.239   1.00 12.62 ? 215 HIS A C   1 
ATOM   446  O O   . HIS A 1 63  ? -2.536  4.670   2.745   1.00 13.23 ? 215 HIS A O   1 
ATOM   447  C CB  . HIS A 1 63  ? -0.600  7.013   2.401   1.00 13.95 ? 215 HIS A CB  1 
ATOM   448  C CG  . HIS A 1 63  ? -0.039  8.230   1.731   1.00 11.88 ? 215 HIS A CG  1 
ATOM   449  N ND1 . HIS A 1 63  ? 0.138   9.421   2.397   1.00 16.66 ? 215 HIS A ND1 1 
ATOM   450  C CD2 . HIS A 1 63  ? 0.396   8.437   0.464   1.00 12.77 ? 215 HIS A CD2 1 
ATOM   451  C CE1 . HIS A 1 63  ? 0.654   10.316  1.569   1.00 14.98 ? 215 HIS A CE1 1 
ATOM   452  N NE2 . HIS A 1 63  ? 0.818   9.741   0.392   1.00 16.45 ? 215 HIS A NE2 1 
ATOM   453  N N   . THR A 1 64  ? -0.557  3.671   2.384   1.00 9.63  ? 216 THR A N   1 
ATOM   454  C CA  . THR A 1 64  ? -0.918  2.518   3.200   1.00 10.96 ? 216 THR A CA  1 
ATOM   455  C C   . THR A 1 64  ? -0.223  2.541   4.562   1.00 11.76 ? 216 THR A C   1 
ATOM   456  O O   . THR A 1 64  ? -0.506  1.709   5.432   1.00 12.75 ? 216 THR A O   1 
ATOM   457  C CB  . THR A 1 64  ? -0.637  1.193   2.471   1.00 12.14 ? 216 THR A CB  1 
ATOM   458  O OG1 . THR A 1 64  ? 0.722   1.168   2.007   1.00 12.90 ? 216 THR A OG1 1 
ATOM   459  C CG2 . THR A 1 64  ? -1.582  1.051   1.284   1.00 13.34 ? 216 THR A CG2 1 
ATOM   460  N N   . ALA A 1 65  ? 0.675   3.513   4.730   1.00 15.43 ? 217 ALA A N   1 
ATOM   461  C CA  . ALA A 1 65  ? 1.410   3.732   5.977   1.00 13.35 ? 217 ALA A CA  1 
ATOM   462  C C   . ALA A 1 65  ? 1.970   5.133   5.872   1.00 16.90 ? 217 ALA A C   1 
ATOM   463  O O   . ALA A 1 65  ? 2.170   5.642   4.765   1.00 13.44 ? 217 ALA A O   1 
ATOM   464  C CB  . ALA A 1 65  ? 2.545   2.725   6.135   1.00 13.19 ? 217 ALA A CB  1 
ATOM   465  N N   . ASP A 1 66  ? 2.249   5.757   7.010   1.00 12.71 ? 218 ASP A N   1 
ATOM   466  C CA  . ASP A 1 66  ? 2.617   7.161   6.984   1.00 16.34 ? 218 ASP A CA  1 
ATOM   467  C C   . ASP A 1 66  ? 3.513   7.490   8.172   1.00 13.32 ? 218 ASP A C   1 
ATOM   468  O O   . ASP A 1 66  ? 3.571   6.727   9.137   1.00 15.68 ? 218 ASP A O   1 
ATOM   469  C CB  . ASP A 1 66  ? 1.339   8.001   7.033   1.00 20.93 ? 218 ASP A CB  1 
ATOM   470  C CG  . ASP A 1 66  ? 1.558   9.434   6.617   1.00 23.51 ? 218 ASP A CG  1 
ATOM   471  O OD1 . ASP A 1 66  ? 2.642   9.760   6.079   1.00 24.19 ? 218 ASP A OD1 1 
ATOM   472  O OD2 . ASP A 1 66  ? 0.623   10.236  6.821   1.00 27.41 ? 218 ASP A OD2 1 
ATOM   473  N N   . ASN A 1 67  ? 4.201   8.627   8.087   1.00 17.20 ? 219 ASN A N   1 
ATOM   474  C CA  . ASN A 1 67  ? 5.076   9.090   9.165   1.00 21.34 ? 219 ASN A CA  1 
ATOM   475  C C   . ASN A 1 67  ? 6.090   8.022   9.562   1.00 20.45 ? 219 ASN A C   1 
ATOM   476  O O   . ASN A 1 67  ? 6.228   7.676   10.737  1.00 17.31 ? 219 ASN A O   1 
ATOM   477  C CB  . ASN A 1 67  ? 4.232   9.514   10.364  1.00 17.47 ? 219 ASN A CB  1 
ATOM   478  C CG  . ASN A 1 67  ? 3.101   10.441  9.970   1.00 23.00 ? 219 ASN A CG  1 
ATOM   479  O OD1 . ASN A 1 67  ? 1.930   10.064  10.024  1.00 33.25 ? 219 ASN A OD1 1 
ATOM   480  N ND2 . ASN A 1 67  ? 3.439   11.656  9.586   1.00 25.48 ? 219 ASN A ND2 1 
ATOM   481  N N   . LEU A 1 68  ? 6.793   7.490   8.570   1.00 18.98 ? 220 LEU A N   1 
ATOM   482  C CA  . LEU A 1 68  ? 7.671   6.355   8.808   1.00 13.47 ? 220 LEU A CA  1 
ATOM   483  C C   . LEU A 1 68  ? 8.924   6.782   9.556   1.00 14.20 ? 220 LEU A C   1 
ATOM   484  O O   . LEU A 1 68  ? 9.479   7.840   9.285   1.00 19.52 ? 220 LEU A O   1 
ATOM   485  C CB  . LEU A 1 68  ? 8.050   5.683   7.492   1.00 14.49 ? 220 LEU A CB  1 
ATOM   486  C CG  . LEU A 1 68  ? 6.879   5.180   6.657   1.00 14.86 ? 220 LEU A CG  1 
ATOM   487  C CD1 . LEU A 1 68  ? 7.377   4.712   5.291   1.00 11.16 ? 220 LEU A CD1 1 
ATOM   488  C CD2 . LEU A 1 68  ? 6.150   4.066   7.393   1.00 12.14 ? 220 LEU A CD2 1 
ATOM   489  N N   . PRO A 1 69  ? 9.369   5.952   10.507  1.00 14.22 ? 221 PRO A N   1 
ATOM   490  C CA  . PRO A 1 69  ? 10.580  6.217   11.282  1.00 17.18 ? 221 PRO A CA  1 
ATOM   491  C C   . PRO A 1 69  ? 11.816  5.710   10.561  1.00 21.83 ? 221 PRO A C   1 
ATOM   492  O O   . PRO A 1 69  ? 12.596  4.962   11.158  1.00 26.26 ? 221 PRO A O   1 
ATOM   493  C CB  . PRO A 1 69  ? 10.361  5.370   12.528  1.00 22.32 ? 221 PRO A CB  1 
ATOM   494  C CG  . PRO A 1 69  ? 9.574   4.200   12.045  1.00 17.56 ? 221 PRO A CG  1 
ATOM   495  C CD  . PRO A 1 69  ? 8.655   4.752   10.988  1.00 15.85 ? 221 PRO A CD  1 
ATOM   496  N N   . ILE A 1 70  ? 11.992  6.091   9.300   1.00 20.26 ? 222 ILE A N   1 
ATOM   497  C CA  . ILE A 1 70  ? 13.161  5.654   8.545   1.00 16.03 ? 222 ILE A CA  1 
ATOM   498  C C   . ILE A 1 70  ? 14.136  6.805   8.331   1.00 17.12 ? 222 ILE A C   1 
ATOM   499  O O   . ILE A 1 70  ? 13.725  7.961   8.190   1.00 17.69 ? 222 ILE A O   1 
ATOM   500  C CB  . ILE A 1 70  ? 12.771  5.022   7.185   1.00 19.32 ? 222 ILE A CB  1 
ATOM   501  C CG1 . ILE A 1 70  ? 11.957  5.994   6.328   1.00 17.13 ? 222 ILE A CG1 1 
ATOM   502  C CG2 . ILE A 1 70  ? 11.990  3.736   7.393   1.00 15.15 ? 222 ILE A CG2 1 
ATOM   503  C CD1 . ILE A 1 70  ? 11.506  5.379   4.989   1.00 14.70 ? 222 ILE A CD1 1 
ATOM   504  N N   . GLU A 1 71  ? 15.427  6.478   8.311   1.00 13.73 ? 223 GLU A N   1 
ATOM   505  C CA  . GLU A 1 71  ? 16.493  7.464   8.189   1.00 15.84 ? 223 GLU A CA  1 
ATOM   506  C C   . GLU A 1 71  ? 17.237  7.288   6.869   1.00 16.03 ? 223 GLU A C   1 
ATOM   507  O O   . GLU A 1 71  ? 17.524  6.164   6.451   1.00 12.71 ? 223 GLU A O   1 
ATOM   508  C CB  . GLU A 1 71  ? 17.472  7.313   9.348   1.00 19.08 ? 223 GLU A CB  1 
ATOM   509  C CG  . GLU A 1 71  ? 16.813  7.346   10.716  1.00 23.03 ? 223 GLU A CG  1 
ATOM   510  C CD  . GLU A 1 71  ? 17.756  6.898   11.803  1.00 32.97 ? 223 GLU A CD  1 
ATOM   511  O OE1 . GLU A 1 71  ? 18.725  7.628   12.076  1.00 38.45 ? 223 GLU A OE1 1 
ATOM   512  O OE2 . GLU A 1 71  ? 17.541  5.809   12.370  1.00 37.24 ? 223 GLU A OE2 1 
ATOM   513  N N   . ILE A 1 72  ? 17.552  8.402   6.221   1.00 12.30 ? 224 ILE A N   1 
ATOM   514  C CA  . ILE A 1 72  ? 18.236  8.378   4.927   1.00 13.98 ? 224 ILE A CA  1 
ATOM   515  C C   . ILE A 1 72  ? 19.483  7.510   4.943   1.00 14.14 ? 224 ILE A C   1 
ATOM   516  O O   . ILE A 1 72  ? 20.306  7.613   5.855   1.00 13.20 ? 224 ILE A O   1 
ATOM   517  C CB  . ILE A 1 72  ? 18.588  9.826   4.444   1.00 14.30 ? 224 ILE A CB  1 
ATOM   518  C CG1 . ILE A 1 72  ? 19.189  9.811   3.035   1.00 17.41 ? 224 ILE A CG1 1 
ATOM   519  C CG2 . ILE A 1 72  ? 19.509  10.547  5.434   1.00 13.52 ? 224 ILE A CG2 1 
ATOM   520  C CD1 . ILE A 1 72  ? 19.341  11.195  2.429   1.00 16.50 ? 224 ILE A CD1 1 
ATOM   521  N N   . GLY A 1 73  ? 19.605  6.624   3.957   1.00 13.62 ? 225 GLY A N   1 
ATOM   522  C CA  . GLY A 1 73  ? 20.830  5.857   3.810   1.00 14.65 ? 225 GLY A CA  1 
ATOM   523  C C   . GLY A 1 73  ? 20.850  4.491   4.469   1.00 13.10 ? 225 GLY A C   1 
ATOM   524  O O   . GLY A 1 73  ? 21.723  3.673   4.165   1.00 16.69 ? 225 GLY A O   1 
ATOM   525  N N   . LYS A 1 74  ? 19.900  4.238   5.367   1.00 12.36 ? 226 LYS A N   1 
ATOM   526  C CA  . LYS A 1 74  ? 19.802  2.940   6.032   1.00 12.91 ? 226 LYS A CA  1 
ATOM   527  C C   . LYS A 1 74  ? 18.948  1.945   5.246   1.00 17.14 ? 226 LYS A C   1 
ATOM   528  O O   . LYS A 1 74  ? 18.081  2.339   4.455   1.00 12.91 ? 226 LYS A O   1 
ATOM   529  C CB  . LYS A 1 74  ? 19.266  3.094   7.455   1.00 13.92 ? 226 LYS A CB  1 
ATOM   530  C CG  . LYS A 1 74  ? 20.191  3.900   8.340   1.00 18.03 ? 226 LYS A CG  1 
ATOM   531  C CD  . LYS A 1 74  ? 19.725  3.912   9.783   1.00 21.13 ? 226 LYS A CD  1 
ATOM   532  C CE  . LYS A 1 74  ? 20.658  4.774   10.627  1.00 33.57 ? 226 LYS A CE  1 
ATOM   533  N NZ  . LYS A 1 74  ? 20.552  4.473   12.085  1.00 39.50 ? 226 LYS A NZ  1 
ATOM   534  N N   . GLU A 1 75  ? 19.219  0.658   5.461   1.00 12.49 ? 227 GLU A N   1 
ATOM   535  C CA  . GLU A 1 75  ? 18.523  -0.430  4.770   1.00 14.17 ? 227 GLU A CA  1 
ATOM   536  C C   . GLU A 1 75  ? 17.318  -0.931  5.567   1.00 13.51 ? 227 GLU A C   1 
ATOM   537  O O   . GLU A 1 75  ? 17.421  -1.203  6.777   1.00 12.05 ? 227 GLU A O   1 
ATOM   538  C CB  . GLU A 1 75  ? 19.480  -1.602  4.529   1.00 13.58 ? 227 GLU A CB  1 
ATOM   539  C CG  . GLU A 1 75  ? 20.696  -1.251  3.659   1.00 14.35 ? 227 GLU A CG  1 
ATOM   540  C CD  . GLU A 1 75  ? 20.380  -1.154  2.171   1.00 18.86 ? 227 GLU A CD  1 
ATOM   541  O OE1 . GLU A 1 75  ? 19.707  -2.058  1.629   1.00 17.93 ? 227 GLU A OE1 1 
ATOM   542  O OE2 . GLU A 1 75  ? 20.836  -0.184  1.530   1.00 22.66 ? 227 GLU A OE2 1 
ATOM   543  N N   . TYR A 1 76  ? 16.179  -1.055  4.886   1.00 11.49 ? 228 TYR A N   1 
ATOM   544  C CA  . TYR A 1 76  ? 14.958  -1.535  5.524   1.00 12.16 ? 228 TYR A CA  1 
ATOM   545  C C   . TYR A 1 76  ? 14.221  -2.526  4.637   1.00 12.23 ? 228 TYR A C   1 
ATOM   546  O O   . TYR A 1 76  ? 14.588  -2.736  3.473   1.00 11.89 ? 228 TYR A O   1 
ATOM   547  C CB  . TYR A 1 76  ? 14.008  -0.372  5.800   1.00 12.75 ? 228 TYR A CB  1 
ATOM   548  C CG  . TYR A 1 76  ? 14.562  0.705   6.693   1.00 14.19 ? 228 TYR A CG  1 
ATOM   549  C CD1 . TYR A 1 76  ? 15.178  1.822   6.152   1.00 14.50 ? 228 TYR A CD1 1 
ATOM   550  C CD2 . TYR A 1 76  ? 14.449  0.619   8.077   1.00 12.40 ? 228 TYR A CD2 1 
ATOM   551  C CE1 . TYR A 1 76  ? 15.680  2.817   6.956   1.00 14.98 ? 228 TYR A CE1 1 
ATOM   552  C CE2 . TYR A 1 76  ? 14.950  1.618   8.891   1.00 15.26 ? 228 TYR A CE2 1 
ATOM   553  C CZ  . TYR A 1 76  ? 15.572  2.711   8.314   1.00 17.17 ? 228 TYR A CZ  1 
ATOM   554  O OH  . TYR A 1 76  ? 16.081  3.728   9.091   1.00 14.77 ? 228 TYR A OH  1 
ATOM   555  N N   . LYS A 1 77  ? 13.166  -3.123  5.188   1.00 11.76 ? 229 LYS A N   1 
ATOM   556  C CA  . LYS A 1 77  ? 12.208  -3.870  4.381   1.00 8.68  ? 229 LYS A CA  1 
ATOM   557  C C   . LYS A 1 77  ? 10.832  -3.254  4.523   1.00 12.15 ? 229 LYS A C   1 
ATOM   558  O O   . LYS A 1 77  ? 10.445  -2.815  5.613   1.00 13.27 ? 229 LYS A O   1 
ATOM   559  C CB  . LYS A 1 77  ? 12.103  -5.325  4.841   1.00 12.24 ? 229 LYS A CB  1 
ATOM   560  C CG  . LYS A 1 77  ? 13.224  -6.233  4.394   1.00 17.02 ? 229 LYS A CG  1 
ATOM   561  C CD  . LYS A 1 77  ? 12.793  -7.668  4.701   1.00 18.36 ? 229 LYS A CD  1 
ATOM   562  C CE  . LYS A 1 77  ? 13.905  -8.664  4.570   1.00 21.11 ? 229 LYS A CE  1 
ATOM   563  N NZ  . LYS A 1 77  ? 13.380  -10.000 4.971   1.00 20.32 ? 229 LYS A NZ  1 
ATOM   564  N N   . LEU A 1 78  ? 10.094  -3.223  3.421   1.00 11.37 ? 230 LEU A N   1 
ATOM   565  C CA  . LEU A 1 78  ? 8.651   -3.005  3.472   1.00 11.82 ? 230 LEU A CA  1 
ATOM   566  C C   . LEU A 1 78  ? 7.989   -4.377  3.439   1.00 10.71 ? 230 LEU A C   1 
ATOM   567  O O   . LEU A 1 78  ? 8.330   -5.215  2.600   1.00 11.25 ? 230 LEU A O   1 
ATOM   568  C CB  . LEU A 1 78  ? 8.201   -2.197  2.258   1.00 9.88  ? 230 LEU A CB  1 
ATOM   569  C CG  . LEU A 1 78  ? 6.712   -2.213  1.917   1.00 10.35 ? 230 LEU A CG  1 
ATOM   570  C CD1 . LEU A 1 78  ? 5.910   -1.555  3.013   1.00 11.75 ? 230 LEU A CD1 1 
ATOM   571  C CD2 . LEU A 1 78  ? 6.449   -1.529  0.577   1.00 11.48 ? 230 LEU A CD2 1 
ATOM   572  N N   . LYS A 1 79  ? 7.056   -4.624  4.356   1.00 9.68  ? 231 LYS A N   1 
ATOM   573  C CA  . LYS A 1 79  ? 6.290   -5.863  4.334   1.00 9.43  ? 231 LYS A CA  1 
ATOM   574  C C   . LYS A 1 79  ? 4.806   -5.537  4.243   1.00 9.18  ? 231 LYS A C   1 
ATOM   575  O O   . LYS A 1 79  ? 4.305   -4.686  4.987   1.00 11.35 ? 231 LYS A O   1 
ATOM   576  C CB  . LYS A 1 79  ? 6.572   -6.687  5.593   1.00 10.25 ? 231 LYS A CB  1 
ATOM   577  C CG  . LYS A 1 79  ? 8.021   -7.178  5.675   1.00 10.99 ? 231 LYS A CG  1 
ATOM   578  C CD  . LYS A 1 79  ? 8.268   -7.986  6.949   1.00 13.25 ? 231 LYS A CD  1 
ATOM   579  C CE  . LYS A 1 79  ? 9.712   -8.467  7.011   1.00 11.21 ? 231 LYS A CE  1 
ATOM   580  N NZ  . LYS A 1 79  ? 9.917   -9.433  8.128   1.00 13.48 ? 231 LYS A NZ  1 
ATOM   581  N N   . MET A 1 80  ? 4.104   -6.197  3.325   1.00 9.90  ? 232 MET A N   1 
ATOM   582  C CA  A MET A 1 80  ? 2.685   -5.932  3.108   0.52 10.88 ? 232 MET A CA  1 
ATOM   583  C CA  B MET A 1 80  ? 2.679   -5.943  3.142   0.48 10.90 ? 232 MET A CA  1 
ATOM   584  C C   . MET A 1 80  ? 1.931   -7.252  2.991   1.00 9.31  ? 232 MET A C   1 
ATOM   585  O O   . MET A 1 80  ? 2.272   -8.078  2.147   1.00 10.64 ? 232 MET A O   1 
ATOM   586  C CB  A MET A 1 80  ? 2.487   -5.102  1.828   0.52 13.10 ? 232 MET A CB  1 
ATOM   587  C CB  B MET A 1 80  ? 2.434   -5.070  1.909   0.48 13.11 ? 232 MET A CB  1 
ATOM   588  C CG  A MET A 1 80  ? 3.031   -3.678  1.901   0.52 10.94 ? 232 MET A CG  1 
ATOM   589  C CG  B MET A 1 80  ? 0.983   -4.689  1.711   0.48 11.59 ? 232 MET A CG  1 
ATOM   590  S SD  A MET A 1 80  ? 2.553   -2.649  0.485   0.52 16.42 ? 232 MET A SD  1 
ATOM   591  S SD  B MET A 1 80  ? 0.745   -3.791  0.172   0.48 17.25 ? 232 MET A SD  1 
ATOM   592  C CE  A MET A 1 80  ? 0.874   -3.236  0.224   0.52 18.97 ? 232 MET A CE  1 
ATOM   593  C CE  B MET A 1 80  ? 2.006   -2.512  0.338   0.48 15.96 ? 232 MET A CE  1 
ATOM   594  N N   . MET A 1 81  ? 0.911   -7.447  3.823   1.00 8.89  ? 233 MET A N   1 
ATOM   595  C CA  A MET A 1 81  ? 0.043   -8.612  3.686   0.58 11.33 ? 233 MET A CA  1 
ATOM   596  C CA  B MET A 1 81  ? 0.053   -8.620  3.685   0.42 11.31 ? 233 MET A CA  1 
ATOM   597  C C   . MET A 1 81  ? -1.165  -8.243  2.834   1.00 12.44 ? 233 MET A C   1 
ATOM   598  O O   . MET A 1 81  ? -1.982  -7.408  3.236   1.00 14.82 ? 233 MET A O   1 
ATOM   599  C CB  A MET A 1 81  ? -0.405  -9.117  5.056   0.58 11.36 ? 233 MET A CB  1 
ATOM   600  C CB  B MET A 1 81  ? -0.358  -9.151  5.060   0.42 11.43 ? 233 MET A CB  1 
ATOM   601  C CG  A MET A 1 81  ? -1.351  -10.299 4.980   0.58 11.00 ? 233 MET A CG  1 
ATOM   602  C CG  B MET A 1 81  ? 0.185   -10.531 5.355   0.42 16.58 ? 233 MET A CG  1 
ATOM   603  S SD  A MET A 1 81  ? -1.609  -11.046 6.601   0.58 21.30 ? 233 MET A SD  1 
ATOM   604  S SD  B MET A 1 81  ? -0.961  -11.820 4.879   0.42 19.47 ? 233 MET A SD  1 
ATOM   605  C CE  A MET A 1 81  ? -3.039  -12.071 6.259   0.58 17.31 ? 233 MET A CE  1 
ATOM   606  C CE  B MET A 1 81  ? -2.160  -11.690 6.216   0.42 18.16 ? 233 MET A CE  1 
ATOM   607  N N   . VAL A 1 82  ? -1.272  -8.854  1.652   1.00 9.48  ? 234 VAL A N   1 
ATOM   608  C CA  . VAL A 1 82  ? -2.273  -8.445  0.652   1.00 11.23 ? 234 VAL A CA  1 
ATOM   609  C C   . VAL A 1 82  ? -2.819  -9.628  -0.139  1.00 12.67 ? 234 VAL A C   1 
ATOM   610  O O   . VAL A 1 82  ? -2.109  -10.617 -0.364  1.00 10.47 ? 234 VAL A O   1 
ATOM   611  C CB  . VAL A 1 82  ? -1.685  -7.332  -0.300  1.00 19.07 ? 234 VAL A CB  1 
ATOM   612  C CG1 . VAL A 1 82  ? -0.265  -7.603  -0.596  1.00 17.90 ? 234 VAL A CG1 1 
ATOM   613  C CG2 . VAL A 1 82  ? -2.472  -7.178  -1.605  1.00 14.94 ? 234 VAL A CG2 1 
ATOM   614  N N   . ARG A 1 83  ? -4.095  -9.544  -0.509  1.00 11.65 ? 235 ARG A N   1 
ATOM   615  C CA  . ARG A 1 83  ? -4.678  -10.462 -1.479  1.00 10.84 ? 235 ARG A CA  1 
ATOM   616  C C   . ARG A 1 83  ? -5.626  -9.675  -2.369  1.00 15.05 ? 235 ARG A C   1 
ATOM   617  O O   . ARG A 1 83  ? -6.001  -8.539  -2.045  1.00 12.03 ? 235 ARG A O   1 
ATOM   618  C CB  . ARG A 1 83  ? -5.430  -11.601 -0.789  1.00 10.32 ? 235 ARG A CB  1 
ATOM   619  C CG  . ARG A 1 83  ? -6.684  -11.167 -0.050  1.00 11.34 ? 235 ARG A CG  1 
ATOM   620  C CD  . ARG A 1 83  ? -7.403  -12.376 0.542   1.00 10.82 ? 235 ARG A CD  1 
ATOM   621  N NE  . ARG A 1 83  ? -8.657  -11.990 1.183   1.00 11.48 ? 235 ARG A NE  1 
ATOM   622  C CZ  . ARG A 1 83  ? -9.467  -12.830 1.811   1.00 18.98 ? 235 ARG A CZ  1 
ATOM   623  N NH1 . ARG A 1 83  ? -9.153  -14.117 1.888   1.00 12.40 ? 235 ARG A NH1 1 
ATOM   624  N NH2 . ARG A 1 83  ? -10.589 -12.385 2.363   1.00 17.41 ? 235 ARG A NH2 1 
ATOM   625  N N   . GLY A 1 84  ? -6.018  -10.267 -3.493  1.00 12.70 ? 236 GLY A N   1 
ATOM   626  C CA  . GLY A 1 84  ? -6.945  -9.595  -4.385  1.00 13.97 ? 236 GLY A CA  1 
ATOM   627  C C   . GLY A 1 84  ? -8.012  -10.558 -4.861  1.00 13.60 ? 236 GLY A C   1 
ATOM   628  O O   . GLY A 1 84  ? -7.913  -11.761 -4.610  1.00 14.09 ? 236 GLY A O   1 
ATOM   629  N N   . SER A 1 85  ? -9.027  -10.044 -5.552  1.00 11.95 ? 237 SER A N   1 
ATOM   630  C CA  . SER A 1 85  ? -10.093 -10.905 -6.059  1.00 15.04 ? 237 SER A CA  1 
ATOM   631  C C   . SER A 1 85  ? -9.663  -11.625 -7.335  1.00 16.63 ? 237 SER A C   1 
ATOM   632  O O   . SER A 1 85  ? -10.365 -12.510 -7.825  1.00 15.31 ? 237 SER A O   1 
ATOM   633  C CB  . SER A 1 85  ? -11.366 -10.095 -6.298  1.00 14.80 ? 237 SER A CB  1 
ATOM   634  O OG  . SER A 1 85  ? -11.117 -8.982  -7.144  1.00 12.98 ? 237 SER A OG  1 
ATOM   635  N N   . ALA A 1 86  ? -8.506  -11.229 -7.865  1.00 12.20 ? 238 ALA A N   1 
ATOM   636  C CA  . ALA A 1 86  ? -7.905  -11.866 -9.031  1.00 14.27 ? 238 ALA A CA  1 
ATOM   637  C C   . ALA A 1 86  ? -6.426  -11.515 -8.972  1.00 14.89 ? 238 ALA A C   1 
ATOM   638  O O   . ALA A 1 86  ? -6.017  -10.754 -8.099  1.00 11.86 ? 238 ALA A O   1 
ATOM   639  C CB  . ALA A 1 86  ? -8.550  -11.354 -10.328 1.00 11.20 ? 238 ALA A CB  1 
ATOM   640  N N   . GLU A 1 87  ? -5.617  -12.075 -9.866  1.00 14.11 ? 239 GLU A N   1 
ATOM   641  C CA  . GLU A 1 87  ? -4.204  -11.711 -9.914  1.00 14.02 ? 239 GLU A CA  1 
ATOM   642  C C   . GLU A 1 87  ? -4.066  -10.281 -10.427 1.00 13.77 ? 239 GLU A C   1 
ATOM   643  O O   . GLU A 1 87  ? -4.761  -9.872  -11.364 1.00 14.18 ? 239 GLU A O   1 
ATOM   644  C CB  . GLU A 1 87  ? -3.408  -12.678 -10.803 1.00 14.95 ? 239 GLU A CB  1 
ATOM   645  C CG  . GLU A 1 87  ? -3.322  -14.096 -10.214 1.00 14.93 ? 239 GLU A CG  1 
ATOM   646  C CD  . GLU A 1 87  ? -2.609  -15.083 -11.112 1.00 24.99 ? 239 GLU A CD  1 
ATOM   647  O OE1 . GLU A 1 87  ? -2.121  -14.688 -12.190 1.00 23.50 ? 239 GLU A OE1 1 
ATOM   648  O OE2 . GLU A 1 87  ? -2.558  -16.272 -10.739 1.00 27.16 ? 239 GLU A OE2 1 
ATOM   649  N N   . GLY A 1 88  ? -3.174  -9.521  -9.808  1.00 12.57 ? 240 GLY A N   1 
ATOM   650  C CA  . GLY A 1 88  ? -2.992  -8.128  -10.172 1.00 11.77 ? 240 GLY A CA  1 
ATOM   651  C C   . GLY A 1 88  ? -1.688  -7.616  -9.606  1.00 16.03 ? 240 GLY A C   1 
ATOM   652  O O   . GLY A 1 88  ? -0.943  -8.358  -8.957  1.00 11.62 ? 240 GLY A O   1 
ATOM   653  N N   . LYS A 1 89  ? -1.400  -6.347  -9.861  1.00 13.43 ? 241 LYS A N   1 
ATOM   654  C CA  . LYS A 1 89  ? -0.152  -5.760  -9.406  1.00 16.56 ? 241 LYS A CA  1 
ATOM   655  C C   . LYS A 1 89  ? -0.436  -4.432  -8.737  1.00 16.18 ? 241 LYS A C   1 
ATOM   656  O O   . LYS A 1 89  ? -1.260  -3.648  -9.220  1.00 17.08 ? 241 LYS A O   1 
ATOM   657  C CB  . LYS A 1 89  ? 0.805   -5.574  -10.589 1.00 16.22 ? 241 LYS A CB  1 
ATOM   658  C CG  . LYS A 1 89  ? 2.122   -4.904  -10.257 1.00 27.67 ? 241 LYS A CG  1 
ATOM   659  C CD  . LYS A 1 89  ? 3.062   -4.924  -11.474 1.00 29.73 ? 241 LYS A CD  1 
ATOM   660  C CE  . LYS A 1 89  ? 3.125   -3.572  -12.188 1.00 45.56 ? 241 LYS A CE  1 
ATOM   661  N NZ  . LYS A 1 89  ? 1.779   -2.962  -12.450 1.00 44.12 ? 241 LYS A NZ  1 
ATOM   662  N N   . LEU A 1 90  ? 0.196   -4.184  -7.598  1.00 11.73 ? 242 LEU A N   1 
ATOM   663  C CA  . LEU A 1 90  ? 0.176   -2.821  -7.089  1.00 22.04 ? 242 LEU A CA  1 
ATOM   664  C C   . LEU A 1 90  ? 1.589   -2.260  -7.107  1.00 18.35 ? 242 LEU A C   1 
ATOM   665  O O   . LEU A 1 90  ? 2.557   -2.996  -6.925  1.00 18.18 ? 242 LEU A O   1 
ATOM   666  C CB  . LEU A 1 90  ? -0.495  -2.719  -5.716  1.00 23.35 ? 242 LEU A CB  1 
ATOM   667  C CG  . LEU A 1 90  ? -0.067  -3.632  -4.577  1.00 18.15 ? 242 LEU A CG  1 
ATOM   668  C CD1 . LEU A 1 90  ? 1.189   -3.098  -3.938  1.00 21.71 ? 242 LEU A CD1 1 
ATOM   669  C CD2 . LEU A 1 90  ? -1.182  -3.774  -3.551  1.00 27.45 ? 242 LEU A CD2 1 
ATOM   670  N N   . ASN A 1 91  ? 1.706   -0.967  -7.379  1.00 14.78 ? 243 ASN A N   1 
ATOM   671  C CA  . ASN A 1 91  ? 2.995   -0.305  -7.335  1.00 13.97 ? 243 ASN A CA  1 
ATOM   672  C C   . ASN A 1 91  ? 3.097   0.479   -6.049  1.00 14.71 ? 243 ASN A C   1 
ATOM   673  O O   . ASN A 1 91  ? 2.084   0.928   -5.505  1.00 16.27 ? 243 ASN A O   1 
ATOM   674  C CB  . ASN A 1 91  ? 3.147   0.625   -8.535  1.00 14.23 ? 243 ASN A CB  1 
ATOM   675  C CG  . ASN A 1 91  ? 3.245   -0.141  -9.838  1.00 26.34 ? 243 ASN A CG  1 
ATOM   676  O OD1 . ASN A 1 91  ? 2.257   -0.676  -10.329 1.00 29.05 ? 243 ASN A OD1 1 
ATOM   677  N ND2 . ASN A 1 91  ? 4.442   -0.211  -10.391 1.00 24.55 ? 243 ASN A ND2 1 
ATOM   678  N N   . PHE A 1 92  ? 4.317   0.644   -5.557  1.00 14.65 ? 244 PHE A N   1 
ATOM   679  C CA  . PHE A 1 92  ? 4.509   1.416   -4.339  1.00 12.78 ? 244 PHE A CA  1 
ATOM   680  C C   . PHE A 1 92  ? 5.804   2.196   -4.383  1.00 16.50 ? 244 PHE A C   1 
ATOM   681  O O   . PHE A 1 92  ? 6.716   1.875   -5.162  1.00 13.84 ? 244 PHE A O   1 
ATOM   682  C CB  . PHE A 1 92  ? 4.500   0.502   -3.108  1.00 14.33 ? 244 PHE A CB  1 
ATOM   683  C CG  . PHE A 1 92  ? 5.527   -0.576  -3.169  1.00 15.50 ? 244 PHE A CG  1 
ATOM   684  C CD1 . PHE A 1 92  ? 6.859   -0.302  -2.888  1.00 13.62 ? 244 PHE A CD1 1 
ATOM   685  C CD2 . PHE A 1 92  ? 5.169   -1.859  -3.532  1.00 12.47 ? 244 PHE A CD2 1 
ATOM   686  C CE1 . PHE A 1 92  ? 7.814   -1.290  -2.971  1.00 14.79 ? 244 PHE A CE1 1 
ATOM   687  C CE2 . PHE A 1 92  ? 6.115   -2.852  -3.614  1.00 14.34 ? 244 PHE A CE2 1 
ATOM   688  C CZ  . PHE A 1 92  ? 7.440   -2.570  -3.335  1.00 14.25 ? 244 PHE A CZ  1 
ATOM   689  N N   . GLY A 1 93  ? 5.877   3.222   -3.538  1.00 15.09 ? 245 GLY A N   1 
ATOM   690  C CA  . GLY A 1 93  ? 7.120   3.921   -3.278  1.00 13.96 ? 245 GLY A CA  1 
ATOM   691  C C   . GLY A 1 93  ? 7.193   4.189   -1.787  1.00 10.91 ? 245 GLY A C   1 
ATOM   692  O O   . GLY A 1 93  ? 6.183   4.518   -1.156  1.00 11.87 ? 245 GLY A O   1 
ATOM   693  N N   . VAL A 1 94  ? 8.372   4.008   -1.206  1.00 11.66 ? 246 VAL A N   1 
ATOM   694  C CA  . VAL A 1 94  ? 8.557   4.342   0.199   1.00 9.29  ? 246 VAL A CA  1 
ATOM   695  C C   . VAL A 1 94  ? 9.384   5.611   0.297   1.00 10.56 ? 246 VAL A C   1 
ATOM   696  O O   . VAL A 1 94  ? 10.543  5.646   -0.123  1.00 12.41 ? 246 VAL A O   1 
ATOM   697  C CB  . VAL A 1 94  ? 9.284   3.236   0.971   1.00 11.40 ? 246 VAL A CB  1 
ATOM   698  C CG1 . VAL A 1 94  ? 9.308   3.585   2.438   1.00 10.30 ? 246 VAL A CG1 1 
ATOM   699  C CG2 . VAL A 1 94  ? 8.601   1.877   0.771   1.00 11.66 ? 246 VAL A CG2 1 
ATOM   700  N N   . GLY A 1 95  ? 8.782   6.662   0.839   1.00 11.19 ? 247 GLY A N   1 
ATOM   701  C CA  . GLY A 1 95  ? 9.494   7.916   0.987   1.00 12.04 ? 247 GLY A CA  1 
ATOM   702  C C   . GLY A 1 95  ? 8.542   9.089   1.030   1.00 14.47 ? 247 GLY A C   1 
ATOM   703  O O   . GLY A 1 95  ? 7.325   8.921   0.917   1.00 13.57 ? 247 GLY A O   1 
ATOM   704  N N   . PRO A 1 96  ? 9.090   10.296  1.205   1.00 13.62 ? 248 PRO A N   1 
ATOM   705  C CA  . PRO A 1 96  ? 8.245   11.493  1.244   1.00 16.84 ? 248 PRO A CA  1 
ATOM   706  C C   . PRO A 1 96  ? 7.802   11.885  -0.155  1.00 16.72 ? 248 PRO A C   1 
ATOM   707  O O   . PRO A 1 96  ? 8.206   11.249  -1.130  1.00 15.53 ? 248 PRO A O   1 
ATOM   708  C CB  . PRO A 1 96  ? 9.184   12.573  1.811   1.00 16.36 ? 248 PRO A CB  1 
ATOM   709  C CG  . PRO A 1 96  ? 10.565  12.110  1.441   1.00 19.69 ? 248 PRO A CG  1 
ATOM   710  C CD  . PRO A 1 96  ? 10.511  10.591  1.478   1.00 10.45 ? 248 PRO A CD  1 
ATOM   711  N N   . TRP A 1 97  ? 6.981   12.925  -0.248  1.00 17.34 ? 249 TRP A N   1 
ATOM   712  C CA  . TRP A 1 97  ? 6.488   13.406  -1.531  1.00 15.82 ? 249 TRP A CA  1 
ATOM   713  C C   . TRP A 1 97  ? 7.618   13.745  -2.496  1.00 15.77 ? 249 TRP A C   1 
ATOM   714  O O   . TRP A 1 97  ? 7.459   13.616  -3.708  1.00 19.55 ? 249 TRP A O   1 
ATOM   715  C CB  . TRP A 1 97  ? 5.580   14.626  -1.323  1.00 17.47 ? 249 TRP A CB  1 
ATOM   716  C CG  . TRP A 1 97  ? 4.271   14.278  -0.693  1.00 16.15 ? 249 TRP A CG  1 
ATOM   717  C CD1 . TRP A 1 97  ? 3.908   14.450  0.609   1.00 16.48 ? 249 TRP A CD1 1 
ATOM   718  C CD2 . TRP A 1 97  ? 3.155   13.674  -1.347  1.00 15.51 ? 249 TRP A CD2 1 
ATOM   719  N NE1 . TRP A 1 97  ? 2.625   13.986  0.806   1.00 19.21 ? 249 TRP A NE1 1 
ATOM   720  C CE2 . TRP A 1 97  ? 2.141   13.506  -0.387  1.00 18.94 ? 249 TRP A CE2 1 
ATOM   721  C CE3 . TRP A 1 97  ? 2.904   13.269  -2.662  1.00 15.78 ? 249 TRP A CE3 1 
ATOM   722  C CZ2 . TRP A 1 97  ? 0.900   12.946  -0.695  1.00 16.37 ? 249 TRP A CZ2 1 
ATOM   723  C CZ3 . TRP A 1 97  ? 1.675   12.710  -2.965  1.00 18.81 ? 249 TRP A CZ3 1 
ATOM   724  C CH2 . TRP A 1 97  ? 0.689   12.562  -1.989  1.00 13.75 ? 249 TRP A CH2 1 
ATOM   725  N N   . SER A 1 98  ? 8.765   14.148  -1.959  1.00 18.32 ? 250 SER A N   1 
ATOM   726  C CA  . SER A 1 98  ? 9.889   14.594  -2.779  1.00 17.37 ? 250 SER A CA  1 
ATOM   727  C C   . SER A 1 98  ? 10.578  13.480  -3.565  1.00 16.84 ? 250 SER A C   1 
ATOM   728  O O   . SER A 1 98  ? 11.333  13.760  -4.494  1.00 20.40 ? 250 SER A O   1 
ATOM   729  C CB  . SER A 1 98  ? 10.919  15.324  -1.915  1.00 18.71 ? 250 SER A CB  1 
ATOM   730  O OG  . SER A 1 98  ? 11.362  14.489  -0.855  1.00 18.59 ? 250 SER A OG  1 
ATOM   731  N N   . GLY A 1 99  ? 10.321  12.222  -3.211  1.00 18.40 ? 251 GLY A N   1 
ATOM   732  C CA  . GLY A 1 99  ? 10.955  11.118  -3.920  1.00 17.00 ? 251 GLY A CA  1 
ATOM   733  C C   . GLY A 1 99  ? 11.006  9.860   -3.076  1.00 17.50 ? 251 GLY A C   1 
ATOM   734  O O   . GLY A 1 99  ? 11.157  9.934   -1.860  1.00 16.10 ? 251 GLY A O   1 
ATOM   735  N N   . ARG A 1 100 ? 10.899  8.702   -3.718  1.00 15.20 ? 252 ARG A N   1 
ATOM   736  C CA  . ARG A 1 100 ? 10.706  7.459   -2.980  1.00 14.72 ? 252 ARG A CA  1 
ATOM   737  C C   . ARG A 1 100 ? 11.538  6.304   -3.521  1.00 16.55 ? 252 ARG A C   1 
ATOM   738  O O   . ARG A 1 100 ? 12.057  6.363   -4.635  1.00 15.16 ? 252 ARG A O   1 
ATOM   739  C CB  . ARG A 1 100 ? 9.225   7.066   -3.010  1.00 11.52 ? 252 ARG A CB  1 
ATOM   740  C CG  . ARG A 1 100 ? 8.285   8.153   -2.533  1.00 12.39 ? 252 ARG A CG  1 
ATOM   741  C CD  . ARG A 1 100 ? 6.849   7.652   -2.371  1.00 14.71 ? 252 ARG A CD  1 
ATOM   742  N NE  . ARG A 1 100 ? 5.927   8.764   -2.157  1.00 14.92 ? 252 ARG A NE  1 
ATOM   743  C CZ  . ARG A 1 100 ? 5.334   9.426   -3.148  1.00 16.02 ? 252 ARG A CZ  1 
ATOM   744  N NH1 . ARG A 1 100 ? 5.567   9.079   -4.409  1.00 17.60 ? 252 ARG A NH1 1 
ATOM   745  N NH2 . ARG A 1 100 ? 4.521   10.438  -2.886  1.00 18.01 ? 252 ARG A NH2 1 
ATOM   746  N N   . ALA A 1 101 ? 11.667  5.254   -2.717  1.00 13.03 ? 253 ALA A N   1 
ATOM   747  C CA  . ALA A 1 101 ? 12.232  3.994   -3.182  1.00 15.17 ? 253 ALA A CA  1 
ATOM   748  C C   . ALA A 1 101 ? 11.073  3.161   -3.704  1.00 14.92 ? 253 ALA A C   1 
ATOM   749  O O   . ALA A 1 101 ? 10.139  2.853   -2.949  1.00 13.87 ? 253 ALA A O   1 
ATOM   750  C CB  . ALA A 1 101 ? 12.939  3.271   -2.035  1.00 12.91 ? 253 ALA A CB  1 
ATOM   751  N N   . GLU A 1 102 ? 11.132  2.786   -4.983  1.00 12.53 ? 254 GLU A N   1 
ATOM   752  C CA  . GLU A 1 102 ? 9.957   2.231   -5.656  1.00 14.79 ? 254 GLU A CA  1 
ATOM   753  C C   . GLU A 1 102 ? 10.062  0.748   -6.019  1.00 14.74 ? 254 GLU A C   1 
ATOM   754  O O   . GLU A 1 102 ? 11.154  0.226   -6.271  1.00 14.22 ? 254 GLU A O   1 
ATOM   755  C CB  . GLU A 1 102 ? 9.619   3.070   -6.896  1.00 17.50 ? 254 GLU A CB  1 
ATOM   756  C CG  . GLU A 1 102 ? 9.516   4.564   -6.577  1.00 18.89 ? 254 GLU A CG  1 
ATOM   757  C CD  . GLU A 1 102 ? 9.360   5.435   -7.804  1.00 27.37 ? 254 GLU A CD  1 
ATOM   758  O OE1 . GLU A 1 102 ? 9.682   4.977   -8.919  1.00 28.78 ? 254 GLU A OE1 1 
ATOM   759  O OE2 . GLU A 1 102 ? 8.911   6.585   -7.640  1.00 28.11 ? 254 GLU A OE2 1 
ATOM   760  N N   . GLY A 1 103 ? 8.908   0.088   -6.049  1.00 15.60 ? 255 GLY A N   1 
ATOM   761  C CA  . GLY A 1 103 ? 8.823   -1.329  -6.372  1.00 14.96 ? 255 GLY A CA  1 
ATOM   762  C C   . GLY A 1 103 ? 7.390   -1.694  -6.711  1.00 11.28 ? 255 GLY A C   1 
ATOM   763  O O   . GLY A 1 103 ? 6.551   -0.806  -6.902  1.00 12.90 ? 255 GLY A O   1 
ATOM   764  N N   . SER A 1 104 ? 7.111   -2.995  -6.820  1.00 11.86 ? 256 SER A N   1 
ATOM   765  C CA  . SER A 1 104 ? 5.738   -3.452  -7.028  1.00 15.48 ? 256 SER A CA  1 
ATOM   766  C C   . SER A 1 104 ? 5.587   -4.870  -6.487  1.00 11.41 ? 256 SER A C   1 
ATOM   767  O O   . SER A 1 104 ? 6.582   -5.595  -6.369  1.00 11.50 ? 256 SER A O   1 
ATOM   768  C CB  . SER A 1 104 ? 5.364   -3.394  -8.510  1.00 18.62 ? 256 SER A CB  1 
ATOM   769  O OG  . SER A 1 104 ? 6.148   -4.308  -9.257  1.00 19.76 ? 256 SER A OG  1 
ATOM   770  N N   . PHE A 1 105 ? 4.355   -5.240  -6.133  1.00 12.57 ? 257 PHE A N   1 
ATOM   771  C CA  . PHE A 1 105 ? 4.028   -6.593  -5.676  1.00 14.92 ? 257 PHE A CA  1 
ATOM   772  C C   . PHE A 1 105 ? 2.956   -7.172  -6.592  1.00 15.90 ? 257 PHE A C   1 
ATOM   773  O O   . PHE A 1 105 ? 1.947   -6.514  -6.857  1.00 16.11 ? 257 PHE A O   1 
ATOM   774  C CB  . PHE A 1 105 ? 3.461   -6.560  -4.248  1.00 11.76 ? 257 PHE A CB  1 
ATOM   775  C CG  . PHE A 1 105 ? 4.467   -6.178  -3.190  1.00 11.24 ? 257 PHE A CG  1 
ATOM   776  C CD1 . PHE A 1 105 ? 5.776   -6.636  -3.261  1.00 11.78 ? 257 PHE A CD1 1 
ATOM   777  C CD2 . PHE A 1 105 ? 4.096   -5.371  -2.118  1.00 12.69 ? 257 PHE A CD2 1 
ATOM   778  C CE1 . PHE A 1 105 ? 6.709   -6.295  -2.285  1.00 13.67 ? 257 PHE A CE1 1 
ATOM   779  C CE2 . PHE A 1 105 ? 5.019   -5.019  -1.131  1.00 13.27 ? 257 PHE A CE2 1 
ATOM   780  C CZ  . PHE A 1 105 ? 6.336   -5.482  -1.218  1.00 10.81 ? 257 PHE A CZ  1 
ATOM   781  N N   . SER A 1 106 ? 3.166   -8.395  -7.071  1.00 13.27 ? 258 SER A N   1 
ATOM   782  C CA  . SER A 1 106 ? 2.131   -9.102  -7.821  1.00 12.32 ? 258 SER A CA  1 
ATOM   783  C C   . SER A 1 106 ? 1.384   -10.045 -6.881  1.00 14.62 ? 258 SER A C   1 
ATOM   784  O O   . SER A 1 106 ? 1.957   -11.007 -6.367  1.00 14.81 ? 258 SER A O   1 
ATOM   785  C CB  . SER A 1 106 ? 2.745   -9.874  -8.993  1.00 18.75 ? 258 SER A CB  1 
ATOM   786  O OG  . SER A 1 106 ? 3.376   -8.981  -9.900  1.00 18.88 ? 258 SER A OG  1 
ATOM   787  N N   . PHE A 1 107 ? 0.114   -9.741  -6.635  1.00 12.15 ? 259 PHE A N   1 
ATOM   788  C CA  . PHE A 1 107 ? -0.671  -10.477 -5.650  1.00 11.57 ? 259 PHE A CA  1 
ATOM   789  C C   . PHE A 1 107 ? -1.641  -11.450 -6.328  1.00 13.38 ? 259 PHE A C   1 
ATOM   790  O O   . PHE A 1 107 ? -1.855  -11.381 -7.548  1.00 10.96 ? 259 PHE A O   1 
ATOM   791  C CB  . PHE A 1 107 ? -1.438  -9.496  -4.746  1.00 12.20 ? 259 PHE A CB  1 
ATOM   792  C CG  . PHE A 1 107 ? -2.313  -8.526  -5.506  1.00 10.14 ? 259 PHE A CG  1 
ATOM   793  C CD1 . PHE A 1 107 ? -3.554  -8.924  -5.994  1.00 8.32  ? 259 PHE A CD1 1 
ATOM   794  C CD2 . PHE A 1 107 ? -1.887  -7.222  -5.742  1.00 10.25 ? 259 PHE A CD2 1 
ATOM   795  C CE1 . PHE A 1 107 ? -4.356  -8.049  -6.698  1.00 9.96  ? 259 PHE A CE1 1 
ATOM   796  C CE2 . PHE A 1 107 ? -2.687  -6.334  -6.436  1.00 11.56 ? 259 PHE A CE2 1 
ATOM   797  C CZ  . PHE A 1 107 ? -3.918  -6.745  -6.925  1.00 12.36 ? 259 PHE A CZ  1 
ATOM   798  N N   . ASN A 1 108 ? -2.238  -12.342 -5.539  1.00 13.61 ? 260 ASN A N   1 
ATOM   799  C CA  . ASN A 1 108 ? -3.281  -13.216 -6.059  1.00 13.05 ? 260 ASN A CA  1 
ATOM   800  C C   . ASN A 1 108 ? -4.387  -13.383 -5.020  1.00 12.75 ? 260 ASN A C   1 
ATOM   801  O O   . ASN A 1 108 ? -4.500  -12.565 -4.103  1.00 13.23 ? 260 ASN A O   1 
ATOM   802  C CB  . ASN A 1 108 ? -2.700  -14.562 -6.511  1.00 13.29 ? 260 ASN A CB  1 
ATOM   803  C CG  . ASN A 1 108 ? -2.249  -15.423 -5.351  1.00 17.25 ? 260 ASN A CG  1 
ATOM   804  O OD1 . ASN A 1 108 ? -2.194  -14.971 -4.215  1.00 14.00 ? 260 ASN A OD1 1 
ATOM   805  N ND2 . ASN A 1 108 ? -1.931  -16.674 -5.634  1.00 22.47 ? 260 ASN A ND2 1 
ATOM   806  N N   . THR A 1 109 ? -5.195  -14.433 -5.136  1.00 13.10 ? 261 THR A N   1 
ATOM   807  C CA  . THR A 1 109 ? -6.331  -14.580 -4.233  1.00 11.28 ? 261 THR A CA  1 
ATOM   808  C C   . THR A 1 109 ? -5.979  -15.143 -2.857  1.00 12.29 ? 261 THR A C   1 
ATOM   809  O O   . THR A 1 109 ? -6.854  -15.228 -1.998  1.00 13.17 ? 261 THR A O   1 
ATOM   810  C CB  . THR A 1 109 ? -7.457  -15.427 -4.857  1.00 13.20 ? 261 THR A CB  1 
ATOM   811  O OG1 . THR A 1 109 ? -6.949  -16.721 -5.198  1.00 14.11 ? 261 THR A OG1 1 
ATOM   812  C CG2 . THR A 1 109 ? -7.996  -14.754 -6.113  1.00 14.85 ? 261 THR A CG2 1 
ATOM   813  N N   . GLU A 1 110 ? -4.717  -15.518 -2.641  1.00 10.60 ? 262 GLU A N   1 
ATOM   814  C CA  . GLU A 1 110 ? -4.290  -16.036 -1.331  1.00 13.66 ? 262 GLU A CA  1 
ATOM   815  C C   . GLU A 1 110 ? -3.669  -14.932 -0.486  1.00 14.68 ? 262 GLU A C   1 
ATOM   816  O O   . GLU A 1 110 ? -3.020  -14.043 -1.024  1.00 15.60 ? 262 GLU A O   1 
ATOM   817  C CB  . GLU A 1 110 ? -3.240  -17.139 -1.486  1.00 16.30 ? 262 GLU A CB  1 
ATOM   818  C CG  . GLU A 1 110 ? -3.569  -18.227 -2.495  1.00 21.31 ? 262 GLU A CG  1 
ATOM   819  C CD  . GLU A 1 110 ? -2.453  -19.253 -2.617  1.00 31.00 ? 262 GLU A CD  1 
ATOM   820  O OE1 . GLU A 1 110 ? -2.297  -20.069 -1.687  1.00 24.74 ? 262 GLU A OE1 1 
ATOM   821  O OE2 . GLU A 1 110 ? -1.727  -19.232 -3.633  1.00 31.30 ? 262 GLU A OE2 1 
ATOM   822  N N   . TRP A 1 111 ? -3.843  -15.001 0.832   1.00 13.41 ? 263 TRP A N   1 
ATOM   823  C CA  . TRP A 1 111 ? -3.148  -14.068 1.717   1.00 13.96 ? 263 TRP A CA  1 
ATOM   824  C C   . TRP A 1 111 ? -1.662  -14.385 1.702   1.00 15.41 ? 263 TRP A C   1 
ATOM   825  O O   . TRP A 1 111 ? -1.266  -15.500 2.050   1.00 16.16 ? 263 TRP A O   1 
ATOM   826  C CB  . TRP A 1 111 ? -3.627  -14.222 3.160   1.00 16.82 ? 263 TRP A CB  1 
ATOM   827  C CG  . TRP A 1 111 ? -4.883  -13.495 3.511   1.00 14.08 ? 263 TRP A CG  1 
ATOM   828  C CD1 . TRP A 1 111 ? -6.033  -14.043 4.006   1.00 14.86 ? 263 TRP A CD1 1 
ATOM   829  C CD2 . TRP A 1 111 ? -5.116  -12.081 3.430   1.00 12.96 ? 263 TRP A CD2 1 
ATOM   830  N NE1 . TRP A 1 111 ? -6.969  -13.056 4.230   1.00 15.18 ? 263 TRP A NE1 1 
ATOM   831  C CE2 . TRP A 1 111 ? -6.427  -11.844 3.882   1.00 13.84 ? 263 TRP A CE2 1 
ATOM   832  C CE3 . TRP A 1 111 ? -4.337  -10.995 3.019   1.00 13.97 ? 263 TRP A CE3 1 
ATOM   833  C CZ2 . TRP A 1 111 ? -6.979  -10.566 3.929   1.00 12.17 ? 263 TRP A CZ2 1 
ATOM   834  C CZ3 . TRP A 1 111 ? -4.886  -9.724  3.063   1.00 10.91 ? 263 TRP A CZ3 1 
ATOM   835  C CH2 . TRP A 1 111 ? -6.188  -9.518  3.511   1.00 15.23 ? 263 TRP A CH2 1 
ATOM   836  N N   . LYS A 1 112 ? -0.835  -13.410 1.321   1.00 10.91 ? 264 LYS A N   1 
ATOM   837  C CA  . LYS A 1 112 ? 0.614   -13.566 1.421   1.00 10.84 ? 264 LYS A CA  1 
ATOM   838  C C   . LYS A 1 112 ? 1.239   -12.293 1.941   1.00 11.89 ? 264 LYS A C   1 
ATOM   839  O O   . LYS A 1 112 ? 0.744   -11.193 1.669   1.00 12.09 ? 264 LYS A O   1 
ATOM   840  C CB  . LYS A 1 112 ? 1.233   -13.882 0.056   1.00 13.65 ? 264 LYS A CB  1 
ATOM   841  C CG  . LYS A 1 112 ? 0.778   -15.190 -0.555  1.00 20.40 ? 264 LYS A CG  1 
ATOM   842  C CD  . LYS A 1 112 ? 1.624   -15.534 -1.781  1.00 22.80 ? 264 LYS A CD  1 
ATOM   843  C CE  . LYS A 1 112 ? 0.903   -16.546 -2.665  1.00 31.53 ? 264 LYS A CE  1 
ATOM   844  N NZ  . LYS A 1 112 ? 1.686   -16.931 -3.878  1.00 29.65 ? 264 LYS A NZ  1 
ATOM   845  N N   . GLU A 1 113 ? 2.346   -12.430 2.662   1.00 12.15 ? 265 GLU A N   1 
ATOM   846  C CA  . GLU A 1 113 ? 3.141   -11.254 2.998   1.00 10.67 ? 265 GLU A CA  1 
ATOM   847  C C   . GLU A 1 113 ? 4.238   -11.055 1.954   1.00 11.27 ? 265 GLU A C   1 
ATOM   848  O O   . GLU A 1 113 ? 5.139   -11.886 1.824   1.00 12.94 ? 265 GLU A O   1 
ATOM   849  C CB  . GLU A 1 113 ? 3.770   -11.395 4.385   1.00 9.85  ? 265 GLU A CB  1 
ATOM   850  C CG  . GLU A 1 113 ? 4.601   -10.184 4.799   1.00 10.55 ? 265 GLU A CG  1 
ATOM   851  C CD  . GLU A 1 113 ? 5.433   -10.463 6.025   1.00 12.75 ? 265 GLU A CD  1 
ATOM   852  O OE1 . GLU A 1 113 ? 6.487   -11.115 5.881   1.00 11.63 ? 265 GLU A OE1 1 
ATOM   853  O OE2 . GLU A 1 113 ? 5.026   -10.049 7.132   1.00 12.04 ? 265 GLU A OE2 1 
ATOM   854  N N   . TYR A 1 114 ? 4.153   -9.957  1.207   1.00 11.97 ? 266 TYR A N   1 
ATOM   855  C CA  . TYR A 1 114 ? 5.190   -9.609  0.244   1.00 10.65 ? 266 TYR A CA  1 
ATOM   856  C C   . TYR A 1 114 ? 6.221   -8.693  0.888   1.00 12.03 ? 266 TYR A C   1 
ATOM   857  O O   . TYR A 1 114 ? 5.899   -7.936  1.806   1.00 14.16 ? 266 TYR A O   1 
ATOM   858  C CB  . TYR A 1 114 ? 4.551   -8.948  -0.983  1.00 11.69 ? 266 TYR A CB  1 
ATOM   859  C CG  . TYR A 1 114 ? 3.574   -9.888  -1.659  1.00 10.54 ? 266 TYR A CG  1 
ATOM   860  C CD1 . TYR A 1 114 ? 4.018   -10.864 -2.542  1.00 11.29 ? 266 TYR A CD1 1 
ATOM   861  C CD2 . TYR A 1 114 ? 2.213   -9.816  -1.397  1.00 10.36 ? 266 TYR A CD2 1 
ATOM   862  C CE1 . TYR A 1 114 ? 3.136   -11.731 -3.145  1.00 11.47 ? 266 TYR A CE1 1 
ATOM   863  C CE2 . TYR A 1 114 ? 1.320   -10.695 -2.000  1.00 10.26 ? 266 TYR A CE2 1 
ATOM   864  C CZ  . TYR A 1 114 ? 1.795   -11.645 -2.867  1.00 11.23 ? 266 TYR A CZ  1 
ATOM   865  O OH  . TYR A 1 114 ? 0.917   -12.523 -3.471  1.00 13.03 ? 266 TYR A OH  1 
ATOM   866  N N   . GLU A 1 115 ? 7.463   -8.761  0.412   1.00 11.43 ? 267 GLU A N   1 
ATOM   867  C CA  . GLU A 1 115 ? 8.552   -8.009  1.033   1.00 9.79  ? 267 GLU A CA  1 
ATOM   868  C C   . GLU A 1 115 ? 9.370   -7.244  -0.011  1.00 12.31 ? 267 GLU A C   1 
ATOM   869  O O   . GLU A 1 115 ? 9.557   -7.738  -1.127  1.00 11.71 ? 267 GLU A O   1 
ATOM   870  C CB  . GLU A 1 115 ? 9.479   -8.970  1.774   1.00 12.33 ? 267 GLU A CB  1 
ATOM   871  C CG  . GLU A 1 115 ? 8.773   -9.867  2.771   1.00 10.72 ? 267 GLU A CG  1 
ATOM   872  C CD  . GLU A 1 115 ? 9.715   -10.857 3.417   1.00 14.17 ? 267 GLU A CD  1 
ATOM   873  O OE1 . GLU A 1 115 ? 10.623  -10.414 4.144   1.00 15.95 ? 267 GLU A OE1 1 
ATOM   874  O OE2 . GLU A 1 115 ? 9.557   -12.075 3.188   1.00 13.41 ? 267 GLU A OE2 1 
ATOM   875  N N   . PHE A 1 116 ? 9.871   -6.065  0.375   1.00 9.41  ? 268 PHE A N   1 
ATOM   876  C CA  . PHE A 1 116 ? 10.672  -5.206  -0.506  1.00 12.68 ? 268 PHE A CA  1 
ATOM   877  C C   . PHE A 1 116 ? 11.834  -4.607  0.284   1.00 12.43 ? 268 PHE A C   1 
ATOM   878  O O   . PHE A 1 116 ? 11.614  -3.888  1.257   1.00 11.61 ? 268 PHE A O   1 
ATOM   879  C CB  . PHE A 1 116 ? 9.770   -4.105  -1.054  1.00 15.15 ? 268 PHE A CB  1 
ATOM   880  C CG  . PHE A 1 116 ? 10.493  -2.964  -1.741  1.00 20.28 ? 268 PHE A CG  1 
ATOM   881  C CD1 . PHE A 1 116 ? 11.088  -3.136  -2.981  1.00 21.74 ? 268 PHE A CD1 1 
ATOM   882  C CD2 . PHE A 1 116 ? 10.502  -1.696  -1.167  1.00 19.81 ? 268 PHE A CD2 1 
ATOM   883  C CE1 . PHE A 1 116 ? 11.720  -2.072  -3.628  1.00 17.50 ? 268 PHE A CE1 1 
ATOM   884  C CE2 . PHE A 1 116 ? 11.113  -0.623  -1.811  1.00 18.93 ? 268 PHE A CE2 1 
ATOM   885  C CZ  . PHE A 1 116 ? 11.728  -0.816  -3.048  1.00 16.05 ? 268 PHE A CZ  1 
ATOM   886  N N   . SER A 1 117 ? 13.067  -4.925  -0.115  1.00 11.85 ? 269 SER A N   1 
ATOM   887  C CA  . SER A 1 117 ? 14.254  -4.373  0.540   1.00 12.04 ? 269 SER A CA  1 
ATOM   888  C C   . SER A 1 117 ? 14.669  -3.098  -0.162  1.00 12.27 ? 269 SER A C   1 
ATOM   889  O O   . SER A 1 117 ? 14.646  -3.030  -1.399  1.00 12.03 ? 269 SER A O   1 
ATOM   890  C CB  . SER A 1 117 ? 15.411  -5.368  0.471   1.00 15.53 ? 269 SER A CB  1 
ATOM   891  O OG  . SER A 1 117 ? 15.284  -6.373  1.463   1.00 18.61 ? 269 SER A OG  1 
ATOM   892  N N   . PHE A 1 118 ? 15.056  -2.088  0.619   1.00 12.25 ? 270 PHE A N   1 
ATOM   893  C CA  . PHE A 1 118 ? 15.423  -0.794  0.027   1.00 15.12 ? 270 PHE A CA  1 
ATOM   894  C C   . PHE A 1 118 ? 16.320  0.040   0.921   1.00 11.79 ? 270 PHE A C   1 
ATOM   895  O O   . PHE A 1 118 ? 16.300  -0.103  2.139   1.00 11.49 ? 270 PHE A O   1 
ATOM   896  C CB  . PHE A 1 118 ? 14.175  0.028   -0.303  1.00 10.57 ? 270 PHE A CB  1 
ATOM   897  C CG  . PHE A 1 118 ? 13.421  0.499   0.915   1.00 11.61 ? 270 PHE A CG  1 
ATOM   898  C CD1 . PHE A 1 118 ? 12.539  -0.349  1.570   1.00 12.11 ? 270 PHE A CD1 1 
ATOM   899  C CD2 . PHE A 1 118 ? 13.591  1.786   1.396   1.00 12.53 ? 270 PHE A CD2 1 
ATOM   900  C CE1 . PHE A 1 118 ? 11.847  0.076   2.695   1.00 11.10 ? 270 PHE A CE1 1 
ATOM   901  C CE2 . PHE A 1 118 ? 12.910  2.223   2.513   1.00 10.87 ? 270 PHE A CE2 1 
ATOM   902  C CZ  . PHE A 1 118 ? 12.030  1.366   3.170   1.00 12.60 ? 270 PHE A CZ  1 
ATOM   903  N N   . LYS A 1 119 ? 17.097  0.933   0.307   1.00 13.43 ? 271 LYS A N   1 
ATOM   904  C CA  . LYS A 1 119 ? 17.781  1.979   1.062   1.00 14.40 ? 271 LYS A CA  1 
ATOM   905  C C   . LYS A 1 119 ? 16.886  3.207   1.105   1.00 11.86 ? 271 LYS A C   1 
ATOM   906  O O   . LYS A 1 119 ? 16.388  3.663   0.070   1.00 13.02 ? 271 LYS A O   1 
ATOM   907  C CB  . LYS A 1 119 ? 19.129  2.338   0.413   1.00 14.79 ? 271 LYS A CB  1 
ATOM   908  C CG  . LYS A 1 119 ? 19.984  3.304   1.250   1.00 14.34 ? 271 LYS A CG  1 
ATOM   909  C CD  . LYS A 1 119 ? 21.298  3.652   0.551   1.00 20.13 ? 271 LYS A CD  1 
ATOM   910  C CE  . LYS A 1 119 ? 22.177  2.416   0.375   1.00 19.79 ? 271 LYS A CE  1 
ATOM   911  N NZ  . LYS A 1 119 ? 22.577  1.809   1.677   1.00 21.14 ? 271 LYS A NZ  1 
ATOM   912  N N   . ALA A 1 120 ? 16.672  3.737   2.305   1.00 11.61 ? 272 ALA A N   1 
ATOM   913  C CA  . ALA A 1 120 ? 15.840  4.919   2.472   1.00 10.69 ? 272 ALA A CA  1 
ATOM   914  C C   . ALA A 1 120 ? 16.441  6.089   1.700   1.00 13.26 ? 272 ALA A C   1 
ATOM   915  O O   . ALA A 1 120 ? 17.645  6.327   1.780   1.00 14.35 ? 272 ALA A O   1 
ATOM   916  C CB  . ALA A 1 120 ? 15.677  5.258   3.957   1.00 12.53 ? 272 ALA A CB  1 
ATOM   917  N N   . VAL A 1 121 ? 15.609  6.793   0.932   1.00 9.89  ? 273 VAL A N   1 
ATOM   918  C CA  . VAL A 1 121 ? 16.105  7.879   0.074   1.00 12.43 ? 273 VAL A CA  1 
ATOM   919  C C   . VAL A 1 121 ? 16.050  9.242   0.766   1.00 17.33 ? 273 VAL A C   1 
ATOM   920  O O   . VAL A 1 121 ? 16.542  10.245  0.234   1.00 18.41 ? 273 VAL A O   1 
ATOM   921  C CB  . VAL A 1 121 ? 15.338  7.961   -1.261  1.00 14.41 ? 273 VAL A CB  1 
ATOM   922  C CG1 . VAL A 1 121 ? 15.312  6.611   -1.938  1.00 13.34 ? 273 VAL A CG1 1 
ATOM   923  C CG2 . VAL A 1 121 ? 13.917  8.465   -1.055  1.00 16.72 ? 273 VAL A CG2 1 
ATOM   924  N N   . ALA A 1 122 ? 15.462  9.263   1.960   1.00 12.88 ? 274 ALA A N   1 
ATOM   925  C CA  . ALA A 1 122 ? 15.238  10.499  2.709   1.00 17.42 ? 274 ALA A CA  1 
ATOM   926  C C   . ALA A 1 122 ? 14.830  10.102  4.108   1.00 21.83 ? 274 ALA A C   1 
ATOM   927  O O   . ALA A 1 122 ? 14.639  8.916   4.380   1.00 14.92 ? 274 ALA A O   1 
ATOM   928  C CB  . ALA A 1 122 ? 14.128  11.319  2.062   1.00 16.20 ? 274 ALA A CB  1 
ATOM   929  N N   . ASP A 1 123 ? 14.687  11.081  4.997   1.00 16.44 ? 275 ASP A N   1 
ATOM   930  C CA  . ASP A 1 123 ? 14.106  10.804  6.304   1.00 20.87 ? 275 ASP A CA  1 
ATOM   931  C C   . ASP A 1 123 ? 12.589  10.735  6.179   1.00 18.65 ? 275 ASP A C   1 
ATOM   932  O O   . ASP A 1 123 ? 11.987  11.551  5.479   1.00 17.53 ? 275 ASP A O   1 
ATOM   933  C CB  . ASP A 1 123 ? 14.465  11.893  7.313   1.00 23.46 ? 275 ASP A CB  1 
ATOM   934  C CG  . ASP A 1 123 ? 15.923  11.848  7.745   1.00 29.06 ? 275 ASP A CG  1 
ATOM   935  O OD1 . ASP A 1 123 ? 16.559  10.770  7.664   1.00 18.14 ? 275 ASP A OD1 1 
ATOM   936  O OD2 . ASP A 1 123 ? 16.426  12.905  8.189   1.00 28.58 ? 275 ASP A OD2 1 
ATOM   937  N N   . GLY A 1 124 ? 11.976  9.767   6.859   1.00 14.19 ? 276 GLY A N   1 
ATOM   938  C CA  . GLY A 1 124 ? 10.527  9.722   6.976   1.00 14.86 ? 276 GLY A CA  1 
ATOM   939  C C   . GLY A 1 124 ? 9.791   9.431   5.686   1.00 17.64 ? 276 GLY A C   1 
ATOM   940  O O   . GLY A 1 124 ? 10.329  8.788   4.778   1.00 18.26 ? 276 GLY A O   1 
ATOM   941  N N   . GLY A 1 125 ? 8.554   9.908   5.606   1.00 14.80 ? 277 GLY A N   1 
ATOM   942  C CA  . GLY A 1 125 ? 7.729   9.679   4.433   1.00 16.43 ? 277 GLY A CA  1 
ATOM   943  C C   . GLY A 1 125 ? 6.619   8.671   4.665   1.00 17.42 ? 277 GLY A C   1 
ATOM   944  O O   . GLY A 1 125 ? 6.249   8.379   5.808   1.00 16.37 ? 277 GLY A O   1 
ATOM   945  N N   . HIS A 1 126 ? 6.101   8.125   3.567   1.00 13.25 ? 278 HIS A N   1 
ATOM   946  C CA  . HIS A 1 126 ? 4.913   7.289   3.609   1.00 13.81 ? 278 HIS A CA  1 
ATOM   947  C C   . HIS A 1 126 ? 5.056   6.158   2.608   1.00 12.39 ? 278 HIS A C   1 
ATOM   948  O O   . HIS A 1 126 ? 6.013   6.125   1.839   1.00 11.16 ? 278 HIS A O   1 
ATOM   949  C CB  . HIS A 1 126 ? 3.679   8.131   3.264   1.00 14.55 ? 278 HIS A CB  1 
ATOM   950  C CG  . HIS A 1 126 ? 3.866   9.003   2.058   1.00 13.79 ? 278 HIS A CG  1 
ATOM   951  N ND1 . HIS A 1 126 ? 4.152   10.351  2.150   1.00 16.41 ? 278 HIS A ND1 1 
ATOM   952  C CD2 . HIS A 1 126 ? 3.829   8.722   0.735   1.00 14.54 ? 278 HIS A CD2 1 
ATOM   953  C CE1 . HIS A 1 126 ? 4.270   10.861  0.937   1.00 14.02 ? 278 HIS A CE1 1 
ATOM   954  N NE2 . HIS A 1 126 ? 4.083   9.888   0.058   1.00 16.79 ? 278 HIS A NE2 1 
ATOM   955  N N   . VAL A 1 127 ? 4.124   5.212   2.626   1.00 13.23 ? 279 VAL A N   1 
ATOM   956  C CA  . VAL A 1 127 ? 4.102   4.190   1.582   1.00 11.60 ? 279 VAL A CA  1 
ATOM   957  C C   . VAL A 1 127 ? 3.046   4.562   0.559   1.00 12.05 ? 279 VAL A C   1 
ATOM   958  O O   . VAL A 1 127 ? 1.856   4.323   0.772   1.00 13.10 ? 279 VAL A O   1 
ATOM   959  C CB  . VAL A 1 127 ? 3.788   2.798   2.148   1.00 9.49  ? 279 VAL A CB  1 
ATOM   960  C CG1 . VAL A 1 127 ? 3.824   1.740   1.025   1.00 7.70  ? 279 VAL A CG1 1 
ATOM   961  C CG2 . VAL A 1 127 ? 4.793   2.460   3.227   1.00 11.16 ? 279 VAL A CG2 1 
ATOM   962  N N   . MET A 1 128 ? 3.474   5.177   -0.536  1.00 12.82 ? 280 MET A N   1 
ATOM   963  C CA  . MET A 1 128 ? 2.545   5.507   -1.611  1.00 11.09 ? 280 MET A CA  1 
ATOM   964  C C   . MET A 1 128 ? 2.196   4.230   -2.373  1.00 13.62 ? 280 MET A C   1 
ATOM   965  O O   . MET A 1 128 ? 3.087   3.517   -2.805  1.00 12.90 ? 280 MET A O   1 
ATOM   966  C CB  . MET A 1 128 ? 3.172   6.532   -2.558  1.00 10.92 ? 280 MET A CB  1 
ATOM   967  C CG  . MET A 1 128 ? 2.397   6.708   -3.857  1.00 13.77 ? 280 MET A CG  1 
ATOM   968  S SD  . MET A 1 128 ? 0.764   7.453   -3.612  1.00 16.99 ? 280 MET A SD  1 
ATOM   969  C CE  . MET A 1 128 ? 1.206   9.173   -3.307  1.00 16.81 ? 280 MET A CE  1 
ATOM   970  N N   . THR A 1 129 ? 0.908   3.952   -2.542  1.00 13.01 ? 281 THR A N   1 
ATOM   971  C CA  . THR A 1 129 ? 0.475   2.718   -3.173  1.00 13.75 ? 281 THR A CA  1 
ATOM   972  C C   . THR A 1 129 ? -0.473  3.062   -4.315  1.00 13.99 ? 281 THR A C   1 
ATOM   973  O O   . THR A 1 129 ? -1.325  3.938   -4.172  1.00 12.41 ? 281 THR A O   1 
ATOM   974  C CB  . THR A 1 129 ? -0.210  1.815   -2.141  1.00 13.80 ? 281 THR A CB  1 
ATOM   975  O OG1 . THR A 1 129 ? 0.618   1.748   -0.971  1.00 11.64 ? 281 THR A OG1 1 
ATOM   976  C CG2 . THR A 1 129 ? -0.408  0.407   -2.680  1.00 14.76 ? 281 THR A CG2 1 
ATOM   977  N N   . GLN A 1 130 ? -0.317  2.384   -5.450  1.00 11.98 ? 282 GLN A N   1 
ATOM   978  C CA  . GLN A 1 130 ? -1.071  2.750   -6.645  1.00 13.19 ? 282 GLN A CA  1 
ATOM   979  C C   . GLN A 1 130 ? -1.578  1.510   -7.352  1.00 11.87 ? 282 GLN A C   1 
ATOM   980  O O   . GLN A 1 130 ? -0.830  0.549   -7.534  1.00 12.01 ? 282 GLN A O   1 
ATOM   981  C CB  . GLN A 1 130 ? -0.190  3.582   -7.590  1.00 10.58 ? 282 GLN A CB  1 
ATOM   982  C CG  . GLN A 1 130 ? 0.278   4.899   -6.953  1.00 13.40 ? 282 GLN A CG  1 
ATOM   983  C CD  . GLN A 1 130 ? 1.196   5.716   -7.837  1.00 12.46 ? 282 GLN A CD  1 
ATOM   984  O OE1 . GLN A 1 130 ? 1.738   5.230   -8.831  1.00 19.99 ? 282 GLN A OE1 1 
ATOM   985  N NE2 . GLN A 1 130 ? 1.365   6.979   -7.481  1.00 14.80 ? 282 GLN A NE2 1 
ATOM   986  N N   . SER A 1 131 ? -2.844  1.533   -7.758  1.00 10.40 ? 283 SER A N   1 
ATOM   987  C CA  . SER A 1 131 ? -3.448  0.342   -8.357  1.00 9.89  ? 283 SER A CA  1 
ATOM   988  C C   . SER A 1 131 ? -4.554  0.680   -9.364  1.00 11.08 ? 283 SER A C   1 
ATOM   989  O O   . SER A 1 131 ? -5.479  -0.116  -9.569  1.00 15.24 ? 283 SER A O   1 
ATOM   990  C CB  . SER A 1 131 ? -3.983  -0.590  -7.253  1.00 12.01 ? 283 SER A CB  1 
ATOM   991  O OG  . SER A 1 131 ? -4.938  0.068   -6.425  1.00 11.77 ? 283 SER A OG  1 
ATOM   992  N N   . GLY A 1 132 ? -4.441  1.840   -10.008 1.00 11.13 ? 284 GLY A N   1 
ATOM   993  C CA  . GLY A 1 132 ? -5.474  2.309   -10.919 1.00 12.36 ? 284 GLY A CA  1 
ATOM   994  C C   . GLY A 1 132 ? -5.828  1.329   -12.023 1.00 12.93 ? 284 GLY A C   1 
ATOM   995  O O   . GLY A 1 132 ? -6.979  1.286   -12.455 1.00 13.36 ? 284 GLY A O   1 
ATOM   996  N N   . LEU A 1 133 ? -4.850  0.546   -12.476 1.00 11.52 ? 285 LEU A N   1 
ATOM   997  C CA  . LEU A 1 133 ? -5.077  -0.411  -13.563 1.00 14.32 ? 285 LEU A CA  1 
ATOM   998  C C   . LEU A 1 133 ? -5.803  -1.690  -13.140 1.00 20.06 ? 285 LEU A C   1 
ATOM   999  O O   . LEU A 1 133 ? -6.301  -2.431  -13.996 1.00 14.85 ? 285 LEU A O   1 
ATOM   1000 C CB  . LEU A 1 133 ? -3.756  -0.791  -14.234 1.00 15.63 ? 285 LEU A CB  1 
ATOM   1001 C CG  . LEU A 1 133 ? -2.948  0.364   -14.832 1.00 15.41 ? 285 LEU A CG  1 
ATOM   1002 C CD1 . LEU A 1 133 ? -1.636  -0.143  -15.389 1.00 13.18 ? 285 LEU A CD1 1 
ATOM   1003 C CD2 . LEU A 1 133 ? -3.754  1.066   -15.885 1.00 16.99 ? 285 LEU A CD2 1 
ATOM   1004 N N   . PHE A 1 134 ? -5.850  -1.966  -11.837 1.00 11.76 ? 286 PHE A N   1 
ATOM   1005 C CA  . PHE A 1 134 ? -6.495  -3.195  -11.360 1.00 11.26 ? 286 PHE A CA  1 
ATOM   1006 C C   . PHE A 1 134 ? -8.005  -3.056  -11.151 1.00 14.64 ? 286 PHE A C   1 
ATOM   1007 O O   . PHE A 1 134 ? -8.468  -2.111  -10.500 1.00 15.80 ? 286 PHE A O   1 
ATOM   1008 C CB  . PHE A 1 134 ? -5.839  -3.684  -10.065 1.00 12.78 ? 286 PHE A CB  1 
ATOM   1009 C CG  . PHE A 1 134 ? -6.458  -4.940  -9.526  1.00 11.06 ? 286 PHE A CG  1 
ATOM   1010 C CD1 . PHE A 1 134 ? -6.144  -6.175  -10.076 1.00 14.87 ? 286 PHE A CD1 1 
ATOM   1011 C CD2 . PHE A 1 134 ? -7.382  -4.881  -8.498  1.00 13.56 ? 286 PHE A CD2 1 
ATOM   1012 C CE1 . PHE A 1 134 ? -6.731  -7.334  -9.593  1.00 12.37 ? 286 PHE A CE1 1 
ATOM   1013 C CE2 . PHE A 1 134 ? -7.978  -6.030  -8.003  1.00 11.28 ? 286 PHE A CE2 1 
ATOM   1014 C CZ  . PHE A 1 134 ? -7.657  -7.261  -8.547  1.00 12.61 ? 286 PHE A CZ  1 
ATOM   1015 N N   . VAL A 1 135 ? -8.762  -4.008  -11.697 1.00 11.29 ? 287 VAL A N   1 
ATOM   1016 C CA  . VAL A 1 135 ? -10.209 -4.054  -11.497 1.00 12.96 ? 287 VAL A CA  1 
ATOM   1017 C C   . VAL A 1 135 ? -10.620 -5.213  -10.580 1.00 16.46 ? 287 VAL A C   1 
ATOM   1018 O O   . VAL A 1 135 ? -10.418 -6.388  -10.900 1.00 17.00 ? 287 VAL A O   1 
ATOM   1019 C CB  . VAL A 1 135 ? -10.998 -4.125  -12.822 1.00 18.44 ? 287 VAL A CB  1 
ATOM   1020 C CG1 . VAL A 1 135 ? -10.959 -2.782  -13.508 1.00 19.99 ? 287 VAL A CG1 1 
ATOM   1021 C CG2 . VAL A 1 135 ? -10.430 -5.172  -13.744 1.00 20.26 ? 287 VAL A CG2 1 
ATOM   1022 N N   . GLY A 1 136 ? -11.202 -4.865  -9.437  1.00 12.82 ? 288 GLY A N   1 
ATOM   1023 C CA  . GLY A 1 136 ? -11.635 -5.858  -8.470  1.00 12.76 ? 288 GLY A CA  1 
ATOM   1024 C C   . GLY A 1 136 ? -11.504 -5.355  -7.052  1.00 13.40 ? 288 GLY A C   1 
ATOM   1025 O O   . GLY A 1 136 ? -11.667 -4.155  -6.785  1.00 12.06 ? 288 GLY A O   1 
ATOM   1026 N N   . THR A 1 137 ? -11.222 -6.276  -6.136  1.00 11.92 ? 289 THR A N   1 
ATOM   1027 C CA  . THR A 1 137 ? -11.066 -5.924  -4.734  1.00 12.09 ? 289 THR A CA  1 
ATOM   1028 C C   . THR A 1 137 ? -9.661  -6.247  -4.260  1.00 14.58 ? 289 THR A C   1 
ATOM   1029 O O   . THR A 1 137 ? -9.206  -7.389  -4.378  1.00 15.98 ? 289 THR A O   1 
ATOM   1030 C CB  . THR A 1 137 ? -12.069 -6.694  -3.861  1.00 15.01 ? 289 THR A CB  1 
ATOM   1031 O OG1 . THR A 1 137 ? -13.404 -6.332  -4.246  1.00 12.76 ? 289 THR A OG1 1 
ATOM   1032 C CG2 . THR A 1 137 ? -11.860 -6.358  -2.392  1.00 14.55 ? 289 THR A CG2 1 
ATOM   1033 N N   . ILE A 1 138 ? -8.983  -5.242  -3.712  1.00 8.63  ? 290 ILE A N   1 
ATOM   1034 C CA  . ILE A 1 138 ? -7.698  -5.447  -3.062  1.00 10.73 ? 290 ILE A CA  1 
ATOM   1035 C C   . ILE A 1 138 ? -7.912  -5.297  -1.559  1.00 11.05 ? 290 ILE A C   1 
ATOM   1036 O O   . ILE A 1 138 ? -8.564  -4.345  -1.112  1.00 12.01 ? 290 ILE A O   1 
ATOM   1037 C CB  . ILE A 1 138 ? -6.651  -4.420  -3.550  1.00 9.34  ? 290 ILE A CB  1 
ATOM   1038 C CG1 . ILE A 1 138 ? -6.402  -4.584  -5.054  1.00 9.90  ? 290 ILE A CG1 1 
ATOM   1039 C CG2 . ILE A 1 138 ? -5.329  -4.577  -2.782  1.00 12.56 ? 290 ILE A CG2 1 
ATOM   1040 C CD1 . ILE A 1 138 ? -5.571  -3.454  -5.678  1.00 12.04 ? 290 ILE A CD1 1 
ATOM   1041 N N   . GLN A 1 139 ? -7.392  -6.253  -0.788  1.00 11.05 ? 291 GLN A N   1 
ATOM   1042 C CA  . GLN A 1 139 ? -7.459  -6.204  0.673   1.00 9.45  ? 291 GLN A CA  1 
ATOM   1043 C C   . GLN A 1 139 ? -6.052  -6.197  1.253   1.00 12.54 ? 291 GLN A C   1 
ATOM   1044 O O   . GLN A 1 139 ? -5.216  -7.017  0.881   1.00 12.56 ? 291 GLN A O   1 
ATOM   1045 C CB  . GLN A 1 139 ? -8.232  -7.398  1.238   1.00 8.96  ? 291 GLN A CB  1 
ATOM   1046 C CG  . GLN A 1 139 ? -9.674  -7.453  0.779   1.00 13.98 ? 291 GLN A CG  1 
ATOM   1047 C CD  . GLN A 1 139 ? -10.455 -8.529  1.492   1.00 18.60 ? 291 GLN A CD  1 
ATOM   1048 O OE1 . GLN A 1 139 ? -9.902  -9.561  1.869   1.00 16.71 ? 291 GLN A OE1 1 
ATOM   1049 N NE2 . GLN A 1 139 ? -11.745 -8.287  1.702   1.00 14.56 ? 291 GLN A NE2 1 
ATOM   1050 N N   . ILE A 1 140 ? -5.790  -5.253  2.152   1.00 9.33  ? 292 ILE A N   1 
ATOM   1051 C CA  . ILE A 1 140 ? -4.467  -5.115  2.755   1.00 10.56 ? 292 ILE A CA  1 
ATOM   1052 C C   . ILE A 1 140 ? -4.643  -5.265  4.261   1.00 11.64 ? 292 ILE A C   1 
ATOM   1053 O O   . ILE A 1 140 ? -5.367  -4.482  4.882   1.00 11.37 ? 292 ILE A O   1 
ATOM   1054 C CB  . ILE A 1 140 ? -3.830  -3.746  2.377   1.00 9.89  ? 292 ILE A CB  1 
ATOM   1055 C CG1 . ILE A 1 140 ? -3.565  -3.688  0.864   1.00 12.95 ? 292 ILE A CG1 1 
ATOM   1056 C CG2 . ILE A 1 140 ? -2.529  -3.504  3.135   1.00 10.92 ? 292 ILE A CG2 1 
ATOM   1057 C CD1 . ILE A 1 140 ? -3.113  -2.295  0.377   1.00 12.74 ? 292 ILE A CD1 1 
ATOM   1058 N N   . LYS A 1 141 ? -4.024  -6.296  4.839   1.00 10.31 ? 293 LYS A N   1 
ATOM   1059 C CA  . LYS A 1 141 ? -4.253  -6.607  6.247   1.00 12.41 ? 293 LYS A CA  1 
ATOM   1060 C C   . LYS A 1 141 ? -3.319  -5.815  7.158   1.00 15.60 ? 293 LYS A C   1 
ATOM   1061 O O   . LYS A 1 141 ? -3.734  -5.308  8.206   1.00 14.61 ? 293 LYS A O   1 
ATOM   1062 C CB  . LYS A 1 141 ? -4.108  -8.116  6.490   1.00 12.43 ? 293 LYS A CB  1 
ATOM   1063 C CG  . LYS A 1 141 ? -4.339  -8.548  7.942   1.00 19.54 ? 293 LYS A CG  1 
ATOM   1064 C CD  . LYS A 1 141 ? -5.795  -8.363  8.384   1.00 29.24 ? 293 LYS A CD  1 
ATOM   1065 C CE  . LYS A 1 141 ? -6.762  -9.339  7.693   1.00 26.06 ? 293 LYS A CE  1 
ATOM   1066 N NZ  . LYS A 1 141 ? -8.117  -9.378  8.351   1.00 21.59 ? 293 LYS A NZ  1 
ATOM   1067 N N   . TYR A 1 142 ? -2.050  -5.726  6.777   1.00 12.06 ? 294 TYR A N   1 
ATOM   1068 C CA  . TYR A 1 142 ? -1.104  -4.916  7.538   1.00 12.37 ? 294 TYR A CA  1 
ATOM   1069 C C   . TYR A 1 142 ? 0.038   -4.413  6.680   1.00 14.41 ? 294 TYR A C   1 
ATOM   1070 O O   . TYR A 1 142 ? 0.311   -4.957  5.608   1.00 13.70 ? 294 TYR A O   1 
ATOM   1071 C CB  . TYR A 1 142 ? -0.540  -5.670  8.753   1.00 12.21 ? 294 TYR A CB  1 
ATOM   1072 C CG  . TYR A 1 142 ? 0.295   -6.918  8.471   1.00 11.79 ? 294 TYR A CG  1 
ATOM   1073 C CD1 . TYR A 1 142 ? 1.586   -6.834  7.949   1.00 10.95 ? 294 TYR A CD1 1 
ATOM   1074 C CD2 . TYR A 1 142 ? -0.191  -8.175  8.801   1.00 14.35 ? 294 TYR A CD2 1 
ATOM   1075 C CE1 . TYR A 1 142 ? 2.353   -7.977  7.725   1.00 9.43  ? 294 TYR A CE1 1 
ATOM   1076 C CE2 . TYR A 1 142 ? 0.560   -9.317  8.592   1.00 14.31 ? 294 TYR A CE2 1 
ATOM   1077 C CZ  . TYR A 1 142 ? 1.830   -9.217  8.057   1.00 14.72 ? 294 TYR A CZ  1 
ATOM   1078 O OH  . TYR A 1 142 ? 2.556   -10.379 7.860   1.00 11.62 ? 294 TYR A OH  1 
ATOM   1079 N N   . VAL A 1 143 ? 0.708   -3.379  7.173   1.00 11.29 ? 295 VAL A N   1 
ATOM   1080 C CA  . VAL A 1 143 ? 1.938   -2.886  6.562   1.00 11.25 ? 295 VAL A CA  1 
ATOM   1081 C C   . VAL A 1 143 ? 2.992   -2.716  7.653   1.00 14.14 ? 295 VAL A C   1 
ATOM   1082 O O   . VAL A 1 143 ? 2.701   -2.168  8.715   1.00 13.50 ? 295 VAL A O   1 
ATOM   1083 C CB  . VAL A 1 143 ? 1.709   -1.543  5.836   1.00 12.94 ? 295 VAL A CB  1 
ATOM   1084 C CG1 . VAL A 1 143 ? 3.017   -0.989  5.302   1.00 14.62 ? 295 VAL A CG1 1 
ATOM   1085 C CG2 . VAL A 1 143 ? 0.720   -1.729  4.691   1.00 14.50 ? 295 VAL A CG2 1 
ATOM   1086 N N   . LYS A 1 144 ? 4.211   -3.193  7.398   1.00 11.65 ? 296 LYS A N   1 
ATOM   1087 C CA  . LYS A 1 144 ? 5.311   -3.026  8.347   1.00 8.22  ? 296 LYS A CA  1 
ATOM   1088 C C   . LYS A 1 144 ? 6.560   -2.527  7.659   1.00 10.68 ? 296 LYS A C   1 
ATOM   1089 O O   . LYS A 1 144 ? 6.796   -2.823  6.472   1.00 10.11 ? 296 LYS A O   1 
ATOM   1090 C CB  . LYS A 1 144 ? 5.673   -4.358  9.016   1.00 14.21 ? 296 LYS A CB  1 
ATOM   1091 C CG  . LYS A 1 144 ? 4.578   -5.012  9.826   1.00 13.97 ? 296 LYS A CG  1 
ATOM   1092 C CD  . LYS A 1 144 ? 5.066   -6.375  10.306  1.00 13.69 ? 296 LYS A CD  1 
ATOM   1093 C CE  . LYS A 1 144 ? 3.950   -7.142  11.018  1.00 21.49 ? 296 LYS A CE  1 
ATOM   1094 N NZ  . LYS A 1 144 ? 4.399   -8.485  11.497  1.00 19.48 ? 296 LYS A NZ  1 
ATOM   1095 N N   . ILE A 1 145 ? 7.362   -1.772  8.416   1.00 11.81 ? 297 ILE A N   1 
ATOM   1096 C CA  . ILE A 1 145 ? 8.733   -1.457  8.026   1.00 9.86  ? 297 ILE A CA  1 
ATOM   1097 C C   . ILE A 1 145 ? 9.637   -2.154  9.024   1.00 12.25 ? 297 ILE A C   1 
ATOM   1098 O O   . ILE A 1 145 ? 9.430   -2.028  10.234  1.00 14.78 ? 297 ILE A O   1 
ATOM   1099 C CB  . ILE A 1 145 ? 9.036   0.057   8.089   1.00 11.37 ? 297 ILE A CB  1 
ATOM   1100 C CG1 . ILE A 1 145 ? 8.085   0.852   7.189   1.00 12.79 ? 297 ILE A CG1 1 
ATOM   1101 C CG2 . ILE A 1 145 ? 10.500  0.313   7.707   1.00 11.04 ? 297 ILE A CG2 1 
ATOM   1102 C CD1 . ILE A 1 145 ? 8.323   0.658   5.694   1.00 14.84 ? 297 ILE A CD1 1 
ATOM   1103 N N   . THR A 1 146 ? 10.629  -2.904  8.539   1.00 8.10  ? 298 THR A N   1 
ATOM   1104 C CA  . THR A 1 146 ? 11.534  -3.601  9.441   1.00 10.45 ? 298 THR A CA  1 
ATOM   1105 C C   . THR A 1 146 ? 12.994  -3.336  9.074   1.00 14.42 ? 298 THR A C   1 
ATOM   1106 O O   . THR A 1 146 ? 13.290  -2.764  8.016   1.00 13.31 ? 298 THR A O   1 
ATOM   1107 C CB  . THR A 1 146 ? 11.296  -5.142  9.432   1.00 13.68 ? 298 THR A CB  1 
ATOM   1108 O OG1 . THR A 1 146 ? 11.674  -5.672  8.158   1.00 12.06 ? 298 THR A OG1 1 
ATOM   1109 C CG2 . THR A 1 146 ? 9.835   -5.477  9.700   1.00 12.09 ? 298 THR A CG2 1 
ATOM   1110 N N   . HIS A 1 147 ? 13.903  -3.726  9.965   1.00 13.73 ? 299 HIS A N   1 
ATOM   1111 C CA  . HIS A 1 147 ? 15.327  -3.787  9.623   1.00 16.92 ? 299 HIS A CA  1 
ATOM   1112 C C   . HIS A 1 147 ? 15.961  -5.001  10.307  1.00 19.49 ? 299 HIS A C   1 
ATOM   1113 O O   . HIS A 1 147 ? 15.391  -5.565  11.251  1.00 19.96 ? 299 HIS A O   1 
ATOM   1114 C CB  . HIS A 1 147 ? 16.058  -2.502  10.021  1.00 14.21 ? 299 HIS A CB  1 
ATOM   1115 C CG  . HIS A 1 147 ? 16.142  -2.291  11.503  1.00 19.39 ? 299 HIS A CG  1 
ATOM   1116 N ND1 . HIS A 1 147 ? 15.171  -1.623  12.214  1.00 20.19 ? 299 HIS A ND1 1 
ATOM   1117 C CD2 . HIS A 1 147 ? 17.085  -2.655  12.402  1.00 22.34 ? 299 HIS A CD2 1 
ATOM   1118 C CE1 . HIS A 1 147 ? 15.504  -1.594  13.494  1.00 25.37 ? 299 HIS A CE1 1 
ATOM   1119 N NE2 . HIS A 1 147 ? 16.665  -2.214  13.633  1.00 24.33 ? 299 HIS A NE2 1 
ATOM   1120 N N   . SER A 1 148 ? 17.124  -5.423  9.825   1.00 19.24 ? 300 SER A N   1 
ATOM   1121 C CA  . SER A 1 148 ? 17.820  -6.532  10.469  1.00 22.81 ? 300 SER A CA  1 
ATOM   1122 C C   . SER A 1 148 ? 18.875  -6.029  11.456  1.00 26.29 ? 300 SER A C   1 
ATOM   1123 O O   . SER A 1 148 ? 19.618  -5.087  11.153  1.00 27.86 ? 300 SER A O   1 
ATOM   1124 C CB  . SER A 1 148 ? 18.465  -7.434  9.422   1.00 27.61 ? 300 SER A CB  1 
ATOM   1125 O OG  . SER A 1 148 ? 19.492  -6.736  8.752   1.00 42.83 ? 300 SER A OG  1 
HETATM 1126 O O   . HOH B 2 .   ? -1.685  -12.418 -2.480  1.00 11.36 ? 801 HOH A O   1 
HETATM 1127 O O   . HOH B 2 .   ? -13.274 2.149   -10.790 1.00 11.98 ? 802 HOH A O   1 
HETATM 1128 O O   . HOH B 2 .   ? 6.013   -10.021 9.682   1.00 13.43 ? 803 HOH A O   1 
HETATM 1129 O O   . HOH B 2 .   ? 8.576   -11.760 7.595   1.00 13.38 ? 804 HOH A O   1 
HETATM 1130 O O   . HOH B 2 .   ? 12.340  7.987   3.239   1.00 14.15 ? 805 HOH A O   1 
HETATM 1131 O O   . HOH B 2 .   ? -7.292  -0.393  -7.310  1.00 13.24 ? 806 HOH A O   1 
HETATM 1132 O O   . HOH B 2 .   ? 16.546  -8.777  1.353   1.00 15.19 ? 807 HOH A O   1 
HETATM 1133 O O   . HOH B 2 .   ? 7.063   -13.104 3.882   1.00 15.01 ? 808 HOH A O   1 
HETATM 1134 O O   . HOH B 2 .   ? 19.153  -4.450  2.420   1.00 16.23 ? 809 HOH A O   1 
HETATM 1135 O O   . HOH B 2 .   ? 12.802  6.015   1.457   1.00 12.46 ? 810 HOH A O   1 
HETATM 1136 O O   . HOH B 2 .   ? -9.201  -2.356  -6.665  1.00 11.05 ? 811 HOH A O   1 
HETATM 1137 O O   . HOH B 2 .   ? 2.069   3.232   -10.620 1.00 18.34 ? 812 HOH A O   1 
HETATM 1138 O O   . HOH B 2 .   ? -1.193  9.953   4.758   1.00 20.42 ? 813 HOH A O   1 
HETATM 1139 O O   . HOH B 2 .   ? -9.446  14.307  -10.704 1.00 19.27 ? 814 HOH A O   1 
HETATM 1140 O O   . HOH B 2 .   ? -3.018  -19.926 0.744   1.00 20.72 ? 815 HOH A O   1 
HETATM 1141 O O   . HOH B 2 .   ? 16.718  -4.814  3.530   1.00 18.25 ? 816 HOH A O   1 
HETATM 1142 O O   . HOH B 2 .   ? -10.454 11.091  -3.962  1.00 21.91 ? 817 HOH A O   1 
HETATM 1143 O O   . HOH B 2 .   ? 14.406  -6.258  7.782   1.00 15.72 ? 818 HOH A O   1 
HETATM 1144 O O   . HOH B 2 .   ? -5.087  -7.698  -13.028 1.00 18.69 ? 819 HOH A O   1 
HETATM 1145 O O   . HOH B 2 .   ? -13.389 -10.285 3.264   1.00 27.70 ? 820 HOH A O   1 
HETATM 1146 O O   . HOH B 2 .   ? 20.389  -0.498  -1.388  1.00 19.20 ? 821 HOH A O   1 
HETATM 1147 O O   . HOH B 2 .   ? -11.826 3.892   6.446   1.00 22.23 ? 822 HOH A O   1 
HETATM 1148 O O   . HOH B 2 .   ? 1.517   -14.482 -5.367  1.00 21.28 ? 823 HOH A O   1 
HETATM 1149 O O   . HOH B 2 .   ? -2.024  -0.872  14.130  1.00 17.17 ? 824 HOH A O   1 
HETATM 1150 O O   . HOH B 2 .   ? 16.489  -5.520  6.012   1.00 18.21 ? 825 HOH A O   1 
HETATM 1151 O O   . HOH B 2 .   ? 8.442   -8.642  10.354  1.00 19.02 ? 826 HOH A O   1 
HETATM 1152 O O   . HOH B 2 .   ? 18.246  -3.708  7.473   1.00 16.93 ? 827 HOH A O   1 
HETATM 1153 O O   . HOH B 2 .   ? 21.555  -0.044  7.182   1.00 24.31 ? 828 HOH A O   1 
HETATM 1154 O O   . HOH B 2 .   ? -9.563  -13.194 5.614   1.00 18.29 ? 829 HOH A O   1 
HETATM 1155 O O   . HOH B 2 .   ? -6.596  1.040   -18.014 1.00 22.50 ? 830 HOH A O   1 
HETATM 1156 O O   . HOH B 2 .   ? -13.698 5.949   -1.259  1.00 22.55 ? 831 HOH A O   1 
HETATM 1157 O O   . HOH B 2 .   ? 19.055  10.737  9.209   1.00 23.82 ? 832 HOH A O   1 
HETATM 1158 O O   . HOH B 2 .   ? -11.399 3.428   9.436   1.00 22.96 ? 833 HOH A O   1 
HETATM 1159 O O   . HOH B 2 .   ? -1.835  -2.101  -11.184 1.00 22.26 ? 834 HOH A O   1 
HETATM 1160 O O   . HOH B 2 .   ? 4.230   1.153   14.934  1.00 16.14 ? 835 HOH A O   1 
HETATM 1161 O O   . HOH B 2 .   ? 18.793  -0.385  9.133   1.00 19.80 ? 836 HOH A O   1 
HETATM 1162 O O   . HOH B 2 .   ? -14.885 -1.540  1.193   1.00 24.81 ? 837 HOH A O   1 
HETATM 1163 O O   . HOH B 2 .   ? 6.861   2.230   15.650  1.00 21.56 ? 838 HOH A O   1 
HETATM 1164 O O   . HOH B 2 .   ? -7.254  11.973  1.565   1.00 25.32 ? 839 HOH A O   1 
HETATM 1165 O O   . HOH B 2 .   ? -2.413  -17.727 3.887   1.00 18.53 ? 840 HOH A O   1 
HETATM 1166 O O   . HOH B 2 .   ? 10.586  -7.493  -3.618  1.00 19.32 ? 841 HOH A O   1 
HETATM 1167 O O   . HOH B 2 .   ? -9.759  -14.911 -9.569  1.00 15.50 ? 842 HOH A O   1 
HETATM 1168 O O   . HOH B 2 .   ? -14.009 6.176   -16.663 1.00 23.44 ? 843 HOH A O   1 
HETATM 1169 O O   . HOH B 2 .   ? -4.514  9.140   -18.991 1.00 20.40 ? 844 HOH A O   1 
HETATM 1170 O O   . HOH B 2 .   ? -3.022  -5.018  -12.076 1.00 22.61 ? 845 HOH A O   1 
HETATM 1171 O O   . HOH B 2 .   ? 0.280   2.605   13.236  1.00 23.74 ? 846 HOH A O   1 
HETATM 1172 O O   . HOH B 2 .   ? -7.189  -15.874 0.855   1.00 21.75 ? 847 HOH A O   1 
HETATM 1173 O O   . HOH B 2 .   ? -16.012 5.175   -13.601 1.00 21.23 ? 848 HOH A O   1 
HETATM 1174 O O   . HOH B 2 .   ? 16.788  3.045   -2.438  1.00 26.33 ? 849 HOH A O   1 
HETATM 1175 O O   . HOH B 2 .   ? -11.375 1.927   -18.297 1.00 26.32 ? 850 HOH A O   1 
HETATM 1176 O O   . HOH B 2 .   ? -10.871 -1.707  16.214  1.00 28.29 ? 851 HOH A O   1 
HETATM 1177 O O   . HOH B 2 .   ? -13.427 0.210   -0.211  1.00 21.67 ? 852 HOH A O   1 
HETATM 1178 O O   . HOH B 2 .   ? 0.241   4.551   11.990  1.00 24.72 ? 853 HOH A O   1 
HETATM 1179 O O   . HOH B 2 .   ? 10.347  -13.019 5.886   1.00 22.64 ? 854 HOH A O   1 
HETATM 1180 O O   . HOH B 2 .   ? 12.573  -4.321  -6.293  1.00 27.65 ? 855 HOH A O   1 
HETATM 1181 O O   . HOH B 2 .   ? -5.335  10.419  -8.023  1.00 21.76 ? 856 HOH A O   1 
HETATM 1182 O O   . HOH B 2 .   ? 0.952   5.444   -13.679 1.00 23.47 ? 857 HOH A O   1 
HETATM 1183 O O   . HOH B 2 .   ? 13.018  12.213  -1.356  1.00 17.16 ? 858 HOH A O   1 
HETATM 1184 O O   . HOH B 2 .   ? 13.299  9.837   10.426  1.00 27.33 ? 859 HOH A O   1 
HETATM 1185 O O   . HOH B 2 .   ? -5.509  -16.302 -7.685  1.00 22.63 ? 860 HOH A O   1 
HETATM 1186 O O   . HOH B 2 .   ? 1.839   -9.770  12.242  1.00 25.44 ? 861 HOH A O   1 
HETATM 1187 O O   . HOH B 2 .   ? 20.799  8.911   8.184   1.00 21.49 ? 862 HOH A O   1 
HETATM 1188 O O   . HOH B 2 .   ? -11.586 4.960   -17.022 1.00 29.06 ? 863 HOH A O   1 
HETATM 1189 O O   . HOH B 2 .   ? -16.397 4.882   -16.588 1.00 22.66 ? 864 HOH A O   1 
HETATM 1190 O O   . HOH B 2 .   ? -0.209  3.439   -15.994 1.00 25.86 ? 865 HOH A O   1 
HETATM 1191 O O   . HOH B 2 .   ? 8.528   16.290  0.213   1.00 23.77 ? 866 HOH A O   1 
HETATM 1192 O O   . HOH B 2 .   ? 6.570   6.538   -5.700  1.00 24.67 ? 867 HOH A O   1 
HETATM 1193 O O   . HOH B 2 .   ? 10.462  3.007   15.564  1.00 23.45 ? 868 HOH A O   1 
HETATM 1194 O O   . HOH B 2 .   ? 10.038  8.769   -6.638  1.00 23.05 ? 869 HOH A O   1 
HETATM 1195 O O   . HOH B 2 .   ? 18.267  0.797   11.414  1.00 27.71 ? 870 HOH A O   1 
HETATM 1196 O O   . HOH B 2 .   ? 4.811   -11.683 -6.395  1.00 27.56 ? 871 HOH A O   1 
HETATM 1197 O O   . HOH B 2 .   ? 1.055   -14.265 -8.061  1.00 35.28 ? 872 HOH A O   1 
HETATM 1198 O O   . HOH B 2 .   ? -12.768 -9.726  -8.977  1.00 29.09 ? 873 HOH A O   1 
HETATM 1199 O O   . HOH B 2 .   ? 20.810  -5.166  4.744   1.00 25.78 ? 874 HOH A O   1 
HETATM 1200 O O   . HOH B 2 .   ? 15.827  3.735   11.624  1.00 26.81 ? 875 HOH A O   1 
HETATM 1201 O O   . HOH B 2 .   ? 4.031   11.852  4.910   1.00 34.72 ? 876 HOH A O   1 
HETATM 1202 O O   . HOH B 2 .   ? 5.566   7.941   -7.812  1.00 32.72 ? 877 HOH A O   1 
HETATM 1203 O O   . HOH B 2 .   ? -4.951  12.056  -10.372 1.00 32.94 ? 878 HOH A O   1 
HETATM 1204 O O   . HOH B 2 .   ? 9.641   -4.452  -6.752  1.00 25.45 ? 879 HOH A O   1 
HETATM 1205 O O   . HOH B 2 .   ? -0.150  -9.931  -12.056 1.00 30.95 ? 880 HOH A O   1 
HETATM 1206 O O   . HOH B 2 .   ? -14.517 -6.598  -6.655  1.00 27.98 ? 881 HOH A O   1 
HETATM 1207 O O   . HOH B 2 .   ? -10.616 9.405   2.747   1.00 35.99 ? 882 HOH A O   1 
HETATM 1208 O O   . HOH B 2 .   ? 15.481  13.756  4.225   1.00 28.30 ? 883 HOH A O   1 
HETATM 1209 O O   . HOH B 2 .   ? -8.640  8.448   4.930   1.00 26.91 ? 884 HOH A O   1 
HETATM 1210 O O   . HOH B 2 .   ? 12.930  -5.946  -2.765  1.00 23.06 ? 885 HOH A O   1 
HETATM 1211 O O   . HOH B 2 .   ? -15.093 -7.967  -2.880  1.00 36.03 ? 886 HOH A O   1 
HETATM 1212 O O   . HOH B 2 .   ? 1.342   7.242   11.543  1.00 25.56 ? 887 HOH A O   1 
HETATM 1213 O O   . HOH B 2 .   ? -0.197  -11.933 -9.554  1.00 25.75 ? 888 HOH A O   1 
HETATM 1214 O O   . HOH B 2 .   ? 11.546  -2.990  17.340  1.00 28.65 ? 889 HOH A O   1 
HETATM 1215 O O   . HOH B 2 .   ? -7.356  13.710  -1.406  1.00 41.32 ? 890 HOH A O   1 
HETATM 1216 O O   . HOH B 2 .   ? -0.707  2.752   -18.492 1.00 34.01 ? 891 HOH A O   1 
HETATM 1217 O O   . HOH B 2 .   ? 18.627  -3.047  15.978  1.00 36.44 ? 892 HOH A O   1 
HETATM 1218 O O   . HOH B 2 .   ? -4.718  1.704   -19.734 1.00 32.83 ? 893 HOH A O   1 
HETATM 1219 O O   . HOH B 2 .   ? -1.744  2.622   -20.357 1.00 29.85 ? 894 HOH A O   1 
HETATM 1220 O O   . HOH B 2 .   ? 6.825   1.295   -8.740  1.00 25.65 ? 895 HOH A O   1 
HETATM 1221 O O   . HOH B 2 .   ? 19.375  6.493   -0.417  1.00 23.75 ? 896 HOH A O   1 
HETATM 1222 O O   . HOH B 2 .   ? 15.043  -1.524  -3.726  1.00 23.52 ? 897 HOH A O   1 
HETATM 1223 O O   . HOH B 2 .   ? 7.081   12.133  -6.135  1.00 32.53 ? 898 HOH A O   1 
HETATM 1224 O O   . HOH B 2 .   ? 7.444   11.797  7.722   1.00 28.45 ? 899 HOH A O   1 
HETATM 1225 O O   . HOH B 2 .   ? -6.500  -2.043  -16.807 1.00 29.72 ? 900 HOH A O   1 
HETATM 1226 O O   . HOH B 2 .   ? -11.373 6.254   10.189  1.00 43.72 ? 901 HOH A O   1 
HETATM 1227 O O   . HOH B 2 .   ? 20.929  -4.213  7.150   1.00 34.78 ? 902 HOH A O   1 
HETATM 1228 O O   . HOH B 2 .   ? -8.502  10.620  -18.364 1.00 30.94 ? 903 HOH A O   1 
HETATM 1229 O O   . HOH B 2 .   ? -6.974  14.109  -9.310  1.00 32.72 ? 904 HOH A O   1 
HETATM 1230 O O   . HOH B 2 .   ? -3.907  -1.882  15.972  1.00 32.41 ? 905 HOH A O   1 
HETATM 1231 O O   . HOH B 2 .   ? 9.550   7.752   -10.231 1.00 36.39 ? 906 HOH A O   1 
HETATM 1232 O O   . HOH B 2 .   ? -16.751 8.995   -11.833 1.00 33.91 ? 907 HOH A O   1 
HETATM 1233 O O   . HOH B 2 .   ? 7.702   13.600  5.955   1.00 39.20 ? 908 HOH A O   1 
HETATM 1234 O O   . HOH B 2 .   ? 9.681   -9.472  12.466  1.00 31.30 ? 909 HOH A O   1 
HETATM 1235 O O   . HOH B 2 .   ? 5.594   -7.324  -9.448  1.00 30.90 ? 910 HOH A O   1 
HETATM 1236 O O   . HOH B 2 .   ? -15.165 -7.459  0.009   1.00 32.34 ? 911 HOH A O   1 
HETATM 1237 O O   . HOH B 2 .   ? 14.911  11.436  -3.608  1.00 35.61 ? 912 HOH A O   1 
HETATM 1238 O O   . HOH B 2 .   ? 5.019   -7.714  14.123  1.00 31.48 ? 913 HOH A O   1 
HETATM 1239 O O   . HOH B 2 .   ? 8.738   -13.219 10.059  1.00 31.51 ? 914 HOH A O   1 
HETATM 1240 O O   . HOH B 2 .   ? -10.250 11.953  -17.127 1.00 27.97 ? 915 HOH A O   1 
HETATM 1241 O O   . HOH B 2 .   ? -6.387  15.389  -2.171  1.00 35.53 ? 916 HOH A O   1 
HETATM 1242 O O   . HOH B 2 .   ? 7.583   9.806   -7.207  1.00 37.45 ? 917 HOH A O   1 
HETATM 1243 O O   . HOH B 2 .   ? -5.780  0.059   -22.044 1.00 30.07 ? 918 HOH A O   1 
HETATM 1244 O O   . HOH B 2 .   ? -3.200  -17.319 -8.559  1.00 31.21 ? 919 HOH A O   1 
HETATM 1245 O O   . HOH B 2 .   ? 7.875   9.969   -10.109 1.00 29.65 ? 920 HOH A O   1 
HETATM 1246 O O   . HOH B 2 .   ? -17.837 7.052   -13.360 1.00 40.85 ? 921 HOH A O   1 
HETATM 1247 O O   . HOH B 2 .   ? 12.848  2.176   14.991  1.00 37.70 ? 922 HOH A O   1 
HETATM 1248 O O   . HOH B 2 .   ? -4.495  -17.951 2.209   1.00 28.55 ? 923 HOH A O   1 
HETATM 1249 O O   . HOH B 2 .   ? 2.108   1.359   -14.340 1.00 35.27 ? 924 HOH A O   1 
HETATM 1250 O O   . HOH B 2 .   ? 13.064  -1.412  16.327  1.00 31.53 ? 925 HOH A O   1 
HETATM 1251 O O   . HOH B 2 .   ? 21.777  7.597   0.620   1.00 31.64 ? 926 HOH A O   1 
HETATM 1252 O O   . HOH B 2 .   ? -13.528 2.085   10.428  1.00 37.11 ? 927 HOH A O   1 
HETATM 1253 O O   . HOH B 2 .   ? 2.624   -9.290  -12.254 1.00 33.77 ? 928 HOH A O   1 
HETATM 1254 O O   . HOH B 2 .   ? -10.605 6.555   -18.964 1.00 33.44 ? 929 HOH A O   1 
HETATM 1255 O O   . HOH B 2 .   ? -11.791 7.425   1.095   1.00 32.87 ? 930 HOH A O   1 
HETATM 1256 O O   . HOH B 2 .   ? 23.167  10.321  7.747   1.00 34.46 ? 931 HOH A O   1 
HETATM 1257 O O   . HOH B 2 .   ? 22.510  -2.191  7.319   1.00 37.37 ? 932 HOH A O   1 
HETATM 1258 O O   . HOH B 2 .   ? -1.294  -12.406 -13.784 1.00 32.47 ? 933 HOH A O   1 
HETATM 1259 O O   . HOH B 2 .   ? -14.718 1.972   1.821   1.00 32.15 ? 934 HOH A O   1 
HETATM 1260 O O   . HOH B 2 .   ? 24.008  6.397   0.956   1.00 29.57 ? 935 HOH A O   1 
HETATM 1261 O O   . HOH B 2 .   ? -11.211 -4.067  12.614  1.00 38.34 ? 936 HOH A O   1 
HETATM 1262 O O   . HOH B 2 .   ? 5.737   3.791   -8.308  1.00 31.33 ? 937 HOH A O   1 
HETATM 1263 O O   . HOH B 2 .   ? -17.219 6.249   -4.904  1.00 37.19 ? 938 HOH A O   1 
HETATM 1264 O O   . HOH B 2 .   ? 0.029   -7.913  12.543  1.00 34.56 ? 939 HOH A O   1 
HETATM 1265 O O   . HOH B 2 .   ? 11.109  -11.659 9.884   1.00 29.18 ? 940 HOH A O   1 
HETATM 1266 O O   . HOH B 2 .   ? 5.835   7.020   12.993  1.00 35.23 ? 941 HOH A O   1 
HETATM 1267 O O   . HOH B 2 .   ? 15.884  1.743   12.902  1.00 35.95 ? 942 HOH A O   1 
HETATM 1268 O O   . HOH B 2 .   ? -1.009  10.616  9.124   1.00 36.03 ? 943 HOH A O   1 
HETATM 1269 O O   . HOH B 2 .   ? 5.073   -13.061 -8.669  1.00 40.46 ? 944 HOH A O   1 
HETATM 1270 O O   . HOH B 2 .   ? 16.384  -10.158 7.231   1.00 40.56 ? 945 HOH A O   1 
HETATM 1271 O O   . HOH B 2 .   ? -8.429  -12.515 8.294   1.00 37.27 ? 946 HOH A O   1 
HETATM 1272 O O   . HOH B 2 .   ? 0.604   -20.993 -1.882  1.00 37.29 ? 947 HOH A O   1 
HETATM 1273 O O   . HOH B 2 .   ? 0.311   -1.056  15.493  0.50 32.28 ? 948 HOH A O   1 
HETATM 1274 O O   . HOH B 2 .   ? 19.205  -7.598  5.067   1.00 36.75 ? 949 HOH A O   1 
HETATM 1275 O O   . HOH B 2 .   ? 2.167   -0.613  -13.460 1.00 43.36 ? 950 HOH A O   1 
HETATM 1276 O O   . HOH B 2 .   ? -3.289  -6.166  16.309  1.00 42.50 ? 951 HOH A O   1 
HETATM 1277 O O   . HOH B 2 .   ? -17.231 -1.955  6.876   1.00 27.42 ? 952 HOH A O   1 
HETATM 1278 O O   . HOH B 2 .   ? -4.627  5.040   9.239   1.00 27.64 ? 953 HOH A O   1 
HETATM 1279 O O   . HOH B 2 .   ? -16.624 -0.467  -6.869  1.00 23.58 ? 954 HOH A O   1 
HETATM 1280 O O   . HOH B 2 .   ? -13.826 7.552   -5.293  1.00 29.25 ? 955 HOH A O   1 
HETATM 1281 O O   . HOH B 2 .   ? -6.474  -12.999 8.258   1.00 34.52 ? 956 HOH A O   1 
HETATM 1282 O O   . HOH B 2 .   ? 4.467   6.260   -9.584  1.00 37.92 ? 957 HOH A O   1 
HETATM 1283 O O   . HOH B 2 .   ? 5.011   5.578   -7.395  1.00 38.71 ? 958 HOH A O   1 
HETATM 1284 O O   . HOH B 2 .   ? -7.476  1.653   -23.261 1.00 29.48 ? 959 HOH A O   1 
HETATM 1285 O O   . HOH B 2 .   ? 11.386  11.468  10.286  1.00 33.77 ? 960 HOH A O   1 
HETATM 1286 O O   . HOH B 2 .   ? -10.831 8.588   -2.240  1.00 39.00 ? 961 HOH A O   1 
HETATM 1287 O O   . HOH B 2 .   ? 9.360   -4.752  -9.108  1.00 41.02 ? 962 HOH A O   1 
HETATM 1288 O O   . HOH B 2 .   ? 6.051   4.862   15.012  1.00 33.77 ? 963 HOH A O   1 
HETATM 1289 O O   . HOH B 2 .   ? 11.143  13.954  5.167   1.00 35.43 ? 964 HOH A O   1 
HETATM 1290 O O   . HOH B 2 .   ? -7.476  -1.621  -20.170 1.00 36.55 ? 965 HOH A O   1 
HETATM 1291 O O   . HOH B 2 .   ? -18.421 -3.607  7.657   1.00 40.36 ? 966 HOH A O   1 
HETATM 1292 O O   . HOH B 2 .   ? 15.195  -12.812 12.937  1.00 34.37 ? 967 HOH A O   1 
HETATM 1293 O O   . HOH B 2 .   ? 12.716  8.551   12.676  1.00 31.53 ? 968 HOH A O   1 
HETATM 1294 O O   . HOH B 2 .   ? -3.245  -0.449  -19.423 1.00 35.41 ? 969 HOH A O   1 
HETATM 1295 O O   . HOH B 2 .   ? 22.609  12.452  3.490   1.00 35.19 ? 970 HOH A O   1 
HETATM 1296 O O   . HOH B 2 .   ? 8.557   10.475  10.028  1.00 40.40 ? 971 HOH A O   1 
HETATM 1297 O O   . HOH B 2 .   ? -3.916  13.688  -11.625 1.00 37.64 ? 972 HOH A O   1 
HETATM 1298 O O   . HOH B 2 .   ? 16.658  1.193   15.836  1.00 39.76 ? 973 HOH A O   1 
HETATM 1299 O O   . HOH B 2 .   ? 16.796  13.064  -3.081  1.00 37.26 ? 974 HOH A O   1 
HETATM 1300 O O   . HOH B 2 .   ? 14.382  6.724   13.628  1.00 38.19 ? 975 HOH A O   1 
HETATM 1301 O O   . HOH B 2 .   ? -10.636 -8.161  12.607  1.00 40.83 ? 976 HOH A O   1 
HETATM 1302 O O   . HOH B 2 .   ? 22.077  12.795  6.441   1.00 36.11 ? 977 HOH A O   1 
HETATM 1303 O O   . HOH B 2 .   ? -15.930 -8.942  3.796   1.00 44.98 ? 978 HOH A O   1 
HETATM 1304 O O   . HOH B 2 .   ? 19.502  13.700  7.978   1.00 40.60 ? 979 HOH A O   1 
HETATM 1305 O O   . HOH B 2 .   ? 3.235   3.460   -13.026 1.00 42.32 ? 980 HOH A O   1 
HETATM 1306 O O   . HOH B 2 .   ? 15.571  -14.050 11.594  1.00 43.13 ? 981 HOH A O   1 
HETATM 1307 O O   . HOH B 2 .   ? -10.526 -10.555 -1.821  1.00 28.60 ? 982 HOH A O   1 
HETATM 1308 O O   . HOH B 2 .   ? 23.305  10.660  2.321   1.00 38.11 ? 983 HOH A O   1 
HETATM 1309 O O   . HOH B 2 .   ? -5.444  16.563  -11.491 1.00 38.74 ? 984 HOH A O   1 
HETATM 1310 O O   . HOH B 2 .   ? -9.770  11.244  0.229   1.00 37.34 ? 985 HOH A O   1 
HETATM 1311 O O   . HOH B 2 .   ? -13.752 -10.746 -0.402  1.00 40.75 ? 986 HOH A O   1 
HETATM 1312 O O   . HOH B 2 .   ? -15.424 -4.756  -8.216  1.00 36.18 ? 987 HOH A O   1 
HETATM 1313 O O   . HOH B 2 .   ? -13.046 -10.257 -2.838  1.00 35.37 ? 988 HOH A O   1 
HETATM 1314 O O   . HOH B 2 .   ? 16.746  -8.844  12.823  1.00 40.15 ? 989 HOH A O   1 
HETATM 1315 O O   . HOH B 2 .   ? -5.457  14.522  -13.943 1.00 41.69 ? 990 HOH A O   1 
# 
